data_5SWE
# 
_entry.id   5SWE 
# 
_audit_conform.dict_name       mmcif_pdbx.dic 
_audit_conform.dict_version    5.379 
_audit_conform.dict_location   http://mmcif.pdb.org/dictionaries/ascii/mmcif_pdbx.dic 
# 
loop_
_database_2.database_id 
_database_2.database_code 
_database_2.pdbx_database_accession 
_database_2.pdbx_DOI 
PDB   5SWE         pdb_00005swe 10.2210/pdb5swe/pdb 
WWPDB D_1000223255 ?            ?                   
# 
loop_
_pdbx_database_related.db_name 
_pdbx_database_related.details 
_pdbx_database_related.db_id 
_pdbx_database_related.content_type 
PDB '5E54 contains the same RNA in the ligand-free state' 5E54 unspecified 
PDB .                                                     5SWD unspecified 
# 
_pdbx_database_status.status_code                     REL 
_pdbx_database_status.status_code_sf                  REL 
_pdbx_database_status.status_code_mr                  ? 
_pdbx_database_status.entry_id                        5SWE 
_pdbx_database_status.recvd_initial_deposition_date   2016-08-08 
_pdbx_database_status.SG_entry                        N 
_pdbx_database_status.deposit_site                    RCSB 
_pdbx_database_status.process_site                    RCSB 
_pdbx_database_status.status_code_cs                  ? 
_pdbx_database_status.methods_development_category    ? 
_pdbx_database_status.pdb_format_compatible           Y 
_pdbx_database_status.status_code_nmr_data            ? 
# 
loop_
_audit_author.name 
_audit_author.pdbx_ordinal 
_audit_author.identifier_ORCID 
'Stagno, J.R.'   1  ?                   
'Wang, Y.-X.'    2  ?                   
'Liu, Y.'        3  ?                   
'Bhandari, Y.R.' 4  ?                   
'Conrad, C.E.'   5  ?                   
'Nelson, G.'     6  ?                   
'Li, C.'         7  ?                   
'Wendel, D.R.'   8  ?                   
'White, T.A.'    9  ?                   
'Barty, A.'      10 ?                   
'Tuckey, R.A.'   11 ?                   
'Zatsepin, N.A.' 12 ?                   
'Grant, T.D.'    13 ?                   
'Fromme, P.'     14 ?                   
'Tan, K.'        15 ?                   
'Ji, X.'         16 0000-0001-6942-1514 
'Spence, J.C.H.' 17 ?                   
# 
_citation.abstract                  ? 
_citation.abstract_id_CAS           ? 
_citation.book_id_ISBN              ? 
_citation.book_publisher            ? 
_citation.book_publisher_city       ? 
_citation.book_title                ? 
_citation.coordinate_linkage        ? 
_citation.country                   UK 
_citation.database_id_Medline       ? 
_citation.details                   ? 
_citation.id                        primary 
_citation.journal_abbrev            Nature 
_citation.journal_id_ASTM           NATUAS 
_citation.journal_id_CSD            0006 
_citation.journal_id_ISSN           1476-4687 
_citation.journal_full              ? 
_citation.journal_issue             ? 
_citation.journal_volume            541 
_citation.language                  ? 
_citation.page_first                242 
_citation.page_last                 246 
_citation.title                     'Structures of riboswitch RNA reaction states by mix-and-inject XFEL serial crystallography.' 
_citation.year                      2017 
_citation.database_id_CSD           ? 
_citation.pdbx_database_id_DOI      10.1038/nature20599 
_citation.pdbx_database_id_PubMed   27841871 
_citation.unpublished_flag          ? 
# 
loop_
_citation_author.citation_id 
_citation_author.name 
_citation_author.ordinal 
_citation_author.identifier_ORCID 
primary 'Stagno, J.R.'        1  ?                   
primary 'Liu, Y.'             2  ?                   
primary 'Bhandari, Y.R.'      3  ?                   
primary 'Conrad, C.E.'        4  ?                   
primary 'Panja, S.'           5  ?                   
primary 'Swain, M.'           6  ?                   
primary 'Fan, L.'             7  ?                   
primary 'Nelson, G.'          8  ?                   
primary 'Li, C.'              9  ?                   
primary 'Wendel, D.R.'        10 ?                   
primary 'White, T.A.'         11 ?                   
primary 'Coe, J.D.'           12 ?                   
primary 'Wiedorn, M.O.'       13 ?                   
primary 'Knoska, J.'          14 ?                   
primary 'Oberthuer, D.'       15 ?                   
primary 'Tuckey, R.A.'        16 ?                   
primary 'Yu, P.'              17 ?                   
primary 'Dyba, M.'            18 ?                   
primary 'Tarasov, S.G.'       19 ?                   
primary 'Weierstall, U.'      20 ?                   
primary 'Grant, T.D.'         21 ?                   
primary 'Schwieters, C.D.'    22 ?                   
primary 'Zhang, J.'           23 ?                   
primary 
;Ferre-D'Amare, A.R.
;
24 ?                   
primary 'Fromme, P.'          25 ?                   
primary 'Draper, D.E.'        26 ?                   
primary 'Liang, M.'           27 ?                   
primary 'Hunter, M.S.'        28 ?                   
primary 'Boutet, S.'          29 ?                   
primary 'Tan, K.'             30 ?                   
primary 'Zuo, X.'             31 ?                   
primary 'Ji, X.'              32 0000-0001-6942-1514 
primary 'Barty, A.'           33 ?                   
primary 'Zatsepin, N.A.'      34 ?                   
primary 'Chapman, H.N.'       35 ?                   
primary 'Spence, J.C.'        36 ?                   
primary 'Woodson, S.A.'       37 ?                   
primary 'Wang, Y.X.'          38 ?                   
# 
_cell.length_a           49.900 
_cell.length_b           154.900 
_cell.length_c           25.200 
_cell.angle_alpha        90.000 
_cell.angle_beta         90.000 
_cell.angle_gamma        90.000 
_cell.entry_id           5SWE 
_cell.Z_PDB              4 
_cell.pdbx_unique_axis   ? 
# 
_symmetry.space_group_name_H-M             'P 21 21 2' 
_symmetry.entry_id                         5SWE 
_symmetry.pdbx_full_space_group_name_H-M   ? 
_symmetry.cell_setting                     ? 
_symmetry.Int_Tables_number                18 
# 
loop_
_entity.id 
_entity.type 
_entity.src_method 
_entity.pdbx_description 
_entity.formula_weight 
_entity.pdbx_number_of_molecules 
_entity.pdbx_ec 
_entity.pdbx_mutation 
_entity.pdbx_fragment 
_entity.details 
1 polymer     syn 'Vibrio vulnificus strain 93U204 chromosome II, adenine riboswitch aptamer domain' 22687.383 1 ? ? ? ? 
2 non-polymer syn ADENINE                                                                            135.127   1 ? ? ? ? 
# 
_entity_poly.entity_id                      1 
_entity_poly.type                           polyribonucleotide 
_entity_poly.nstd_linkage                   no 
_entity_poly.nstd_monomer                   no 
_entity_poly.pdbx_seq_one_letter_code       GGGAAGAUAUAAUCCUAAUGAUAUGGUUUGGGAGUUUCUACCAAGAGCCUUAAACUCUUGAUUAUCUUCCC 
_entity_poly.pdbx_seq_one_letter_code_can   GGGAAGAUAUAAUCCUAAUGAUAUGGUUUGGGAGUUUCUACCAAGAGCCUUAAACUCUUGAUUAUCUUCCC 
_entity_poly.pdbx_strand_id                 X 
_entity_poly.pdbx_target_identifier         ? 
# 
loop_
_entity_poly_seq.entity_id 
_entity_poly_seq.num 
_entity_poly_seq.mon_id 
_entity_poly_seq.hetero 
1 1  G n 
1 2  G n 
1 3  G n 
1 4  A n 
1 5  A n 
1 6  G n 
1 7  A n 
1 8  U n 
1 9  A n 
1 10 U n 
1 11 A n 
1 12 A n 
1 13 U n 
1 14 C n 
1 15 C n 
1 16 U n 
1 17 A n 
1 18 A n 
1 19 U n 
1 20 G n 
1 21 A n 
1 22 U n 
1 23 A n 
1 24 U n 
1 25 G n 
1 26 G n 
1 27 U n 
1 28 U n 
1 29 U n 
1 30 G n 
1 31 G n 
1 32 G n 
1 33 A n 
1 34 G n 
1 35 U n 
1 36 U n 
1 37 U n 
1 38 C n 
1 39 U n 
1 40 A n 
1 41 C n 
1 42 C n 
1 43 A n 
1 44 A n 
1 45 G n 
1 46 A n 
1 47 G n 
1 48 C n 
1 49 C n 
1 50 U n 
1 51 U n 
1 52 A n 
1 53 A n 
1 54 A n 
1 55 C n 
1 56 U n 
1 57 C n 
1 58 U n 
1 59 U n 
1 60 G n 
1 61 A n 
1 62 U n 
1 63 U n 
1 64 A n 
1 65 U n 
1 66 C n 
1 67 U n 
1 68 U n 
1 69 C n 
1 70 C n 
1 71 C n 
# 
_pdbx_entity_src_syn.entity_id              1 
_pdbx_entity_src_syn.pdbx_src_id            1 
_pdbx_entity_src_syn.pdbx_alt_source_flag   sample 
_pdbx_entity_src_syn.pdbx_beg_seq_num       1 
_pdbx_entity_src_syn.pdbx_end_seq_num       71 
_pdbx_entity_src_syn.organism_scientific    'Vibrio vulnificus' 
_pdbx_entity_src_syn.organism_common_name   ? 
_pdbx_entity_src_syn.ncbi_taxonomy_id       672 
_pdbx_entity_src_syn.details                ? 
# 
_struct_ref.id                         1 
_struct_ref.db_name                    PDB 
_struct_ref.db_code                    5SWE 
_struct_ref.pdbx_db_accession          5SWE 
_struct_ref.pdbx_db_isoform            ? 
_struct_ref.entity_id                  1 
_struct_ref.pdbx_seq_one_letter_code   ? 
_struct_ref.pdbx_align_begin           1 
# 
_struct_ref_seq.align_id                      1 
_struct_ref_seq.ref_id                        1 
_struct_ref_seq.pdbx_PDB_id_code              5SWE 
_struct_ref_seq.pdbx_strand_id                X 
_struct_ref_seq.seq_align_beg                 1 
_struct_ref_seq.pdbx_seq_align_beg_ins_code   ? 
_struct_ref_seq.seq_align_end                 71 
_struct_ref_seq.pdbx_seq_align_end_ins_code   ? 
_struct_ref_seq.pdbx_db_accession             5SWE 
_struct_ref_seq.db_align_beg                  13 
_struct_ref_seq.pdbx_db_align_beg_ins_code    ? 
_struct_ref_seq.db_align_end                  83 
_struct_ref_seq.pdbx_db_align_end_ins_code    ? 
_struct_ref_seq.pdbx_auth_seq_align_beg       13 
_struct_ref_seq.pdbx_auth_seq_align_end       83 
# 
loop_
_chem_comp.id 
_chem_comp.type 
_chem_comp.mon_nstd_flag 
_chem_comp.name 
_chem_comp.pdbx_synonyms 
_chem_comp.formula 
_chem_comp.formula_weight 
A   'RNA linking' y "ADENOSINE-5'-MONOPHOSPHATE" ? 'C10 H14 N5 O7 P' 347.221 
ADE non-polymer   . ADENINE                      ? 'C5 H5 N5'        135.127 
C   'RNA linking' y "CYTIDINE-5'-MONOPHOSPHATE"  ? 'C9 H14 N3 O8 P'  323.197 
G   'RNA linking' y "GUANOSINE-5'-MONOPHOSPHATE" ? 'C10 H14 N5 O8 P' 363.221 
U   'RNA linking' y "URIDINE-5'-MONOPHOSPHATE"   ? 'C9 H13 N2 O9 P'  324.181 
# 
_exptl.absorpt_coefficient_mu     ? 
_exptl.absorpt_correction_T_max   ? 
_exptl.absorpt_correction_T_min   ? 
_exptl.absorpt_correction_type    ? 
_exptl.absorpt_process_details    ? 
_exptl.entry_id                   5SWE 
_exptl.crystals_number            1 
_exptl.details                    ? 
_exptl.method                     'X-RAY DIFFRACTION' 
_exptl.method_details             ? 
# 
_exptl_crystal.colour                      ? 
_exptl_crystal.density_diffrn              ? 
_exptl_crystal.density_Matthews            2.15 
_exptl_crystal.density_method              ? 
_exptl_crystal.density_percent_sol         42.69 
_exptl_crystal.description                 ? 
_exptl_crystal.F_000                       ? 
_exptl_crystal.id                          1 
_exptl_crystal.preparation                 ? 
_exptl_crystal.size_max                    ? 
_exptl_crystal.size_mid                    ? 
_exptl_crystal.size_min                    ? 
_exptl_crystal.size_rad                    ? 
_exptl_crystal.colour_lustre               ? 
_exptl_crystal.colour_modifier             ? 
_exptl_crystal.colour_primary              ? 
_exptl_crystal.density_meas                ? 
_exptl_crystal.density_meas_esd            ? 
_exptl_crystal.density_meas_gt             ? 
_exptl_crystal.density_meas_lt             ? 
_exptl_crystal.density_meas_temp           ? 
_exptl_crystal.density_meas_temp_esd       ? 
_exptl_crystal.density_meas_temp_gt        ? 
_exptl_crystal.density_meas_temp_lt        ? 
_exptl_crystal.pdbx_crystal_image_url      ? 
_exptl_crystal.pdbx_crystal_image_format   ? 
_exptl_crystal.pdbx_mosaicity              ? 
_exptl_crystal.pdbx_mosaicity_esd          ? 
# 
_exptl_crystal_grow.apparatus       ? 
_exptl_crystal_grow.atmosphere      ? 
_exptl_crystal_grow.crystal_id      1 
_exptl_crystal_grow.details         ? 
_exptl_crystal_grow.method          'BATCH MODE' 
_exptl_crystal_grow.method_ref      ? 
_exptl_crystal_grow.pH              6.5 
_exptl_crystal_grow.pressure        ? 
_exptl_crystal_grow.pressure_esd    ? 
_exptl_crystal_grow.seeding         ? 
_exptl_crystal_grow.seeding_ref     ? 
_exptl_crystal_grow.temp            295 
_exptl_crystal_grow.temp_details    ? 
_exptl_crystal_grow.temp_esd        ? 
_exptl_crystal_grow.time            ? 
_exptl_crystal_grow.pdbx_details    
;40 mM sodium cacodylate, pH 6.5, 80 mM potassium chloride, 100 mM magnesium chloride, 12 mM spermine tetrahydrochloride, 65% v/v (+/-)-2-methyl-2,4-pentanediol
;
_exptl_crystal_grow.pdbx_pH_range   ? 
# 
_diffrn.ambient_environment    ? 
_diffrn.ambient_temp           295 
_diffrn.ambient_temp_details   ? 
_diffrn.ambient_temp_esd       ? 
_diffrn.crystal_id             1 
_diffrn.crystal_support        ? 
_diffrn.crystal_treatment      ? 
_diffrn.details                ? 
_diffrn.id                     1 
_diffrn.ambient_pressure       ? 
_diffrn.ambient_pressure_esd   ? 
_diffrn.ambient_pressure_gt    ? 
_diffrn.ambient_pressure_lt    ? 
_diffrn.ambient_temp_gt        ? 
_diffrn.ambient_temp_lt        ? 
# 
_diffrn_detector.details                      ? 
_diffrn_detector.detector                     PIXEL 
_diffrn_detector.diffrn_id                    1 
_diffrn_detector.type                         'CS-PAD CXI-1' 
_diffrn_detector.area_resol_mean              ? 
_diffrn_detector.dtime                        ? 
_diffrn_detector.pdbx_frames_total            ? 
_diffrn_detector.pdbx_collection_time_total   ? 
_diffrn_detector.pdbx_collection_date         2016-06-14 
# 
_diffrn_radiation.collimation                      ? 
_diffrn_radiation.diffrn_id                        1 
_diffrn_radiation.filter_edge                      ? 
_diffrn_radiation.inhomogeneity                    ? 
_diffrn_radiation.monochromator                    'KB mirror' 
_diffrn_radiation.polarisn_norm                    ? 
_diffrn_radiation.polarisn_ratio                   ? 
_diffrn_radiation.probe                            ? 
_diffrn_radiation.type                             ? 
_diffrn_radiation.xray_symbol                      ? 
_diffrn_radiation.wavelength_id                    1 
_diffrn_radiation.pdbx_monochromatic_or_laue_m_l   M 
_diffrn_radiation.pdbx_wavelength_list             ? 
_diffrn_radiation.pdbx_wavelength                  ? 
_diffrn_radiation.pdbx_diffrn_protocol             'SINGLE WAVELENGTH' 
_diffrn_radiation.pdbx_analyzer                    ? 
_diffrn_radiation.pdbx_scattering_type             x-ray 
# 
_diffrn_radiation_wavelength.id           1 
_diffrn_radiation_wavelength.wavelength   1.3 
_diffrn_radiation_wavelength.wt           1.0 
# 
_diffrn_source.current                     ? 
_diffrn_source.details                     ? 
_diffrn_source.diffrn_id                   1 
_diffrn_source.power                       ? 
_diffrn_source.size                        ? 
_diffrn_source.source                      'FREE ELECTRON LASER' 
_diffrn_source.target                      ? 
_diffrn_source.type                        'SLAC LCLS BEAMLINE CXI' 
_diffrn_source.voltage                     ? 
_diffrn_source.take-off_angle              ? 
_diffrn_source.pdbx_wavelength_list        1.3 
_diffrn_source.pdbx_wavelength             ? 
_diffrn_source.pdbx_synchrotron_beamline   CXI 
_diffrn_source.pdbx_synchrotron_site       'SLAC LCLS' 
# 
_reflns.B_iso_Wilson_estimate            66.4 
_reflns.entry_id                         5SWE 
_reflns.data_reduction_details           ? 
_reflns.data_reduction_method            ? 
_reflns.d_resolution_high                3.0 
_reflns.d_resolution_low                 26.32 
_reflns.details                          ? 
_reflns.limit_h_max                      ? 
_reflns.limit_h_min                      ? 
_reflns.limit_k_max                      ? 
_reflns.limit_k_min                      ? 
_reflns.limit_l_max                      ? 
_reflns.limit_l_min                      ? 
_reflns.number_all                       ? 
_reflns.number_obs                       4115 
_reflns.observed_criterion               ? 
_reflns.observed_criterion_F_max         ? 
_reflns.observed_criterion_F_min         ? 
_reflns.observed_criterion_I_max         ? 
_reflns.observed_criterion_I_min         ? 
_reflns.observed_criterion_sigma_F       ? 
_reflns.observed_criterion_sigma_I       ? 
_reflns.percent_possible_obs             95 
_reflns.R_free_details                   ? 
_reflns.Rmerge_F_all                     ? 
_reflns.Rmerge_F_obs                     ? 
_reflns.Friedel_coverage                 ? 
_reflns.number_gt                        ? 
_reflns.threshold_expression             ? 
_reflns.pdbx_redundancy                  20.3 
_reflns.pdbx_Rmerge_I_obs                ? 
_reflns.pdbx_Rmerge_I_all                ? 
_reflns.pdbx_Rsym_value                  ? 
_reflns.pdbx_netI_over_av_sigmaI         ? 
_reflns.pdbx_netI_over_sigmaI            1.37 
_reflns.pdbx_res_netI_over_av_sigmaI_2   ? 
_reflns.pdbx_res_netI_over_sigmaI_2      ? 
_reflns.pdbx_chi_squared                 ? 
_reflns.pdbx_scaling_rejects             ? 
_reflns.pdbx_d_res_high_opt              ? 
_reflns.pdbx_d_res_low_opt               ? 
_reflns.pdbx_d_res_opt_method            ? 
_reflns.phase_calculation_details        ? 
_reflns.pdbx_Rrim_I_all                  ? 
_reflns.pdbx_Rpim_I_all                  ? 
_reflns.pdbx_d_opt                       ? 
_reflns.pdbx_number_measured_all         ? 
_reflns.pdbx_diffrn_id                   1 
_reflns.pdbx_ordinal                     1 
_reflns.pdbx_CC_half                     ? 
_reflns.pdbx_R_split                     0.6689 
# 
_reflns_shell.d_res_high                  3.00 
_reflns_shell.d_res_low                   3.31 
_reflns_shell.meanI_over_sigI_all         ? 
_reflns_shell.meanI_over_sigI_obs         ? 
_reflns_shell.number_measured_all         ? 
_reflns_shell.number_measured_obs         ? 
_reflns_shell.number_possible             ? 
_reflns_shell.number_unique_all           945 
_reflns_shell.number_unique_obs           ? 
_reflns_shell.percent_possible_all        87 
_reflns_shell.percent_possible_obs        ? 
_reflns_shell.Rmerge_F_all                ? 
_reflns_shell.Rmerge_F_obs                ? 
_reflns_shell.Rmerge_I_all                ? 
_reflns_shell.Rmerge_I_obs                ? 
_reflns_shell.meanI_over_sigI_gt          ? 
_reflns_shell.meanI_over_uI_all           ? 
_reflns_shell.meanI_over_uI_gt            ? 
_reflns_shell.number_measured_gt          ? 
_reflns_shell.number_unique_gt            ? 
_reflns_shell.percent_possible_gt         ? 
_reflns_shell.Rmerge_F_gt                 ? 
_reflns_shell.Rmerge_I_gt                 ? 
_reflns_shell.pdbx_redundancy             13 
_reflns_shell.pdbx_Rsym_value             ? 
_reflns_shell.pdbx_chi_squared            ? 
_reflns_shell.pdbx_netI_over_sigmaI_all   ? 
_reflns_shell.pdbx_netI_over_sigmaI_obs   ? 
_reflns_shell.pdbx_Rrim_I_all             ? 
_reflns_shell.pdbx_Rpim_I_all             ? 
_reflns_shell.pdbx_rejects                ? 
_reflns_shell.pdbx_ordinal                1 
_reflns_shell.pdbx_diffrn_id              1 
_reflns_shell.pdbx_CC_half                ? 
_reflns_shell.pdbx_R_split                1.0157 
# 
_refine.entry_id                                 5SWE 
_refine.pdbx_refine_id                           'X-RAY DIFFRACTION' 
_refine.ls_d_res_high                            3.0000 
_refine.ls_d_res_low                             26.3200 
_refine.pdbx_ls_sigma_F                          0.000 
_refine.pdbx_data_cutoff_high_absF               ? 
_refine.pdbx_data_cutoff_low_absF                ? 
_refine.ls_percent_reflns_obs                    94.9300 
_refine.ls_number_reflns_obs                     3919 
_refine.ls_number_reflns_all                     ? 
_refine.pdbx_ls_cross_valid_method               THROUGHOUT 
_refine.ls_matrix_type                           ? 
_refine.pdbx_R_Free_selection_details            RANDOM 
_refine.details                                  
'HYDROGENS HAVE BEEN USED IF PRESENT IN THE INPUT U VALUES      : REFINED INDIVIDUALLY' 
_refine.ls_R_factor_all                          ? 
_refine.ls_R_factor_obs                          0.3503 
_refine.ls_R_factor_R_work                       0.3489 
_refine.ls_wR_factor_R_work                      0.2176 
_refine.ls_R_factor_R_free                       0.3790 
_refine.ls_wR_factor_R_free                      0.2579 
_refine.ls_percent_reflns_R_free                 4.8000 
_refine.ls_number_reflns_R_free                  196 
_refine.ls_number_reflns_R_work                  ? 
_refine.ls_R_factor_R_free_error                 ? 
_refine.B_iso_mean                               58.0620 
_refine.solvent_model_param_bsol                 ? 
_refine.solvent_model_param_ksol                 ? 
_refine.pdbx_isotropic_thermal_model             ? 
_refine.aniso_B[1][1]                            4.3200 
_refine.aniso_B[2][2]                            -2.9100 
_refine.aniso_B[3][3]                            -1.4100 
_refine.aniso_B[1][2]                            0.0000 
_refine.aniso_B[1][3]                            -0.0000 
_refine.aniso_B[2][3]                            0.0000 
_refine.correlation_coeff_Fo_to_Fc               0.8360 
_refine.correlation_coeff_Fo_to_Fc_free          0.7180 
_refine.overall_SU_R_Cruickshank_DPI             0.6685 
_refine.pdbx_overall_SU_R_free_Cruickshank_DPI   ? 
_refine.pdbx_overall_SU_R_Blow_DPI               ? 
_refine.pdbx_overall_SU_R_free_Blow_DPI          ? 
_refine.overall_SU_R_free                        0.2762 
_refine.pdbx_overall_ESU_R                       ? 
_refine.pdbx_overall_ESU_R_Free                  0.7300 
_refine.overall_SU_ML                            1.4890 
_refine.overall_SU_B                             79.0470 
_refine.solvent_model_details                    MASK 
_refine.pdbx_solvent_vdw_probe_radii             1.2000 
_refine.pdbx_solvent_ion_probe_radii             0.8000 
_refine.pdbx_solvent_shrinkage_radii             0.8000 
_refine.ls_number_parameters                     ? 
_refine.ls_number_restraints                     ? 
_refine.pdbx_starting_model                      4TZX 
_refine.pdbx_method_to_determine_struct          'MOLECULAR REPLACEMENT' 
_refine.pdbx_stereochemistry_target_values       'MAXIMUM LIKELIHOOD' 
_refine.pdbx_stereochem_target_val_spec_case     ? 
_refine.overall_FOM_work_R_set                   0.6535 
_refine.B_iso_max                                166.850 
_refine.B_iso_min                                30.140 
_refine.pdbx_overall_phase_error                 ? 
_refine.occupancy_max                            ? 
_refine.occupancy_min                            ? 
_refine.pdbx_diffrn_id                           1 
_refine.pdbx_TLS_residual_ADP_flag               ? 
_refine.pdbx_ls_sigma_I                          ? 
_refine.pdbx_data_cutoff_high_rms_absF           ? 
_refine.ls_R_factor_R_free_error_details         ? 
# 
_refine_hist.cycle_id                         final 
_refine_hist.pdbx_refine_id                   'X-RAY DIFFRACTION' 
_refine_hist.d_res_high                       3.0000 
_refine_hist.d_res_low                        26.3200 
_refine_hist.pdbx_number_atoms_ligand         10 
_refine_hist.number_atoms_solvent             0 
_refine_hist.number_atoms_total               1512 
_refine_hist.pdbx_number_residues_total       71 
_refine_hist.pdbx_B_iso_mean_ligand           63.22 
_refine_hist.pdbx_number_atoms_protein        0 
_refine_hist.pdbx_number_atoms_nucleic_acid   1502 
# 
loop_
_refine_ls_restr.pdbx_refine_id 
_refine_ls_restr.type 
_refine_ls_restr.number 
_refine_ls_restr.dev_ideal 
_refine_ls_restr.dev_ideal_target 
_refine_ls_restr.weight 
_refine_ls_restr.pdbx_restraint_function 
'X-RAY DIFFRACTION' r_bond_refined_d     1688 0.003 0.011 ? ? 
'X-RAY DIFFRACTION' r_angle_refined_deg  2623 0.856 1.302 ? ? 
'X-RAY DIFFRACTION' r_chiral_restr       284  0.070 0.200 ? ? 
'X-RAY DIFFRACTION' r_gen_planes_refined 731  0.004 0.020 ? ? 
'X-RAY DIFFRACTION' r_scbond_it          1688 1.910 5.804 ? ? 
# 
_refine_ls_shell.d_res_high                       3.0000 
_refine_ls_shell.d_res_low                        3.0770 
_refine_ls_shell.pdbx_total_number_of_bins_used   20 
_refine_ls_shell.percent_reflns_obs               75.7200 
_refine_ls_shell.number_reflns_R_work             230 
_refine_ls_shell.R_factor_all                     ? 
_refine_ls_shell.R_factor_R_work                  0.4210 
_refine_ls_shell.R_factor_R_free                  0.4070 
_refine_ls_shell.percent_reflns_R_free            ? 
_refine_ls_shell.number_reflns_R_free             7 
_refine_ls_shell.R_factor_R_free_error            ? 
_refine_ls_shell.number_reflns_all                237 
_refine_ls_shell.number_reflns_obs                ? 
_refine_ls_shell.pdbx_refine_id                   'X-RAY DIFFRACTION' 
_refine_ls_shell.R_factor_obs                     ? 
# 
_struct.entry_id                     5SWE 
_struct.title                        
;Ligand-bound structure of adenine riboswitch aptamer domain converted in crystal from its ligand-free state using ligand mixing serial femtosecond crystallography
;
_struct.pdbx_model_details           ? 
_struct.pdbx_formula_weight          ? 
_struct.pdbx_formula_weight_method   ? 
_struct.pdbx_model_type_details      ? 
_struct.pdbx_CASP_flag               N 
# 
_struct_keywords.entry_id        5SWE 
_struct_keywords.text            
'adenine riboswitch, purine riboswitch, ligand mixing, RNA, gene regulation, X-ray free electron laser' 
_struct_keywords.pdbx_keywords   RNA 
# 
loop_
_struct_asym.id 
_struct_asym.pdbx_blank_PDB_chainid_flag 
_struct_asym.pdbx_modified 
_struct_asym.entity_id 
_struct_asym.details 
A N N 1 ? 
B N N 2 ? 
# 
loop_
_struct_conn.id 
_struct_conn.conn_type_id 
_struct_conn.pdbx_leaving_atom_flag 
_struct_conn.pdbx_PDB_id 
_struct_conn.ptnr1_label_asym_id 
_struct_conn.ptnr1_label_comp_id 
_struct_conn.ptnr1_label_seq_id 
_struct_conn.ptnr1_label_atom_id 
_struct_conn.pdbx_ptnr1_label_alt_id 
_struct_conn.pdbx_ptnr1_PDB_ins_code 
_struct_conn.pdbx_ptnr1_standard_comp_id 
_struct_conn.ptnr1_symmetry 
_struct_conn.ptnr2_label_asym_id 
_struct_conn.ptnr2_label_comp_id 
_struct_conn.ptnr2_label_seq_id 
_struct_conn.ptnr2_label_atom_id 
_struct_conn.pdbx_ptnr2_label_alt_id 
_struct_conn.pdbx_ptnr2_PDB_ins_code 
_struct_conn.ptnr1_auth_asym_id 
_struct_conn.ptnr1_auth_comp_id 
_struct_conn.ptnr1_auth_seq_id 
_struct_conn.ptnr2_auth_asym_id 
_struct_conn.ptnr2_auth_comp_id 
_struct_conn.ptnr2_auth_seq_id 
_struct_conn.ptnr2_symmetry 
_struct_conn.pdbx_ptnr3_label_atom_id 
_struct_conn.pdbx_ptnr3_label_seq_id 
_struct_conn.pdbx_ptnr3_label_comp_id 
_struct_conn.pdbx_ptnr3_label_asym_id 
_struct_conn.pdbx_ptnr3_label_alt_id 
_struct_conn.pdbx_ptnr3_PDB_ins_code 
_struct_conn.details 
_struct_conn.pdbx_dist_value 
_struct_conn.pdbx_value_order 
_struct_conn.pdbx_role 
hydrog1  hydrog ? ? A G 1  O6 ? ? ? 1_555 A C 71 N4 ? ? X G 13 X C 83 1_555 ? ? ? ? ? ? 'G-C PAIR'    ? ? ? 
hydrog2  hydrog ? ? A G 2  N1 ? ? ? 1_555 A C 70 N3 ? ? X G 14 X C 82 1_555 ? ? ? ? ? ? WATSON-CRICK  ? ? ? 
hydrog3  hydrog ? ? A G 2  N2 ? ? ? 1_555 A C 70 O2 ? ? X G 14 X C 82 1_555 ? ? ? ? ? ? WATSON-CRICK  ? ? ? 
hydrog4  hydrog ? ? A G 2  O6 ? ? ? 1_555 A C 70 N4 ? ? X G 14 X C 82 1_555 ? ? ? ? ? ? WATSON-CRICK  ? ? ? 
hydrog5  hydrog ? ? A G 3  N1 ? ? ? 1_555 A C 69 N3 ? ? X G 15 X C 81 1_555 ? ? ? ? ? ? WATSON-CRICK  ? ? ? 
hydrog6  hydrog ? ? A G 3  N2 ? ? ? 1_555 A C 69 O2 ? ? X G 15 X C 81 1_555 ? ? ? ? ? ? WATSON-CRICK  ? ? ? 
hydrog7  hydrog ? ? A G 3  O6 ? ? ? 1_555 A C 69 N4 ? ? X G 15 X C 81 1_555 ? ? ? ? ? ? WATSON-CRICK  ? ? ? 
hydrog8  hydrog ? ? A A 4  N1 ? ? ? 1_555 A U 68 N3 ? ? X A 16 X U 80 1_555 ? ? ? ? ? ? WATSON-CRICK  ? ? ? 
hydrog9  hydrog ? ? A A 4  N6 ? ? ? 1_555 A U 68 O4 ? ? X A 16 X U 80 1_555 ? ? ? ? ? ? WATSON-CRICK  ? ? ? 
hydrog10 hydrog ? ? A A 5  N1 ? ? ? 1_555 A U 67 N3 ? ? X A 17 X U 79 1_555 ? ? ? ? ? ? WATSON-CRICK  ? ? ? 
hydrog11 hydrog ? ? A A 5  N6 ? ? ? 1_555 A U 67 O4 ? ? X A 17 X U 79 1_555 ? ? ? ? ? ? WATSON-CRICK  ? ? ? 
hydrog12 hydrog ? ? A G 6  N1 ? ? ? 1_555 A C 66 N3 ? ? X G 18 X C 78 1_555 ? ? ? ? ? ? 'G-C PAIR'    ? ? ? 
hydrog13 hydrog ? ? A A 7  N1 ? ? ? 1_555 A U 65 N3 ? ? X A 19 X U 77 1_555 ? ? ? ? ? ? WATSON-CRICK  ? ? ? 
hydrog14 hydrog ? ? A A 7  N6 ? ? ? 1_555 A U 65 O4 ? ? X A 19 X U 77 1_555 ? ? ? ? ? ? WATSON-CRICK  ? ? ? 
hydrog15 hydrog ? ? A U 8  N3 ? ? ? 1_555 A A 64 N1 ? ? X U 20 X A 76 1_555 ? ? ? ? ? ? WATSON-CRICK  ? ? ? 
hydrog16 hydrog ? ? A U 8  O4 ? ? ? 1_555 A A 64 N6 ? ? X U 20 X A 76 1_555 ? ? ? ? ? ? WATSON-CRICK  ? ? ? 
hydrog17 hydrog ? ? A A 9  N1 ? ? ? 1_555 A U 63 N3 ? ? X A 21 X U 75 1_555 ? ? ? ? ? ? WATSON-CRICK  ? ? ? 
hydrog18 hydrog ? ? A A 9  N6 ? ? ? 1_555 A U 63 O4 ? ? X A 21 X U 75 1_555 ? ? ? ? ? ? WATSON-CRICK  ? ? ? 
hydrog19 hydrog ? ? A U 10 O4 ? ? ? 1_555 A G 34 N1 ? ? X U 22 X G 46 1_555 ? ? ? ? ? ? 'U-G MISPAIR' ? ? ? 
hydrog20 hydrog ? ? A U 10 N3 ? ? ? 1_555 A A 40 N1 ? ? X U 22 X A 52 1_555 ? ? ? ? ? ? WATSON-CRICK  ? ? ? 
hydrog21 hydrog ? ? A U 10 O4 ? ? ? 1_555 A A 40 N6 ? ? X U 22 X A 52 1_555 ? ? ? ? ? ? WATSON-CRICK  ? ? ? 
hydrog22 hydrog ? ? A A 11 N1 ? ? ? 1_555 A G 34 N2 ? ? X A 23 X G 46 1_555 ? ? ? ? ? ? TYPE_10_PAIR  ? ? ? 
hydrog23 hydrog ? ? A A 11 N6 ? ? ? 1_555 A G 34 N3 ? ? X A 23 X G 46 1_555 ? ? ? ? ? ? TYPE_10_PAIR  ? ? ? 
hydrog24 hydrog ? ? A U 13 N3 ? ? ? 1_555 A A 33 N1 ? ? X U 25 X A 45 1_555 ? ? ? ? ? ? WATSON-CRICK  ? ? ? 
hydrog25 hydrog ? ? A U 13 O4 ? ? ? 1_555 A A 33 N6 ? ? X U 25 X A 45 1_555 ? ? ? ? ? ? WATSON-CRICK  ? ? ? 
hydrog26 hydrog ? ? A C 14 N3 ? ? ? 1_555 A G 32 N1 ? ? X C 26 X G 44 1_555 ? ? ? ? ? ? WATSON-CRICK  ? ? ? 
hydrog27 hydrog ? ? A C 14 N4 ? ? ? 1_555 A G 32 O6 ? ? X C 26 X G 44 1_555 ? ? ? ? ? ? WATSON-CRICK  ? ? ? 
hydrog28 hydrog ? ? A C 14 O2 ? ? ? 1_555 A G 32 N2 ? ? X C 26 X G 44 1_555 ? ? ? ? ? ? WATSON-CRICK  ? ? ? 
hydrog29 hydrog ? ? A C 15 N3 ? ? ? 1_555 A G 31 N1 ? ? X C 27 X G 43 1_555 ? ? ? ? ? ? WATSON-CRICK  ? ? ? 
hydrog30 hydrog ? ? A C 15 N4 ? ? ? 1_555 A G 31 O6 ? ? X C 27 X G 43 1_555 ? ? ? ? ? ? WATSON-CRICK  ? ? ? 
hydrog31 hydrog ? ? A C 15 O2 ? ? ? 1_555 A G 31 N2 ? ? X C 27 X G 43 1_555 ? ? ? ? ? ? WATSON-CRICK  ? ? ? 
hydrog32 hydrog ? ? A U 16 N3 ? ? ? 1_555 A G 30 O6 ? ? X U 28 X G 42 1_555 ? ? ? ? ? ? TYPE_28_PAIR  ? ? ? 
hydrog33 hydrog ? ? A U 16 O2 ? ? ? 1_555 A G 30 N1 ? ? X U 28 X G 42 1_555 ? ? ? ? ? ? TYPE_28_PAIR  ? ? ? 
hydrog34 hydrog ? ? A A 17 N1 ? ? ? 1_555 A U 29 N3 ? ? X A 29 X U 41 1_555 ? ? ? ? ? ? WATSON-CRICK  ? ? ? 
hydrog35 hydrog ? ? A A 17 N6 ? ? ? 1_555 A U 29 O4 ? ? X A 29 X U 41 1_555 ? ? ? ? ? ? WATSON-CRICK  ? ? ? 
hydrog36 hydrog ? ? A A 18 N1 ? ? ? 1_555 A U 28 N3 ? ? X A 30 X U 40 1_555 ? ? ? ? ? ? WATSON-CRICK  ? ? ? 
hydrog37 hydrog ? ? A A 18 N6 ? ? ? 1_555 A U 28 O4 ? ? X A 30 X U 40 1_555 ? ? ? ? ? ? WATSON-CRICK  ? ? ? 
hydrog38 hydrog ? ? A U 19 N3 ? ? ? 1_555 A U 27 O4 ? ? X U 31 X U 39 1_555 ? ? ? ? ? ? TYPE_16_PAIR  ? ? ? 
hydrog39 hydrog ? ? A U 19 O2 ? ? ? 1_555 A U 27 N3 ? ? X U 31 X U 39 1_555 ? ? ? ? ? ? TYPE_16_PAIR  ? ? ? 
hydrog40 hydrog ? ? A A 21 N1 ? ? ? 1_555 A A 54 N6 ? ? X A 33 X A 66 1_555 ? ? ? ? ? ? TYPE_5_PAIR   ? ? ? 
hydrog41 hydrog ? ? A A 21 N6 ? ? ? 1_555 A A 54 N7 ? ? X A 33 X A 66 1_555 ? ? ? ? ? ? TYPE_5_PAIR   ? ? ? 
hydrog42 hydrog ? ? A U 22 N3 ? ? ? 1_555 A A 53 N7 ? ? X U 34 X A 65 1_555 ? ? ? ? ? ? 'U-A PAIR'    ? ? ? 
hydrog43 hydrog ? ? A A 23 N7 ? ? ? 1_555 A A 52 N6 ? ? X A 35 X A 64 1_555 ? ? ? ? ? ? 'A-A MISPAIR' ? ? ? 
hydrog44 hydrog ? ? A G 25 N1 ? ? ? 1_555 A C 49 N3 ? ? X G 37 X C 61 1_555 ? ? ? ? ? ? WATSON-CRICK  ? ? ? 
hydrog45 hydrog ? ? A G 25 N2 ? ? ? 1_555 A C 49 O2 ? ? X G 37 X C 61 1_555 ? ? ? ? ? ? WATSON-CRICK  ? ? ? 
hydrog46 hydrog ? ? A G 25 O6 ? ? ? 1_555 A C 49 N4 ? ? X G 37 X C 61 1_555 ? ? ? ? ? ? WATSON-CRICK  ? ? ? 
hydrog47 hydrog ? ? A G 26 N1 ? ? ? 1_555 A C 48 N3 ? ? X G 38 X C 60 1_555 ? ? ? ? ? ? WATSON-CRICK  ? ? ? 
hydrog48 hydrog ? ? A G 26 N2 ? ? ? 1_555 A C 48 O2 ? ? X G 38 X C 60 1_555 ? ? ? ? ? ? WATSON-CRICK  ? ? ? 
hydrog49 hydrog ? ? A G 26 O6 ? ? ? 1_555 A C 48 N4 ? ? X G 38 X C 60 1_555 ? ? ? ? ? ? WATSON-CRICK  ? ? ? 
hydrog50 hydrog ? ? A G 26 N2 ? ? ? 1_555 A A 54 N1 ? ? X G 38 X A 66 1_555 ? ? ? ? ? ? 'G-A MISPAIR' ? ? ? 
hydrog51 hydrog ? ? A G 34 N1 ? ? ? 1_555 A C 41 N3 ? ? X G 46 X C 53 1_555 ? ? ? ? ? ? WATSON-CRICK  ? ? ? 
hydrog52 hydrog ? ? A G 34 N2 ? ? ? 1_555 A C 41 O2 ? ? X G 46 X C 53 1_555 ? ? ? ? ? ? WATSON-CRICK  ? ? ? 
hydrog53 hydrog ? ? A G 34 O6 ? ? ? 1_555 A C 41 N4 ? ? X G 46 X C 53 1_555 ? ? ? ? ? ? WATSON-CRICK  ? ? ? 
hydrog54 hydrog ? ? A U 35 N3 ? ? ? 1_555 A U 39 O4 ? ? X U 47 X U 51 1_555 ? ? ? ? ? ? 'U-U MISPAIR' ? ? ? 
hydrog55 hydrog ? ? A U 37 N3 ? ? ? 1_555 A A 64 N3 ? ? X U 49 X A 76 1_555 ? ? ? ? ? ? 'U-A PAIR'    ? ? ? 
hydrog56 hydrog ? ? A C 38 N4 ? ? ? 1_555 A U 63 O2 ? ? X C 50 X U 75 1_555 ? ? ? ? ? ? 'C-U MISPAIR' ? ? ? 
hydrog57 hydrog ? ? A C 42 N3 ? ? ? 1_555 A G 60 N1 ? ? X C 54 X G 72 1_555 ? ? ? ? ? ? WATSON-CRICK  ? ? ? 
hydrog58 hydrog ? ? A C 42 N4 ? ? ? 1_555 A G 60 O6 ? ? X C 54 X G 72 1_555 ? ? ? ? ? ? WATSON-CRICK  ? ? ? 
hydrog59 hydrog ? ? A C 42 O2 ? ? ? 1_555 A G 60 N2 ? ? X C 54 X G 72 1_555 ? ? ? ? ? ? WATSON-CRICK  ? ? ? 
hydrog60 hydrog ? ? A A 43 N1 ? ? ? 1_555 A U 59 N3 ? ? X A 55 X U 71 1_555 ? ? ? ? ? ? WATSON-CRICK  ? ? ? 
hydrog61 hydrog ? ? A A 43 N6 ? ? ? 1_555 A U 59 O4 ? ? X A 55 X U 71 1_555 ? ? ? ? ? ? WATSON-CRICK  ? ? ? 
hydrog62 hydrog ? ? A A 44 N1 ? ? ? 1_555 A U 58 N3 ? ? X A 56 X U 70 1_555 ? ? ? ? ? ? WATSON-CRICK  ? ? ? 
hydrog63 hydrog ? ? A A 44 N6 ? ? ? 1_555 A U 58 O4 ? ? X A 56 X U 70 1_555 ? ? ? ? ? ? WATSON-CRICK  ? ? ? 
hydrog64 hydrog ? ? A G 45 N1 ? ? ? 1_555 A C 57 N3 ? ? X G 57 X C 69 1_555 ? ? ? ? ? ? WATSON-CRICK  ? ? ? 
hydrog65 hydrog ? ? A G 45 N2 ? ? ? 1_555 A C 57 O2 ? ? X G 57 X C 69 1_555 ? ? ? ? ? ? WATSON-CRICK  ? ? ? 
hydrog66 hydrog ? ? A G 45 O6 ? ? ? 1_555 A C 57 N4 ? ? X G 57 X C 69 1_555 ? ? ? ? ? ? WATSON-CRICK  ? ? ? 
hydrog67 hydrog ? ? A A 46 N1 ? ? ? 1_555 A U 56 N3 ? ? X A 58 X U 68 1_555 ? ? ? ? ? ? WATSON-CRICK  ? ? ? 
hydrog68 hydrog ? ? A A 46 N6 ? ? ? 1_555 A U 56 O4 ? ? X A 58 X U 68 1_555 ? ? ? ? ? ? WATSON-CRICK  ? ? ? 
hydrog69 hydrog ? ? A G 47 N1 ? ? ? 1_555 A C 55 N3 ? ? X G 59 X C 67 1_555 ? ? ? ? ? ? WATSON-CRICK  ? ? ? 
hydrog70 hydrog ? ? A G 47 N2 ? ? ? 1_555 A C 55 O2 ? ? X G 59 X C 67 1_555 ? ? ? ? ? ? WATSON-CRICK  ? ? ? 
hydrog71 hydrog ? ? A G 47 O6 ? ? ? 1_555 A C 55 N4 ? ? X G 59 X C 67 1_555 ? ? ? ? ? ? WATSON-CRICK  ? ? ? 
hydrog72 hydrog ? ? A C 49 O2 ? ? ? 1_555 A A 53 N6 ? ? X C 61 X A 65 1_555 ? ? ? ? ? ? 'C-A MISPAIR' ? ? ? 
# 
_struct_conn_type.id          hydrog 
_struct_conn_type.criteria    ? 
_struct_conn_type.reference   ? 
# 
_struct_site.id                   AC1 
_struct_site.pdbx_evidence_code   Software 
_struct_site.pdbx_auth_asym_id    X 
_struct_site.pdbx_auth_comp_id    ADE 
_struct_site.pdbx_auth_seq_id     101 
_struct_site.pdbx_auth_ins_code   ? 
_struct_site.pdbx_num_residues    6 
_struct_site.details              'binding site for residue ADE X 101' 
# 
loop_
_struct_site_gen.id 
_struct_site_gen.site_id 
_struct_site_gen.pdbx_num_res 
_struct_site_gen.label_comp_id 
_struct_site_gen.label_asym_id 
_struct_site_gen.label_seq_id 
_struct_site_gen.pdbx_auth_ins_code 
_struct_site_gen.auth_comp_id 
_struct_site_gen.auth_asym_id 
_struct_site_gen.auth_seq_id 
_struct_site_gen.label_atom_id 
_struct_site_gen.label_alt_id 
_struct_site_gen.symmetry 
_struct_site_gen.details 
1 AC1 6 A A 9  ? A X 21 . ? 1_555 ? 
2 AC1 6 U A 10 ? U X 22 . ? 1_555 ? 
3 AC1 6 U A 35 ? U X 47 . ? 1_555 ? 
4 AC1 6 U A 39 ? U X 51 . ? 1_555 ? 
5 AC1 6 A A 40 ? A X 52 . ? 1_555 ? 
6 AC1 6 U A 63 ? U X 75 . ? 1_555 ? 
# 
_atom_sites.entry_id                    5SWE 
_atom_sites.fract_transf_matrix[1][1]   -0.01610937 
_atom_sites.fract_transf_matrix[1][2]   0.01059232 
_atom_sites.fract_transf_matrix[1][3]   0.00546740 
_atom_sites.fract_transf_matrix[2][1]   -0.00298437 
_atom_sites.fract_transf_matrix[2][2]   -0.00172043 
_atom_sites.fract_transf_matrix[2][3]   -0.00546018 
_atom_sites.fract_transf_matrix[3][1]   -0.01485441 
_atom_sites.fract_transf_matrix[3][2]   -0.03198388 
_atom_sites.fract_transf_matrix[3][3]   0.01819666 
_atom_sites.fract_transf_vector[1]      0.063089 
_atom_sites.fract_transf_vector[2]      0.125203 
_atom_sites.fract_transf_vector[3]      0.046802 
# 
loop_
_atom_type.symbol 
C 
N 
O 
P 
# 
loop_
_atom_site.group_PDB 
_atom_site.id 
_atom_site.type_symbol 
_atom_site.label_atom_id 
_atom_site.label_alt_id 
_atom_site.label_comp_id 
_atom_site.label_asym_id 
_atom_site.label_entity_id 
_atom_site.label_seq_id 
_atom_site.pdbx_PDB_ins_code 
_atom_site.Cartn_x 
_atom_site.Cartn_y 
_atom_site.Cartn_z 
_atom_site.occupancy 
_atom_site.B_iso_or_equiv 
_atom_site.pdbx_formal_charge 
_atom_site.auth_seq_id 
_atom_site.auth_comp_id 
_atom_site.auth_asym_id 
_atom_site.auth_atom_id 
_atom_site.pdbx_PDB_model_num 
ATOM   1    P P     . G   A 1 1  ? 27.026  -8.456  1.962   1.00 92.66  ? 13  G   X P     1 
ATOM   2    O OP1   . G   A 1 1  ? 26.595  -8.885  0.603   1.00 90.88  ? 13  G   X OP1   1 
ATOM   3    O OP2   . G   A 1 1  ? 26.441  -7.229  2.561   1.00 89.32  ? 13  G   X OP2   1 
ATOM   4    O "O5'" . G   A 1 1  ? 26.830  -9.662  2.990   1.00 96.52  ? 13  G   X "O5'" 1 
ATOM   5    C "C5'" . G   A 1 1  ? 26.539  -10.999 2.514   1.00 107.24 ? 13  G   X "C5'" 1 
ATOM   6    C "C4'" . G   A 1 1  ? 26.837  -12.017 3.593   1.00 117.38 ? 13  G   X "C4'" 1 
ATOM   7    O "O4'" . G   A 1 1  ? 28.166  -11.778 4.123   1.00 125.09 ? 13  G   X "O4'" 1 
ATOM   8    C "C3'" . G   A 1 1  ? 25.901  -11.997 4.795   1.00 117.63 ? 13  G   X "C3'" 1 
ATOM   9    O "O3'" . G   A 1 1  ? 24.832  -12.912 4.575   1.00 107.76 ? 13  G   X "O3'" 1 
ATOM   10   C "C2'" . G   A 1 1  ? 26.785  -12.490 5.939   1.00 123.89 ? 13  G   X "C2'" 1 
ATOM   11   O "O2'" . G   A 1 1  ? 26.773  -13.895 6.107   1.00 122.57 ? 13  G   X "O2'" 1 
ATOM   12   C "C1'" . G   A 1 1  ? 28.173  -11.992 5.522   1.00 132.57 ? 13  G   X "C1'" 1 
ATOM   13   N N9    . G   A 1 1  ? 28.607  -10.756 6.172   1.00 149.06 ? 13  G   X N9    1 
ATOM   14   C C8    . G   A 1 1  ? 28.874  -9.556  5.556   1.00 155.07 ? 13  G   X C8    1 
ATOM   15   N N7    . G   A 1 1  ? 29.261  -8.628  6.387   1.00 160.77 ? 13  G   X N7    1 
ATOM   16   C C5    . G   A 1 1  ? 29.258  -9.252  7.627   1.00 158.37 ? 13  G   X C5    1 
ATOM   17   C C6    . G   A 1 1  ? 29.584  -8.747  8.913   1.00 157.27 ? 13  G   X C6    1 
ATOM   18   O O6    . G   A 1 1  ? 29.958  -7.608  9.222   1.00 154.65 ? 13  G   X O6    1 
ATOM   19   N N1    . G   A 1 1  ? 29.442  -9.720  9.897   1.00 161.24 ? 13  G   X N1    1 
ATOM   20   C C2    . G   A 1 1  ? 29.037  -11.015 9.677   1.00 164.03 ? 13  G   X C2    1 
ATOM   21   N N2    . G   A 1 1  ? 28.962  -11.804 10.758  1.00 166.85 ? 13  G   X N2    1 
ATOM   22   N N3    . G   A 1 1  ? 28.729  -11.498 8.484   1.00 162.06 ? 13  G   X N3    1 
ATOM   23   C C4    . G   A 1 1  ? 28.861  -10.569 7.511   1.00 157.21 ? 13  G   X C4    1 
ATOM   24   P P     . G   A 1 2  ? 23.333  -12.505 4.949   1.00 98.99  ? 14  G   X P     1 
ATOM   25   O OP1   . G   A 1 2  ? 22.463  -13.683 4.689   1.00 99.90  ? 14  G   X OP1   1 
ATOM   26   O OP2   . G   A 1 2  ? 23.031  -11.210 4.285   1.00 99.26  ? 14  G   X OP2   1 
ATOM   27   O "O5'" . G   A 1 2  ? 23.408  -12.271 6.523   1.00 94.55  ? 14  G   X "O5'" 1 
ATOM   28   C "C5'" . G   A 1 2  ? 23.030  -13.319 7.436   1.00 89.79  ? 14  G   X "C5'" 1 
ATOM   29   C "C4'" . G   A 1 2  ? 23.214  -12.883 8.872   1.00 86.35  ? 14  G   X "C4'" 1 
ATOM   30   O "O4'" . G   A 1 2  ? 24.581  -12.456 9.106   1.00 82.83  ? 14  G   X "O4'" 1 
ATOM   31   C "C3'" . G   A 1 2  ? 22.429  -11.668 9.332   1.00 86.67  ? 14  G   X "C3'" 1 
ATOM   32   O "O3'" . G   A 1 2  ? 21.042  -11.865 9.559   1.00 88.34  ? 14  G   X "O3'" 1 
ATOM   33   C "C2'" . G   A 1 2  ? 23.153  -11.320 10.626  1.00 85.57  ? 14  G   X "C2'" 1 
ATOM   34   O "O2'" . G   A 1 2  ? 22.773  -12.112 11.733  1.00 90.20  ? 14  G   X "O2'" 1 
ATOM   35   C "C1'" . G   A 1 2  ? 24.607  -11.594 10.237  1.00 81.77  ? 14  G   X "C1'" 1 
ATOM   36   N N9    . G   A 1 2  ? 25.308  -10.363 9.888   1.00 76.13  ? 14  G   X N9    1 
ATOM   37   C C8    . G   A 1 2  ? 25.627  -9.904  8.632   1.00 74.42  ? 14  G   X C8    1 
ATOM   38   N N7    . G   A 1 2  ? 26.240  -8.751  8.648   1.00 72.78  ? 14  G   X N7    1 
ATOM   39   C C5    . G   A 1 2  ? 26.319  -8.423  9.995   1.00 72.07  ? 14  G   X C5    1 
ATOM   40   C C6    . G   A 1 2  ? 26.881  -7.284  10.633  1.00 70.09  ? 14  G   X C6    1 
ATOM   41   O O6    . G   A 1 2  ? 27.437  -6.307  10.120  1.00 69.63  ? 14  G   X O6    1 
ATOM   42   N N1    . G   A 1 2  ? 26.737  -7.351  12.016  1.00 70.31  ? 14  G   X N1    1 
ATOM   43   C C2    . G   A 1 2  ? 26.137  -8.380  12.699  1.00 73.03  ? 14  G   X C2    1 
ATOM   44   N N2    . G   A 1 2  ? 26.100  -8.262  14.035  1.00 73.41  ? 14  G   X N2    1 
ATOM   45   N N3    . G   A 1 2  ? 25.612  -9.447  12.117  1.00 74.09  ? 14  G   X N3    1 
ATOM   46   C C4    . G   A 1 2  ? 25.740  -9.402  10.772  1.00 74.43  ? 14  G   X C4    1 
ATOM   47   P P     . G   A 1 3  ? 20.060  -10.596 9.557   1.00 91.21  ? 15  G   X P     1 
ATOM   48   O OP1   . G   A 1 3  ? 18.670  -11.090 9.726   1.00 93.43  ? 15  G   X OP1   1 
ATOM   49   O OP2   . G   A 1 3  ? 20.403  -9.752  8.384   1.00 91.99  ? 15  G   X OP2   1 
ATOM   50   O "O5'" . G   A 1 3  ? 20.497  -9.790  10.861  1.00 86.61  ? 15  G   X "O5'" 1 
ATOM   51   C "C5'" . G   A 1 3  ? 20.026  -10.177 12.165  1.00 82.68  ? 15  G   X "C5'" 1 
ATOM   52   C "C4'" . G   A 1 3  ? 20.506  -9.199  13.211  1.00 79.68  ? 15  G   X "C4'" 1 
ATOM   53   O "O4'" . G   A 1 3  ? 21.945  -9.029  13.100  1.00 78.98  ? 15  G   X "O4'" 1 
ATOM   54   C "C3'" . G   A 1 3  ? 19.961  -7.784  13.100  1.00 78.01  ? 15  G   X "C3'" 1 
ATOM   55   O "O3'" . G   A 1 3  ? 18.646  -7.644  13.631  1.00 72.68  ? 15  G   X "O3'" 1 
ATOM   56   C "C2'" . G   A 1 3  ? 21.007  -6.989  13.874  1.00 79.27  ? 15  G   X "C2'" 1 
ATOM   57   O "O2'" . G   A 1 3  ? 20.832  -7.010  15.278  1.00 80.51  ? 15  G   X "O2'" 1 
ATOM   58   C "C1'" . G   A 1 3  ? 22.296  -7.702  13.458  1.00 79.17  ? 15  G   X "C1'" 1 
ATOM   59   N N9    . G   A 1 3  ? 22.938  -7.063  12.312  1.00 78.38  ? 15  G   X N9    1 
ATOM   60   C C8    . G   A 1 3  ? 22.864  -7.450  10.995  1.00 78.56  ? 15  G   X C8    1 
ATOM   61   N N7    . G   A 1 3  ? 23.534  -6.666  10.193  1.00 78.89  ? 15  G   X N7    1 
ATOM   62   C C5    . G   A 1 3  ? 24.075  -5.700  11.030  1.00 76.84  ? 15  G   X C5    1 
ATOM   63   C C6    . G   A 1 3  ? 24.900  -4.582  10.732  1.00 76.27  ? 15  G   X C6    1 
ATOM   64   O O6    . G   A 1 3  ? 25.329  -4.211  9.633   1.00 72.58  ? 15  G   X O6    1 
ATOM   65   N N1    . G   A 1 3  ? 25.219  -3.863  11.879  1.00 77.68  ? 15  G   X N1    1 
ATOM   66   C C2    . G   A 1 3  ? 24.804  -4.177  13.150  1.00 78.27  ? 15  G   X C2    1 
ATOM   67   N N2    . G   A 1 3  ? 25.219  -3.359  14.128  1.00 80.37  ? 15  G   X N2    1 
ATOM   68   N N3    . G   A 1 3  ? 24.039  -5.217  13.441  1.00 77.14  ? 15  G   X N3    1 
ATOM   69   C C4    . G   A 1 3  ? 23.714  -5.929  12.341  1.00 77.23  ? 15  G   X C4    1 
ATOM   70   P P     . A   A 1 4  ? 17.615  -6.618  12.953  1.00 68.86  ? 16  A   X P     1 
ATOM   71   O OP1   . A   A 1 4  ? 16.303  -6.770  13.629  1.00 69.65  ? 16  A   X OP1   1 
ATOM   72   O OP2   . A   A 1 4  ? 17.704  -6.774  11.480  1.00 66.61  ? 16  A   X OP2   1 
ATOM   73   O "O5'" . A   A 1 4  ? 18.222  -5.193  13.326  1.00 70.06  ? 16  A   X "O5'" 1 
ATOM   74   C "C5'" . A   A 1 4  ? 18.278  -4.757  14.695  1.00 69.62  ? 16  A   X "C5'" 1 
ATOM   75   C "C4'" . A   A 1 4  ? 19.046  -3.463  14.807  1.00 69.39  ? 16  A   X "C4'" 1 
ATOM   76   O "O4'" . A   A 1 4  ? 20.427  -3.670  14.412  1.00 67.66  ? 16  A   X "O4'" 1 
ATOM   77   C "C3'" . A   A 1 4  ? 18.607  -2.329  13.888  1.00 69.84  ? 16  A   X "C3'" 1 
ATOM   78   O "O3'" . A   A 1 4  ? 17.414  -1.668  14.293  1.00 74.20  ? 16  A   X "O3'" 1 
ATOM   79   C "C2'" . A   A 1 4  ? 19.827  -1.420  13.932  1.00 68.74  ? 16  A   X "C2'" 1 
ATOM   80   O "O2'" . A   A 1 4  ? 19.895  -0.599  15.079  1.00 68.94  ? 16  A   X "O2'" 1 
ATOM   81   C "C1'" . A   A 1 4  ? 20.962  -2.447  13.931  1.00 69.33  ? 16  A   X "C1'" 1 
ATOM   82   N N9    . A   A 1 4  ? 21.484  -2.660  12.584  1.00 70.65  ? 16  A   X N9    1 
ATOM   83   C C8    . A   A 1 4  ? 21.192  -3.670  11.701  1.00 70.27  ? 16  A   X C8    1 
ATOM   84   N N7    . A   A 1 4  ? 21.809  -3.561  10.549  1.00 70.55  ? 16  A   X N7    1 
ATOM   85   C C5    . A   A 1 4  ? 22.545  -2.391  10.674  1.00 70.90  ? 16  A   X C5    1 
ATOM   86   C C6    . A   A 1 4  ? 23.416  -1.721  9.796   1.00 72.51  ? 16  A   X C6    1 
ATOM   87   N N6    . A   A 1 4  ? 23.702  -2.152  8.565   1.00 74.64  ? 16  A   X N6    1 
ATOM   88   N N1    . A   A 1 4  ? 23.992  -0.580  10.232  1.00 74.48  ? 16  A   X N1    1 
ATOM   89   C C2    . A   A 1 4  ? 23.705  -0.148  11.468  1.00 73.00  ? 16  A   X C2    1 
ATOM   90   N N3    . A   A 1 4  ? 22.905  -0.688  12.384  1.00 71.60  ? 16  A   X N3    1 
ATOM   91   C C4    . A   A 1 4  ? 22.350  -1.822  11.920  1.00 71.04  ? 16  A   X C4    1 
ATOM   92   P P     . A   A 1 5  ? 16.512  -0.910  13.199  1.00 77.76  ? 17  A   X P     1 
ATOM   93   O OP1   . A   A 1 5  ? 15.201  -0.597  13.821  1.00 76.79  ? 17  A   X OP1   1 
ATOM   94   O OP2   . A   A 1 5  ? 16.543  -1.705  11.943  1.00 78.02  ? 17  A   X OP2   1 
ATOM   95   O "O5'" . A   A 1 5  ? 17.310  0.450   12.958  1.00 77.21  ? 17  A   X "O5'" 1 
ATOM   96   C "C5'" . A   A 1 5  ? 17.483  1.410   14.023  1.00 76.88  ? 17  A   X "C5'" 1 
ATOM   97   C "C4'" . A   A 1 5  ? 18.565  2.412   13.681  1.00 78.10  ? 17  A   X "C4'" 1 
ATOM   98   O "O4'" . A   A 1 5  ? 19.797  1.722   13.337  1.00 78.17  ? 17  A   X "O4'" 1 
ATOM   99   C "C3'" . A   A 1 5  ? 18.303  3.297   12.467  1.00 79.61  ? 17  A   X "C3'" 1 
ATOM   100  O "O3'" . A   A 1 5  ? 17.392  4.365   12.696  1.00 81.58  ? 17  A   X "O3'" 1 
ATOM   101  C "C2'" . A   A 1 5  ? 19.712  3.756   12.113  1.00 77.13  ? 17  A   X "C2'" 1 
ATOM   102  O "O2'" . A   A 1 5  ? 20.216  4.797   12.924  1.00 74.56  ? 17  A   X "O2'" 1 
ATOM   103  C "C1'" . A   A 1 5  ? 20.508  2.473   12.360  1.00 77.38  ? 17  A   X "C1'" 1 
ATOM   104  N N9    . A   A 1 5  ? 20.639  1.662   11.147  1.00 77.17  ? 17  A   X N9    1 
ATOM   105  C C8    . A   A 1 5  ? 19.934  0.536   10.800  1.00 77.58  ? 17  A   X C8    1 
ATOM   106  N N7    . A   A 1 5  ? 20.269  0.042   9.632   1.00 76.01  ? 17  A   X N7    1 
ATOM   107  C C5    . A   A 1 5  ? 21.252  0.907   9.175   1.00 73.34  ? 17  A   X C5    1 
ATOM   108  C C6    . A   A 1 5  ? 22.018  0.930   7.994   1.00 73.30  ? 17  A   X C6    1 
ATOM   109  N N6    . A   A 1 5  ? 21.903  0.026   7.020   1.00 75.18  ? 17  A   X N6    1 
ATOM   110  N N1    . A   A 1 5  ? 22.918  1.928   7.849   1.00 74.63  ? 17  A   X N1    1 
ATOM   111  C C2    . A   A 1 5  ? 23.034  2.834   8.829   1.00 72.56  ? 17  A   X C2    1 
ATOM   112  N N3    . A   A 1 5  ? 22.376  2.915   9.984   1.00 71.18  ? 17  A   X N3    1 
ATOM   113  C C4    . A   A 1 5  ? 21.488  1.912   10.096  1.00 73.71  ? 17  A   X C4    1 
ATOM   114  P P     . G   A 1 6  ? 16.293  4.719   11.582  1.00 84.19  ? 18  G   X P     1 
ATOM   115  O OP1   . G   A 1 6  ? 15.339  5.698   12.167  1.00 85.35  ? 18  G   X OP1   1 
ATOM   116  O OP2   . G   A 1 6  ? 15.781  3.443   11.015  1.00 81.45  ? 18  G   X OP2   1 
ATOM   117  O "O5'" . G   A 1 6  ? 17.143  5.469   10.463  1.00 83.88  ? 18  G   X "O5'" 1 
ATOM   118  C "C5'" . G   A 1 6  ? 17.764  6.738   10.744  1.00 85.45  ? 18  G   X "C5'" 1 
ATOM   119  C "C4'" . G   A 1 6  ? 18.773  7.077   9.676   1.00 86.02  ? 18  G   X "C4'" 1 
ATOM   120  O "O4'" . G   A 1 6  ? 19.725  5.991   9.532   1.00 87.57  ? 18  G   X "O4'" 1 
ATOM   121  C "C3'" . G   A 1 6  ? 18.214  7.245   8.274   1.00 84.18  ? 18  G   X "C3'" 1 
ATOM   122  O "O3'" . G   A 1 6  ? 17.639  8.523   8.071   1.00 80.50  ? 18  G   X "O3'" 1 
ATOM   123  C "C2'" . G   A 1 6  ? 19.454  7.040   7.414   1.00 86.21  ? 18  G   X "C2'" 1 
ATOM   124  O "O2'" . G   A 1 6  ? 20.251  8.194   7.235   1.00 85.48  ? 18  G   X "O2'" 1 
ATOM   125  C "C1'" . G   A 1 6  ? 20.174  5.931   8.186   1.00 88.27  ? 18  G   X "C1'" 1 
ATOM   126  N N9    . G   A 1 6  ? 19.861  4.609   7.651   1.00 88.05  ? 18  G   X N9    1 
ATOM   127  C C8    . G   A 1 6  ? 18.980  3.690   8.165   1.00 89.73  ? 18  G   X C8    1 
ATOM   128  N N7    . G   A 1 6  ? 18.897  2.603   7.447   1.00 89.24  ? 18  G   X N7    1 
ATOM   129  C C5    . G   A 1 6  ? 19.767  2.823   6.388   1.00 85.82  ? 18  G   X C5    1 
ATOM   130  C C6    . G   A 1 6  ? 20.100  1.996   5.283   1.00 82.06  ? 18  G   X C6    1 
ATOM   131  O O6    . G   A 1 6  ? 19.679  0.865   5.012   1.00 78.56  ? 18  G   X O6    1 
ATOM   132  N N1    . G   A 1 6  ? 21.029  2.609   4.448   1.00 80.20  ? 18  G   X N1    1 
ATOM   133  C C2    . G   A 1 6  ? 21.568  3.855   4.648   1.00 81.04  ? 18  G   X C2    1 
ATOM   134  N N2    . G   A 1 6  ? 22.450  4.272   3.728   1.00 81.09  ? 18  G   X N2    1 
ATOM   135  N N3    . G   A 1 6  ? 21.266  4.636   5.671   1.00 83.18  ? 18  G   X N3    1 
ATOM   136  C C4    . G   A 1 6  ? 20.366  4.061   6.497   1.00 85.56  ? 18  G   X C4    1 
ATOM   137  P P     . A   A 1 7  ? 16.414  8.673   7.076   1.00 78.16  ? 19  A   X P     1 
ATOM   138  O OP1   . A   A 1 7  ? 15.736  9.956   7.379   1.00 79.27  ? 19  A   X OP1   1 
ATOM   139  O OP2   . A   A 1 7  ? 15.641  7.403   7.115   1.00 79.87  ? 19  A   X OP2   1 
ATOM   140  O "O5'" . A   A 1 7  ? 17.119  8.793   5.652   1.00 75.75  ? 19  A   X "O5'" 1 
ATOM   141  C "C5'" . A   A 1 7  ? 17.962  9.918   5.335   1.00 71.37  ? 19  A   X "C5'" 1 
ATOM   142  C "C4'" . A   A 1 7  ? 18.864  9.578   4.175   1.00 71.02  ? 19  A   X "C4'" 1 
ATOM   143  O "O4'" . A   A 1 7  ? 19.469  8.286   4.409   1.00 70.50  ? 19  A   X "O4'" 1 
ATOM   144  C "C3'" . A   A 1 7  ? 18.174  9.467   2.818   1.00 69.21  ? 19  A   X "C3'" 1 
ATOM   145  O "O3'" . A   A 1 7  ? 18.275  10.740  2.188   1.00 69.15  ? 19  A   X "O3'" 1 
ATOM   146  C "C2'" . A   A 1 7  ? 19.041  8.463   2.057   1.00 69.39  ? 19  A   X "C2'" 1 
ATOM   147  O "O2'" . A   A 1 7  ? 20.054  9.068   1.278   1.00 66.90  ? 19  A   X "O2'" 1 
ATOM   148  C "C1'" . A   A 1 7  ? 19.655  7.615   3.179   1.00 69.25  ? 19  A   X "C1'" 1 
ATOM   149  N N9    . A   A 1 7  ? 19.092  6.271   3.305   1.00 68.25  ? 19  A   X N9    1 
ATOM   150  C C8    . A   A 1 7  ? 18.363  5.772   4.354   1.00 69.38  ? 19  A   X C8    1 
ATOM   151  N N7    . A   A 1 7  ? 18.002  4.522   4.202   1.00 70.14  ? 19  A   X N7    1 
ATOM   152  C C5    . A   A 1 7  ? 18.533  4.170   2.970   1.00 68.21  ? 19  A   X C5    1 
ATOM   153  C C6    . A   A 1 7  ? 18.497  2.975   2.231   1.00 69.23  ? 19  A   X C6    1 
ATOM   154  N N6    . A   A 1 7  ? 17.879  1.868   2.646   1.00 71.48  ? 19  A   X N6    1 
ATOM   155  N N1    . A   A 1 7  ? 19.124  2.956   1.034   1.00 69.14  ? 19  A   X N1    1 
ATOM   156  C C2    . A   A 1 7  ? 19.743  4.069   0.618   1.00 68.70  ? 19  A   X C2    1 
ATOM   157  N N3    . A   A 1 7  ? 19.844  5.252   1.221   1.00 67.30  ? 19  A   X N3    1 
ATOM   158  C C4    . A   A 1 7  ? 19.213  5.236   2.407   1.00 67.78  ? 19  A   X C4    1 
ATOM   159  P P     . U   A 1 8  ? 17.062  11.325  1.321   1.00 69.72  ? 20  U   X P     1 
ATOM   160  O OP1   . U   A 1 8  ? 17.505  12.617  0.724   1.00 70.15  ? 20  U   X OP1   1 
ATOM   161  O OP2   . U   A 1 8  ? 15.830  11.280  2.150   1.00 72.28  ? 20  U   X OP2   1 
ATOM   162  O "O5'" . U   A 1 8  ? 16.913  10.263  0.146   1.00 67.94  ? 20  U   X "O5'" 1 
ATOM   163  C "C5'" . U   A 1 8  ? 17.452  10.552  -1.154  1.00 65.35  ? 20  U   X "C5'" 1 
ATOM   164  C "C4'" . U   A 1 8  ? 17.491  9.304   -1.999  1.00 61.67  ? 20  U   X "C4'" 1 
ATOM   165  O "O4'" . U   A 1 8  ? 17.880  8.159   -1.201  1.00 60.02  ? 20  U   X "O4'" 1 
ATOM   166  C "C3'" . U   A 1 8  ? 16.170  8.848   -2.591  1.00 59.08  ? 20  U   X "C3'" 1 
ATOM   167  O "O3'" . U   A 1 8  ? 15.788  9.665   -3.699  1.00 56.59  ? 20  U   X "O3'" 1 
ATOM   168  C "C2'" . U   A 1 8  ? 16.494  7.406   -2.979  1.00 59.02  ? 20  U   X "C2'" 1 
ATOM   169  O "O2'" . U   A 1 8  ? 17.190  7.282   -4.203  1.00 63.22  ? 20  U   X "O2'" 1 
ATOM   170  C "C1'" . U   A 1 8  ? 17.462  6.982   -1.870  1.00 57.55  ? 20  U   X "C1'" 1 
ATOM   171  N N1    . U   A 1 8  ? 16.873  6.055   -0.893  1.00 55.72  ? 20  U   X N1    1 
ATOM   172  C C2    . U   A 1 8  ? 16.659  4.749   -1.302  1.00 54.15  ? 20  U   X C2    1 
ATOM   173  O O2    . U   A 1 8  ? 16.937  4.350   -2.420  1.00 55.45  ? 20  U   X O2    1 
ATOM   174  N N3    . U   A 1 8  ? 16.102  3.931   -0.350  1.00 52.65  ? 20  U   X N3    1 
ATOM   175  C C4    . U   A 1 8  ? 15.741  4.271   0.938   1.00 53.87  ? 20  U   X C4    1 
ATOM   176  O O4    . U   A 1 8  ? 15.249  3.415   1.675   1.00 51.59  ? 20  U   X O4    1 
ATOM   177  C C5    . U   A 1 8  ? 15.994  5.638   1.285   1.00 55.48  ? 20  U   X C5    1 
ATOM   178  C C6    . U   A 1 8  ? 16.540  6.462   0.380   1.00 56.10  ? 20  U   X C6    1 
ATOM   179  P P     . A   A 1 9  ? 14.240  10.069  -3.926  1.00 54.39  ? 21  A   X P     1 
ATOM   180  O OP1   . A   A 1 9  ? 14.200  11.240  -4.846  1.00 55.78  ? 21  A   X OP1   1 
ATOM   181  O OP2   . A   A 1 9  ? 13.585  10.162  -2.596  1.00 54.79  ? 21  A   X OP2   1 
ATOM   182  O "O5'" . A   A 1 9  ? 13.626  8.805   -4.688  1.00 50.47  ? 21  A   X "O5'" 1 
ATOM   183  C "C5'" . A   A 1 9  ? 14.382  8.092   -5.690  1.00 47.02  ? 21  A   X "C5'" 1 
ATOM   184  C "C4'" . A   A 1 9  ? 13.794  6.719   -5.908  1.00 46.45  ? 21  A   X "C4'" 1 
ATOM   185  O "O4'" . A   A 1 9  ? 14.338  5.775   -4.958  1.00 45.22  ? 21  A   X "O4'" 1 
ATOM   186  C "C3'" . A   A 1 9  ? 12.298  6.603   -5.657  1.00 47.90  ? 21  A   X "C3'" 1 
ATOM   187  O "O3'" . A   A 1 9  ? 11.572  7.098   -6.769  1.00 49.45  ? 21  A   X "O3'" 1 
ATOM   188  C "C2'" . A   A 1 9  ? 12.107  5.101   -5.455  1.00 48.19  ? 21  A   X "C2'" 1 
ATOM   189  O "O2'" . A   A 1 9  ? 11.817  4.403   -6.646  1.00 49.62  ? 21  A   X "O2'" 1 
ATOM   190  C "C1'" . A   A 1 9  ? 13.452  4.673   -4.858  1.00 46.39  ? 21  A   X "C1'" 1 
ATOM   191  N N9    . A   A 1 9  ? 13.353  4.271   -3.456  1.00 45.81  ? 21  A   X N9    1 
ATOM   192  C C8    . A   A 1 9  ? 13.193  5.074   -2.352  1.00 45.59  ? 21  A   X C8    1 
ATOM   193  N N7    . A   A 1 9  ? 13.120  4.412   -1.223  1.00 44.98  ? 21  A   X N7    1 
ATOM   194  C C5    . A   A 1 9  ? 13.230  3.083   -1.608  1.00 44.31  ? 21  A   X C5    1 
ATOM   195  C C6    . A   A 1 9  ? 13.228  1.882   -0.876  1.00 43.34  ? 21  A   X C6    1 
ATOM   196  N N6    . A   A 1 9  ? 13.106  1.826   0.451   1.00 43.14  ? 21  A   X N6    1 
ATOM   197  N N1    . A   A 1 9  ? 13.355  0.726   -1.565  1.00 43.20  ? 21  A   X N1    1 
ATOM   198  C C2    . A   A 1 9  ? 13.482  0.784   -2.896  1.00 42.53  ? 21  A   X C2    1 
ATOM   199  N N3    . A   A 1 9  ? 13.503  1.849   -3.694  1.00 43.59  ? 21  A   X N3    1 
ATOM   200  C C4    . A   A 1 9  ? 13.370  2.981   -2.980  1.00 44.61  ? 21  A   X C4    1 
ATOM   201  P P     . U   A 1 10 ? 10.439  8.184   -6.533  1.00 50.06  ? 22  U   X P     1 
ATOM   202  O OP1   . U   A 1 10 ? 9.710   8.374   -7.812  1.00 51.70  ? 22  U   X OP1   1 
ATOM   203  O OP2   . U   A 1 10 ? 11.076  9.357   -5.885  1.00 50.68  ? 22  U   X OP2   1 
ATOM   204  O "O5'" . U   A 1 10 ? 9.460   7.437   -5.520  1.00 49.23  ? 22  U   X "O5'" 1 
ATOM   205  C "C5'" . U   A 1 10 ? 8.915   8.098   -4.360  1.00 50.34  ? 22  U   X "C5'" 1 
ATOM   206  C "C4'" . U   A 1 10 ? 8.234   7.100   -3.450  1.00 51.02  ? 22  U   X "C4'" 1 
ATOM   207  O "O4'" . U   A 1 10 ? 7.429   6.183   -4.246  1.00 51.87  ? 22  U   X "O4'" 1 
ATOM   208  C "C3'" . U   A 1 10 ? 9.162   6.234   -2.603  1.00 50.57  ? 22  U   X "C3'" 1 
ATOM   209  O "O3'" . U   A 1 10 ? 8.620   5.966   -1.315  1.00 48.29  ? 22  U   X "O3'" 1 
ATOM   210  C "C2'" . U   A 1 10 ? 9.201   4.917   -3.371  1.00 52.56  ? 22  U   X "C2'" 1 
ATOM   211  O "O2'" . U   A 1 10 ? 9.444   3.809   -2.533  1.00 53.89  ? 22  U   X "O2'" 1 
ATOM   212  C "C1'" . U   A 1 10 ? 7.783   4.851   -3.936  1.00 52.76  ? 22  U   X "C1'" 1 
ATOM   213  N N1    . U   A 1 10 ? 7.678   4.044   -5.160  1.00 54.92  ? 22  U   X N1    1 
ATOM   214  C C2    . U   A 1 10 ? 7.205   2.748   -5.045  1.00 56.21  ? 22  U   X C2    1 
ATOM   215  O O2    . U   A 1 10 ? 6.869   2.257   -3.980  1.00 58.42  ? 22  U   X O2    1 
ATOM   216  N N3    . U   A 1 10 ? 7.134   2.055   -6.228  1.00 54.21  ? 22  U   X N3    1 
ATOM   217  C C4    . U   A 1 10 ? 7.482   2.505   -7.484  1.00 53.79  ? 22  U   X C4    1 
ATOM   218  O O4    . U   A 1 10 ? 7.361   1.753   -8.453  1.00 54.35  ? 22  U   X O4    1 
ATOM   219  C C5    . U   A 1 10 ? 7.963   3.852   -7.520  1.00 54.76  ? 22  U   X C5    1 
ATOM   220  C C6    . U   A 1 10 ? 8.044   4.557   -6.386  1.00 55.85  ? 22  U   X C6    1 
ATOM   221  P P     . A   A 1 11 ? 8.840   6.984   -0.107  1.00 48.63  ? 23  A   X P     1 
ATOM   222  O OP1   . A   A 1 11 ? 9.539   8.185   -0.629  1.00 47.00  ? 23  A   X OP1   1 
ATOM   223  O OP2   . A   A 1 11 ? 9.427   6.224   1.036   1.00 46.43  ? 23  A   X OP2   1 
ATOM   224  O "O5'" . A   A 1 11 ? 7.351   7.416   0.260   1.00 48.86  ? 23  A   X "O5'" 1 
ATOM   225  C "C5'" . A   A 1 11 ? 6.261   6.467   0.221   1.00 47.37  ? 23  A   X "C5'" 1 
ATOM   226  C "C4'" . A   A 1 11 ? 4.972   7.166   -0.151  1.00 46.55  ? 23  A   X "C4'" 1 
ATOM   227  O "O4'" . A   A 1 11 ? 5.124   7.762   -1.459  1.00 46.31  ? 23  A   X "O4'" 1 
ATOM   228  C "C3'" . A   A 1 11 ? 3.742   6.272   -0.295  1.00 45.55  ? 23  A   X "C3'" 1 
ATOM   229  O "O3'" . A   A 1 11 ? 3.005   6.156   0.911   1.00 44.28  ? 23  A   X "O3'" 1 
ATOM   230  C "C2'" . A   A 1 11 ? 2.846   7.059   -1.248  1.00 46.12  ? 23  A   X "C2'" 1 
ATOM   231  O "O2'" . A   A 1 11 ? 1.949   7.895   -0.542  1.00 46.81  ? 23  A   X "O2'" 1 
ATOM   232  C "C1'" . A   A 1 11 ? 3.856   7.866   -2.074  1.00 45.19  ? 23  A   X "C1'" 1 
ATOM   233  N N9    . A   A 1 11 ? 3.978   7.445   -3.472  1.00 43.03  ? 23  A   X N9    1 
ATOM   234  C C8    . A   A 1 11 ? 4.033   8.275   -4.564  1.00 43.09  ? 23  A   X C8    1 
ATOM   235  N N7    . A   A 1 11 ? 4.140   7.642   -5.706  1.00 43.10  ? 23  A   X N7    1 
ATOM   236  C C5    . A   A 1 11 ? 4.154   6.302   -5.343  1.00 42.04  ? 23  A   X C5    1 
ATOM   237  C C6    . A   A 1 11 ? 4.249   5.120   -6.098  1.00 41.42  ? 23  A   X C6    1 
ATOM   238  N N6    . A   A 1 11 ? 4.354   5.099   -7.429  1.00 40.51  ? 23  A   X N6    1 
ATOM   239  N N1    . A   A 1 11 ? 4.237   3.944   -5.431  1.00 41.46  ? 23  A   X N1    1 
ATOM   240  C C2    . A   A 1 11 ? 4.135   3.968   -4.096  1.00 43.38  ? 23  A   X C2    1 
ATOM   241  N N3    . A   A 1 11 ? 4.040   5.014   -3.276  1.00 42.90  ? 23  A   X N3    1 
ATOM   242  C C4    . A   A 1 11 ? 4.057   6.165   -3.971  1.00 42.18  ? 23  A   X C4    1 
ATOM   243  P P     . A   A 1 12 ? 3.152   4.855   1.811   1.00 47.96  ? 24  A   X P     1 
ATOM   244  O OP1   . A   A 1 12 ? 2.474   5.119   3.104   1.00 50.47  ? 24  A   X OP1   1 
ATOM   245  O OP2   . A   A 1 12 ? 4.581   4.453   1.806   1.00 51.63  ? 24  A   X OP2   1 
ATOM   246  O "O5'" . A   A 1 12 ? 2.315   3.749   1.023   1.00 45.46  ? 24  A   X "O5'" 1 
ATOM   247  C "C5'" . A   A 1 12 ? 2.717   3.299   -0.286  1.00 43.05  ? 24  A   X "C5'" 1 
ATOM   248  C "C4'" . A   A 1 12 ? 2.726   1.790   -0.360  1.00 40.30  ? 24  A   X "C4'" 1 
ATOM   249  O "O4'" . A   A 1 12 ? 3.749   1.266   0.513   1.00 38.64  ? 24  A   X "O4'" 1 
ATOM   250  C "C3'" . A   A 1 12 ? 1.469   1.082   0.121   1.00 40.20  ? 24  A   X "C3'" 1 
ATOM   251  O "O3'" . A   A 1 12 ? 0.458   1.110   -0.878  1.00 41.89  ? 24  A   X "O3'" 1 
ATOM   252  C "C2'" . A   A 1 12 ? 1.980   -0.328  0.417   1.00 39.50  ? 24  A   X "C2'" 1 
ATOM   253  O "O2'" . A   A 1 12 ? 1.975   -1.255  -0.653  1.00 40.73  ? 24  A   X "O2'" 1 
ATOM   254  C "C1'" . A   A 1 12 ? 3.415   -0.060  0.876   1.00 38.33  ? 24  A   X "C1'" 1 
ATOM   255  N N9    . A   A 1 12 ? 3.602   -0.200  2.318   1.00 37.11  ? 24  A   X N9    1 
ATOM   256  C C8    . A   A 1 12 ? 4.046   0.759   3.196   1.00 36.18  ? 24  A   X C8    1 
ATOM   257  N N7    . A   A 1 12 ? 4.119   0.345   4.437   1.00 35.72  ? 24  A   X N7    1 
ATOM   258  C C5    . A   A 1 12 ? 3.700   -0.976  4.372   1.00 35.73  ? 24  A   X C5    1 
ATOM   259  C C6    . A   A 1 12 ? 3.562   -1.971  5.354   1.00 36.79  ? 24  A   X C6    1 
ATOM   260  N N6    . A   A 1 12 ? 3.846   -1.781  6.644   1.00 37.46  ? 24  A   X N6    1 
ATOM   261  N N1    . A   A 1 12 ? 3.129   -3.189  4.958   1.00 36.96  ? 24  A   X N1    1 
ATOM   262  C C2    . A   A 1 12 ? 2.850   -3.379  3.662   1.00 36.43  ? 24  A   X C2    1 
ATOM   263  N N3    . A   A 1 12 ? 2.946   -2.525  2.646   1.00 36.53  ? 24  A   X N3    1 
ATOM   264  C C4    . A   A 1 12 ? 3.383   -1.328  3.073   1.00 36.07  ? 24  A   X C4    1 
ATOM   265  P P     . U   A 1 13 ? -1.006  1.647   -0.514  1.00 43.03  ? 25  U   X P     1 
ATOM   266  O OP1   . U   A 1 13 ? -1.017  2.026   0.924   1.00 41.92  ? 25  U   X OP1   1 
ATOM   267  O OP2   . U   A 1 13 ? -1.991  0.650   -1.005  1.00 41.89  ? 25  U   X OP2   1 
ATOM   268  O "O5'" . U   A 1 13 ? -1.125  2.969   -1.400  1.00 40.78  ? 25  U   X "O5'" 1 
ATOM   269  C "C5'" . U   A 1 13 ? -0.786  4.263   -0.870  1.00 38.81  ? 25  U   X "C5'" 1 
ATOM   270  C "C4'" . U   A 1 13 ? -0.484  5.226   -1.992  1.00 38.81  ? 25  U   X "C4'" 1 
ATOM   271  O "O4'" . U   A 1 13 ? 0.694   4.772   -2.704  1.00 39.60  ? 25  U   X "O4'" 1 
ATOM   272  C "C3'" . U   A 1 13 ? -1.561  5.354   -3.059  1.00 39.53  ? 25  U   X "C3'" 1 
ATOM   273  O "O3'" . U   A 1 13 ? -2.470  6.380   -2.679  1.00 39.14  ? 25  U   X "O3'" 1 
ATOM   274  C "C2'" . U   A 1 13 ? -0.770  5.798   -4.284  1.00 39.63  ? 25  U   X "C2'" 1 
ATOM   275  O "O2'" . U   A 1 13 ? -0.599  7.199   -4.360  1.00 38.65  ? 25  U   X "O2'" 1 
ATOM   276  C "C1'" . U   A 1 13 ? 0.573   5.093   -4.080  1.00 40.45  ? 25  U   X "C1'" 1 
ATOM   277  N N1    . U   A 1 13 ? 0.727   3.857   -4.862  1.00 41.45  ? 25  U   X N1    1 
ATOM   278  C C2    . U   A 1 13 ? 0.782   3.959   -6.241  1.00 42.79  ? 25  U   X C2    1 
ATOM   279  O O2    . U   A 1 13 ? 0.691   5.020   -6.834  1.00 43.13  ? 25  U   X O2    1 
ATOM   280  N N3    . U   A 1 13 ? 0.935   2.764   -6.901  1.00 43.03  ? 25  U   X N3    1 
ATOM   281  C C4    . U   A 1 13 ? 1.046   1.509   -6.341  1.00 43.93  ? 25  U   X C4    1 
ATOM   282  O O4    . U   A 1 13 ? 1.186   0.530   -7.074  1.00 46.25  ? 25  U   X O4    1 
ATOM   283  C C5    . U   A 1 13 ? 0.989   1.488   -4.910  1.00 43.03  ? 25  U   X C5    1 
ATOM   284  C C6    . U   A 1 13 ? 0.837   2.635   -4.236  1.00 41.81  ? 25  U   X C6    1 
ATOM   285  P P     . C   A 1 14 ? -3.935  6.452   -3.322  1.00 38.26  ? 26  C   X P     1 
ATOM   286  O OP1   . C   A 1 14 ? -4.570  7.700   -2.844  1.00 39.72  ? 26  C   X OP1   1 
ATOM   287  O OP2   . C   A 1 14 ? -4.605  5.151   -3.107  1.00 38.20  ? 26  C   X OP2   1 
ATOM   288  O "O5'" . C   A 1 14 ? -3.661  6.568   -4.884  1.00 39.47  ? 26  C   X "O5'" 1 
ATOM   289  C "C5'" . C   A 1 14 ? -3.489  7.853   -5.500  1.00 42.88  ? 26  C   X "C5'" 1 
ATOM   290  C "C4'" . C   A 1 14 ? -3.144  7.675   -6.954  1.00 45.81  ? 26  C   X "C4'" 1 
ATOM   291  O "O4'" . C   A 1 14 ? -2.108  6.673   -7.089  1.00 46.79  ? 26  C   X "O4'" 1 
ATOM   292  C "C3'" . C   A 1 14 ? -4.262  7.131   -7.826  1.00 47.23  ? 26  C   X "C3'" 1 
ATOM   293  O "O3'" . C   A 1 14 ? -5.184  8.156   -8.187  1.00 48.06  ? 26  C   X "O3'" 1 
ATOM   294  C "C2'" . C   A 1 14 ? -3.492  6.577   -9.022  1.00 47.32  ? 26  C   X "C2'" 1 
ATOM   295  O "O2'" . C   A 1 14 ? -3.192  7.552   -9.999  1.00 48.47  ? 26  C   X "O2'" 1 
ATOM   296  C "C1'" . C   A 1 14 ? -2.200  6.075   -8.370  1.00 45.90  ? 26  C   X "C1'" 1 
ATOM   297  N N1    . C   A 1 14 ? -2.152  4.613   -8.213  1.00 45.17  ? 26  C   X N1    1 
ATOM   298  C C2    . C   A 1 14 ? -1.939  3.822   -9.347  1.00 44.76  ? 26  C   X C2    1 
ATOM   299  O O2    . C   A 1 14 ? -1.785  4.378   -10.444 1.00 44.15  ? 26  C   X O2    1 
ATOM   300  N N3    . C   A 1 14 ? -1.902  2.475   -9.217  1.00 44.01  ? 26  C   X N3    1 
ATOM   301  C C4    . C   A 1 14 ? -2.065  1.917   -8.015  1.00 45.41  ? 26  C   X C4    1 
ATOM   302  N N4    . C   A 1 14 ? -2.023  0.585   -7.933  1.00 45.97  ? 26  C   X N4    1 
ATOM   303  C C5    . C   A 1 14 ? -2.287  2.700   -6.842  1.00 45.95  ? 26  C   X C5    1 
ATOM   304  C C6    . C   A 1 14 ? -2.327  4.031   -6.988  1.00 45.69  ? 26  C   X C6    1 
ATOM   305  P P     . C   A 1 15 ? -6.730  7.794   -8.418  1.00 49.85  ? 27  C   X P     1 
ATOM   306  O OP1   . C   A 1 15 ? -7.499  9.063   -8.472  1.00 51.02  ? 27  C   X OP1   1 
ATOM   307  O OP2   . C   A 1 15 ? -7.113  6.748   -7.436  1.00 50.47  ? 27  C   X OP2   1 
ATOM   308  O "O5'" . C   A 1 15 ? -6.731  7.136   -9.869  1.00 51.41  ? 27  C   X "O5'" 1 
ATOM   309  C "C5'" . C   A 1 15 ? -6.262  7.870   -11.016 1.00 52.23  ? 27  C   X "C5'" 1 
ATOM   310  C "C4'" . C   A 1 15 ? -6.024  6.942   -12.184 1.00 54.19  ? 27  C   X "C4'" 1 
ATOM   311  O "O4'" . C   A 1 15 ? -4.972  5.989   -11.880 1.00 54.19  ? 27  C   X "O4'" 1 
ATOM   312  C "C3'" . C   A 1 15 ? -7.182  6.040   -12.574 1.00 55.87  ? 27  C   X "C3'" 1 
ATOM   313  O "O3'" . C   A 1 15 ? -8.214  6.731   -13.267 1.00 57.72  ? 27  C   X "O3'" 1 
ATOM   314  C "C2'" . C   A 1 15 ? -6.478  4.990   -13.432 1.00 55.64  ? 27  C   X "C2'" 1 
ATOM   315  O "O2'" . C   A 1 15 ? -6.268  5.425   -14.761 1.00 54.64  ? 27  C   X "O2'" 1 
ATOM   316  C "C1'" . C   A 1 15 ? -5.142  4.834   -12.694 1.00 55.49  ? 27  C   X "C1'" 1 
ATOM   317  N N1    . C   A 1 15 ? -5.070  3.626   -11.841 1.00 54.76  ? 27  C   X N1    1 
ATOM   318  C C2    . C   A 1 15 ? -4.807  2.386   -12.441 1.00 52.80  ? 27  C   X C2    1 
ATOM   319  O O2    . C   A 1 15 ? -4.629  2.337   -13.667 1.00 53.91  ? 27  C   X O2    1 
ATOM   320  N N3    . C   A 1 15 ? -4.744  1.277   -11.665 1.00 51.22  ? 27  C   X N3    1 
ATOM   321  C C4    . C   A 1 15 ? -4.930  1.372   -10.345 1.00 51.51  ? 27  C   X C4    1 
ATOM   322  N N4    . C   A 1 15 ? -4.856  0.254   -9.617  1.00 49.48  ? 27  C   X N4    1 
ATOM   323  C C5    . C   A 1 15 ? -5.201  2.621   -9.711  1.00 52.55  ? 27  C   X C5    1 
ATOM   324  C C6    . C   A 1 15 ? -5.264  3.711   -10.489 1.00 53.83  ? 27  C   X C6    1 
ATOM   325  P P     . U   A 1 16 ? -9.741  6.262   -13.097 1.00 59.48  ? 28  U   X P     1 
ATOM   326  O OP1   . U   A 1 16 ? -10.611 7.315   -13.673 1.00 58.42  ? 28  U   X OP1   1 
ATOM   327  O OP2   . U   A 1 16 ? -9.940  5.833   -11.689 1.00 62.59  ? 28  U   X OP2   1 
ATOM   328  O "O5'" . U   A 1 16 ? -9.828  4.962   -14.012 1.00 59.33  ? 28  U   X "O5'" 1 
ATOM   329  C "C5'" . U   A 1 16 ? -9.685  5.063   -15.440 1.00 60.35  ? 28  U   X "C5'" 1 
ATOM   330  C "C4'" . U   A 1 16 ? -9.529  3.692   -16.052 1.00 60.61  ? 28  U   X "C4'" 1 
ATOM   331  O "O4'" . U   A 1 16 ? -8.366  3.029   -15.492 1.00 60.62  ? 28  U   X "O4'" 1 
ATOM   332  C "C3'" . U   A 1 16 ? -10.659 2.712   -15.790 1.00 60.47  ? 28  U   X "C3'" 1 
ATOM   333  O "O3'" . U   A 1 16 ? -11.749 2.937   -16.671 1.00 59.93  ? 28  U   X "O3'" 1 
ATOM   334  C "C2'" . U   A 1 16 ? -9.977  1.379   -16.063 1.00 60.18  ? 28  U   X "C2'" 1 
ATOM   335  O "O2'" . U   A 1 16 ? -9.906  1.067   -17.439 1.00 61.46  ? 28  U   X "O2'" 1 
ATOM   336  C "C1'" . U   A 1 16 ? -8.581  1.627   -15.486 1.00 59.03  ? 28  U   X "C1'" 1 
ATOM   337  N N1    . U   A 1 16 ? -8.420  1.133   -14.111 1.00 57.22  ? 28  U   X N1    1 
ATOM   338  C C2    . U   A 1 16 ? -8.358  -0.235  -13.929 1.00 57.59  ? 28  U   X C2    1 
ATOM   339  O O2    . U   A 1 16 ? -8.434  -1.030  -14.850 1.00 60.20  ? 28  U   X O2    1 
ATOM   340  N N3    . U   A 1 16 ? -8.205  -0.638  -12.626 1.00 56.44  ? 28  U   X N3    1 
ATOM   341  C C4    . U   A 1 16 ? -8.108  0.165   -11.510 1.00 56.09  ? 28  U   X C4    1 
ATOM   342  O O4    . U   A 1 16 ? -7.975  -0.354  -10.400 1.00 58.37  ? 28  U   X O4    1 
ATOM   343  C C5    . U   A 1 16 ? -8.179  1.569   -11.780 1.00 56.11  ? 28  U   X C5    1 
ATOM   344  C C6    . U   A 1 16 ? -8.330  1.994   -13.040 1.00 56.39  ? 28  U   X C6    1 
ATOM   345  P P     . A   A 1 17 ? -13.253 2.775   -16.146 1.00 60.64  ? 29  A   X P     1 
ATOM   346  O OP1   . A   A 1 17 ? -14.079 3.810   -16.818 1.00 60.27  ? 29  A   X OP1   1 
ATOM   347  O OP2   . A   A 1 17 ? -13.230 2.721   -14.665 1.00 61.73  ? 29  A   X OP2   1 
ATOM   348  O "O5'" . A   A 1 17 ? -13.653 1.323   -16.674 1.00 59.05  ? 29  A   X "O5'" 1 
ATOM   349  C "C5'" . A   A 1 17 ? -13.614 1.019   -18.082 1.00 58.06  ? 29  A   X "C5'" 1 
ATOM   350  C "C4'" . A   A 1 17 ? -13.246 -0.428  -18.304 1.00 58.34  ? 29  A   X "C4'" 1 
ATOM   351  O "O4'" . A   A 1 17 ? -11.943 -0.705  -17.718 1.00 59.41  ? 29  A   X "O4'" 1 
ATOM   352  C "C3'" . A   A 1 17 ? -14.177 -1.454  -17.666 1.00 58.62  ? 29  A   X "C3'" 1 
ATOM   353  O "O3'" . A   A 1 17 ? -15.308 -1.684  -18.493 1.00 57.11  ? 29  A   X "O3'" 1 
ATOM   354  C "C2'" . A   A 1 17 ? -13.261 -2.663  -17.529 1.00 59.06  ? 29  A   X "C2'" 1 
ATOM   355  O "O2'" . A   A 1 17 ? -13.062 -3.373  -18.732 1.00 60.41  ? 29  A   X "O2'" 1 
ATOM   356  C "C1'" . A   A 1 17 ? -11.949 -1.994  -17.122 1.00 60.27  ? 29  A   X "C1'" 1 
ATOM   357  N N9    . A   A 1 17 ? -11.805 -1.827  -15.676 1.00 63.75  ? 29  A   X N9    1 
ATOM   358  C C8    . A   A 1 17 ? -11.901 -0.662  -14.957 1.00 64.78  ? 29  A   X C8    1 
ATOM   359  N N7    . A   A 1 17 ? -11.719 -0.818  -13.669 1.00 65.36  ? 29  A   X N7    1 
ATOM   360  C C5    . A   A 1 17 ? -11.492 -2.179  -13.527 1.00 63.37  ? 29  A   X C5    1 
ATOM   361  C C6    . A   A 1 17 ? -11.231 -2.982  -12.405 1.00 64.48  ? 29  A   X C6    1 
ATOM   362  N N6    . A   A 1 17 ? -11.157 -2.510  -11.158 1.00 66.47  ? 29  A   X N6    1 
ATOM   363  N N1    . A   A 1 17 ? -11.057 -4.306  -12.605 1.00 65.98  ? 29  A   X N1    1 
ATOM   364  C C2    . A   A 1 17 ? -11.138 -4.780  -13.855 1.00 65.98  ? 29  A   X C2    1 
ATOM   365  N N3    . A   A 1 17 ? -11.371 -4.126  -14.991 1.00 65.36  ? 29  A   X N3    1 
ATOM   366  C C4    . A   A 1 17 ? -11.543 -2.815  -14.755 1.00 63.54  ? 29  A   X C4    1 
ATOM   367  P P     . A   A 1 18 ? -16.741 -1.135  -18.046 1.00 56.40  ? 30  A   X P     1 
ATOM   368  O OP1   . A   A 1 18 ? -17.395 -0.550  -19.246 1.00 56.02  ? 30  A   X OP1   1 
ATOM   369  O OP2   . A   A 1 18 ? -16.560 -0.295  -16.834 1.00 56.15  ? 30  A   X OP2   1 
ATOM   370  O "O5'" . A   A 1 18 ? -17.517 -2.468  -17.638 1.00 56.46  ? 30  A   X "O5'" 1 
ATOM   371  C "C5'" . A   A 1 18 ? -17.384 -3.045  -16.323 1.00 56.78  ? 30  A   X "C5'" 1 
ATOM   372  C "C4'" . A   A 1 18 ? -16.761 -4.419  -16.409 1.00 56.92  ? 30  A   X "C4'" 1 
ATOM   373  O "O4'" . A   A 1 18 ? -15.350 -4.323  -16.077 1.00 60.18  ? 30  A   X "O4'" 1 
ATOM   374  C "C3'" . A   A 1 18 ? -17.352 -5.464  -15.463 1.00 55.86  ? 30  A   X "C3'" 1 
ATOM   375  O "O3'" . A   A 1 18 ? -18.284 -6.283  -16.159 1.00 53.96  ? 30  A   X "O3'" 1 
ATOM   376  C "C2'" . A   A 1 18 ? -16.146 -6.312  -15.070 1.00 57.79  ? 30  A   X "C2'" 1 
ATOM   377  O "O2'" . A   A 1 18 ? -15.891 -7.357  -15.986 1.00 58.35  ? 30  A   X "O2'" 1 
ATOM   378  C "C1'" . A   A 1 18 ? -15.011 -5.290  -15.100 1.00 59.79  ? 30  A   X "C1'" 1 
ATOM   379  N N9    . A   A 1 18 ? -14.760 -4.603  -13.831 1.00 61.67  ? 30  A   X N9    1 
ATOM   380  C C8    . A   A 1 18 ? -14.800 -3.248  -13.598 1.00 63.10  ? 30  A   X C8    1 
ATOM   381  N N7    . A   A 1 18 ? -14.517 -2.915  -12.363 1.00 63.65  ? 30  A   X N7    1 
ATOM   382  C C5    . A   A 1 18 ? -14.264 -4.129  -11.740 1.00 62.79  ? 30  A   X C5    1 
ATOM   383  C C6    . A   A 1 18 ? -13.908 -4.458  -10.419 1.00 62.97  ? 30  A   X C6    1 
ATOM   384  N N6    . A   A 1 18 ? -13.736 -3.555  -9.452  1.00 63.89  ? 30  A   X N6    1 
ATOM   385  N N1    . A   A 1 18 ? -13.730 -5.764  -10.123 1.00 61.98  ? 30  A   X N1    1 
ATOM   386  C C2    . A   A 1 18 ? -13.905 -6.670  -11.094 1.00 63.18  ? 30  A   X C2    1 
ATOM   387  N N3    . A   A 1 18 ? -14.237 -6.485  -12.370 1.00 63.30  ? 30  A   X N3    1 
ATOM   388  C C4    . A   A 1 18 ? -14.404 -5.177  -12.632 1.00 62.08  ? 30  A   X C4    1 
ATOM   389  P P     . U   A 1 19 ? -19.706 -6.598  -15.509 1.00 52.00  ? 31  U   X P     1 
ATOM   390  O OP1   . U   A 1 19 ? -20.315 -7.734  -16.251 1.00 49.63  ? 31  U   X OP1   1 
ATOM   391  O OP2   . U   A 1 19 ? -20.438 -5.310  -15.412 1.00 54.01  ? 31  U   X OP2   1 
ATOM   392  O "O5'" . U   A 1 19 ? -19.337 -7.094  -14.038 1.00 49.42  ? 31  U   X "O5'" 1 
ATOM   393  C "C5'" . U   A 1 19 ? -18.873 -8.440  -13.803 1.00 48.13  ? 31  U   X "C5'" 1 
ATOM   394  C "C4'" . U   A 1 19 ? -18.551 -8.661  -12.342 1.00 47.82  ? 31  U   X "C4'" 1 
ATOM   395  O "O4'" . U   A 1 19 ? -17.402 -7.861  -11.949 1.00 47.88  ? 31  U   X "O4'" 1 
ATOM   396  C "C3'" . U   A 1 19 ? -19.599 -8.227  -11.331 1.00 47.48  ? 31  U   X "C3'" 1 
ATOM   397  O "O3'" . U   A 1 19 ? -20.759 -9.043  -11.238 1.00 45.65  ? 31  U   X "O3'" 1 
ATOM   398  C "C2'" . U   A 1 19 ? -18.782 -8.201  -10.047 1.00 48.26  ? 31  U   X "C2'" 1 
ATOM   399  O "O2'" . U   A 1 19 ? -18.549 -9.483  -9.500  1.00 49.69  ? 31  U   X "O2'" 1 
ATOM   400  C "C1'" . U   A 1 19 ? -17.465 -7.605  -10.550 1.00 47.79  ? 31  U   X "C1'" 1 
ATOM   401  N N1    . U   A 1 19 ? -17.382 -6.153  -10.331 1.00 47.13  ? 31  U   X N1    1 
ATOM   402  C C2    . U   A 1 19 ? -17.147 -5.706  -9.042  1.00 48.10  ? 31  U   X C2    1 
ATOM   403  O O2    . U   A 1 19 ? -16.996 -6.458  -8.094  1.00 49.90  ? 31  U   X O2    1 
ATOM   404  N N3    . U   A 1 19 ? -17.095 -4.341  -8.907  1.00 46.66  ? 31  U   X N3    1 
ATOM   405  C C4    . U   A 1 19 ? -17.255 -3.397  -9.899  1.00 46.51  ? 31  U   X C4    1 
ATOM   406  O O4    . U   A 1 19 ? -17.181 -2.202  -9.615  1.00 49.25  ? 31  U   X O4    1 
ATOM   407  C C5    . U   A 1 19 ? -17.503 -3.937  -11.201 1.00 46.19  ? 31  U   X C5    1 
ATOM   408  C C6    . U   A 1 19 ? -17.560 -5.265  -11.368 1.00 47.21  ? 31  U   X C6    1 
ATOM   409  P P     . G   A 1 20 ? -22.179 -8.340  -10.990 1.00 45.18  ? 32  G   X P     1 
ATOM   410  O OP1   . G   A 1 20 ? -23.246 -9.313  -11.356 1.00 43.33  ? 32  G   X OP1   1 
ATOM   411  O OP2   . G   A 1 20 ? -22.151 -7.012  -11.658 1.00 44.38  ? 32  G   X OP2   1 
ATOM   412  O "O5'" . G   A 1 20 ? -22.184 -8.104  -9.413  1.00 43.32  ? 32  G   X "O5'" 1 
ATOM   413  C "C5'" . G   A 1 20 ? -21.924 -9.199  -8.514  1.00 44.55  ? 32  G   X "C5'" 1 
ATOM   414  C "C4'" . G   A 1 20 ? -21.694 -8.698  -7.109  1.00 45.93  ? 32  G   X "C4'" 1 
ATOM   415  O "O4'" . G   A 1 20 ? -20.509 -7.864  -7.058  1.00 46.11  ? 32  G   X "O4'" 1 
ATOM   416  C "C3'" . G   A 1 20 ? -22.780 -7.803  -6.538  1.00 47.71  ? 32  G   X "C3'" 1 
ATOM   417  O "O3'" . G   A 1 20 ? -23.848 -8.587  -6.032  1.00 50.84  ? 32  G   X "O3'" 1 
ATOM   418  C "C2'" . G   A 1 20 ? -22.045 -7.088  -5.411  1.00 46.06  ? 32  G   X "C2'" 1 
ATOM   419  O "O2'" . G   A 1 20 ? -21.978 -7.857  -4.227  1.00 45.25  ? 32  G   X "O2'" 1 
ATOM   420  C "C1'" . G   A 1 20 ? -20.651 -6.911  -6.014  1.00 44.84  ? 32  G   X "C1'" 1 
ATOM   421  N N9    . G   A 1 20 ? -20.431 -5.580  -6.570  1.00 42.74  ? 32  G   X N9    1 
ATOM   422  C C8    . G   A 1 20 ? -20.719 -5.152  -7.844  1.00 42.53  ? 32  G   X C8    1 
ATOM   423  N N7    . G   A 1 20 ? -20.398 -3.904  -8.051  1.00 40.57  ? 32  G   X N7    1 
ATOM   424  C C5    . G   A 1 20 ? -19.867 -3.482  -6.840  1.00 40.07  ? 32  G   X C5    1 
ATOM   425  C C6    . G   A 1 20 ? -19.344 -2.219  -6.456  1.00 39.42  ? 32  G   X C6    1 
ATOM   426  O O6    . G   A 1 20 ? -19.243 -1.187  -7.132  1.00 38.69  ? 32  G   X O6    1 
ATOM   427  N N1    . G   A 1 20 ? -18.913 -2.226  -5.134  1.00 38.87  ? 32  G   X N1    1 
ATOM   428  C C2    . G   A 1 20 ? -18.979 -3.305  -4.286  1.00 39.38  ? 32  G   X C2    1 
ATOM   429  N N2    . G   A 1 20 ? -18.511 -3.112  -3.045  1.00 39.95  ? 32  G   X N2    1 
ATOM   430  N N3    . G   A 1 20 ? -19.457 -4.489  -4.634  1.00 40.29  ? 32  G   X N3    1 
ATOM   431  C C4    . G   A 1 20 ? -19.884 -4.504  -5.914  1.00 41.17  ? 32  G   X C4    1 
ATOM   432  P P     . A   A 1 21 ? -25.198 -7.879  -5.591  1.00 52.66  ? 33  A   X P     1 
ATOM   433  O OP1   . A   A 1 21 ? -26.317 -8.812  -5.885  1.00 53.66  ? 33  A   X OP1   1 
ATOM   434  O OP2   . A   A 1 21 ? -25.209 -6.506  -6.169  1.00 52.89  ? 33  A   X OP2   1 
ATOM   435  O "O5'" . A   A 1 21 ? -25.024 -7.743  -4.014  1.00 52.93  ? 33  A   X "O5'" 1 
ATOM   436  C "C5'" . A   A 1 21 ? -25.281 -6.484  -3.364  1.00 55.15  ? 33  A   X "C5'" 1 
ATOM   437  C "C4'" . A   A 1 21 ? -24.537 -6.406  -2.053  1.00 55.43  ? 33  A   X "C4'" 1 
ATOM   438  O "O4'" . A   A 1 21 ? -23.160 -6.029  -2.309  1.00 53.83  ? 33  A   X "O4'" 1 
ATOM   439  C "C3'" . A   A 1 21 ? -25.076 -5.368  -1.073  1.00 56.24  ? 33  A   X "C3'" 1 
ATOM   440  O "O3'" . A   A 1 21 ? -26.012 -5.985  -0.199  1.00 59.48  ? 33  A   X "O3'" 1 
ATOM   441  C "C2'" . A   A 1 21 ? -23.832 -4.941  -0.302  1.00 55.17  ? 33  A   X "C2'" 1 
ATOM   442  O "O2'" . A   A 1 21 ? -23.535 -5.739  0.827   1.00 56.98  ? 33  A   X "O2'" 1 
ATOM   443  C "C1'" . A   A 1 21 ? -22.741 -5.061  -1.365  1.00 52.24  ? 33  A   X "C1'" 1 
ATOM   444  N N9    . A   A 1 21 ? -22.466 -3.813  -2.076  1.00 48.89  ? 33  A   X N9    1 
ATOM   445  C C8    . A   A 1 21 ? -22.552 -3.578  -3.426  1.00 49.30  ? 33  A   X C8    1 
ATOM   446  N N7    . A   A 1 21 ? -22.228 -2.357  -3.771  1.00 48.50  ? 33  A   X N7    1 
ATOM   447  C C5    . A   A 1 21 ? -21.900 -1.746  -2.569  1.00 48.52  ? 33  A   X C5    1 
ATOM   448  C C6    . A   A 1 21 ? -21.476 -0.443  -2.254  1.00 50.60  ? 33  A   X C6    1 
ATOM   449  N N6    . A   A 1 21 ? -21.299 0.519   -3.164  1.00 51.46  ? 33  A   X N6    1 
ATOM   450  N N1    . A   A 1 21 ? -21.237 -0.156  -0.955  1.00 51.89  ? 33  A   X N1    1 
ATOM   451  C C2    . A   A 1 21 ? -21.414 -1.121  -0.044  1.00 51.46  ? 33  A   X C2    1 
ATOM   452  N N3    . A   A 1 21 ? -21.811 -2.382  -0.216  1.00 49.57  ? 33  A   X N3    1 
ATOM   453  C C4    . A   A 1 21 ? -22.041 -2.632  -1.516  1.00 48.26  ? 33  A   X C4    1 
ATOM   454  P P     . U   A 1 22 ? -27.480 -5.378  -0.045  1.00 62.00  ? 34  U   X P     1 
ATOM   455  O OP1   . U   A 1 22 ? -28.358 -6.433  0.534   1.00 63.61  ? 34  U   X OP1   1 
ATOM   456  O OP2   . U   A 1 22 ? -27.852 -4.741  -1.335  1.00 61.35  ? 34  U   X OP2   1 
ATOM   457  O "O5'" . U   A 1 22 ? -27.282 -4.240  1.052   1.00 62.71  ? 34  U   X "O5'" 1 
ATOM   458  C "C5'" . U   A 1 22 ? -26.633 -4.524  2.306   1.00 62.63  ? 34  U   X "C5'" 1 
ATOM   459  C "C4'" . U   A 1 22 ? -25.874 -3.306  2.775   1.00 64.56  ? 34  U   X "C4'" 1 
ATOM   460  O "O4'" . U   A 1 22 ? -25.081 -2.777  1.679   1.00 63.65  ? 34  U   X "O4'" 1 
ATOM   461  C "C3'" . U   A 1 22 ? -26.737 -2.151  3.288   1.00 65.73  ? 34  U   X "C3'" 1 
ATOM   462  O "O3'" . U   A 1 22 ? -26.314 -1.713  4.572   1.00 68.91  ? 34  U   X "O3'" 1 
ATOM   463  C "C2'" . U   A 1 22 ? -26.547 -1.055  2.240   1.00 64.71  ? 34  U   X "C2'" 1 
ATOM   464  O "O2'" . U   A 1 22 ? -26.578 0.262   2.751   1.00 65.36  ? 34  U   X "O2'" 1 
ATOM   465  C "C1'" . U   A 1 22 ? -25.157 -1.371  1.698   1.00 64.40  ? 34  U   X "C1'" 1 
ATOM   466  N N1    . U   A 1 22 ? -24.975 -0.873  0.328   1.00 63.87  ? 34  U   X N1    1 
ATOM   467  C C2    . U   A 1 22 ? -24.468 0.405   0.172   1.00 65.03  ? 34  U   X C2    1 
ATOM   468  O O2    . U   A 1 22 ? -24.139 1.108   1.113   1.00 63.13  ? 34  U   X O2    1 
ATOM   469  N N3    . U   A 1 22 ? -24.347 0.821   -1.131  1.00 66.02  ? 34  U   X N3    1 
ATOM   470  C C4    . U   A 1 22 ? -24.687 0.118   -2.269  1.00 66.61  ? 34  U   X C4    1 
ATOM   471  O O4    . U   A 1 22 ? -24.518 0.634   -3.376  1.00 68.18  ? 34  U   X O4    1 
ATOM   472  C C5    . U   A 1 22 ? -25.218 -1.190  -2.023  1.00 65.09  ? 34  U   X C5    1 
ATOM   473  C C6    . U   A 1 22 ? -25.345 -1.627  -0.764  1.00 63.91  ? 34  U   X C6    1 
ATOM   474  P P     . A   A 1 23 ? -27.145 -2.140  5.865   1.00 74.83  ? 35  A   X P     1 
ATOM   475  O OP1   . A   A 1 23 ? -27.000 -3.612  6.042   1.00 74.90  ? 35  A   X OP1   1 
ATOM   476  O OP2   . A   A 1 23 ? -28.500 -1.538  5.763   1.00 74.95  ? 35  A   X OP2   1 
ATOM   477  O "O5'" . A   A 1 23 ? -26.365 -1.412  7.046   1.00 76.57  ? 35  A   X "O5'" 1 
ATOM   478  C "C5'" . A   A 1 23 ? -25.133 -1.953  7.557   1.00 79.47  ? 35  A   X "C5'" 1 
ATOM   479  C "C4'" . A   A 1 23 ? -24.518 -0.996  8.549   1.00 79.66  ? 35  A   X "C4'" 1 
ATOM   480  O "O4'" . A   A 1 23 ? -24.208 0.260   7.884   1.00 77.69  ? 35  A   X "O4'" 1 
ATOM   481  C "C3'" . A   A 1 23 ? -25.389 -0.644  9.758   1.00 79.27  ? 35  A   X "C3'" 1 
ATOM   482  O "O3'" . A   A 1 23 ? -24.613 -0.701  10.955  1.00 81.34  ? 35  A   X "O3'" 1 
ATOM   483  C "C2'" . A   A 1 23 ? -25.884 0.765   9.430   1.00 76.83  ? 35  A   X "C2'" 1 
ATOM   484  O "O2'" . A   A 1 23 ? -26.179 1.533   10.579  1.00 79.36  ? 35  A   X "O2'" 1 
ATOM   485  C "C1'" . A   A 1 23 ? -24.693 1.334   8.661   1.00 74.55  ? 35  A   X "C1'" 1 
ATOM   486  N N9    . A   A 1 23 ? -25.011 2.440   7.756   1.00 71.99  ? 35  A   X N9    1 
ATOM   487  C C8    . A   A 1 23 ? -25.305 2.362   6.417   1.00 71.19  ? 35  A   X C8    1 
ATOM   488  N N7    . A   A 1 23 ? -25.521 3.526   5.853   1.00 70.53  ? 35  A   X N7    1 
ATOM   489  C C5    . A   A 1 23 ? -25.350 4.434   6.887   1.00 72.03  ? 35  A   X C5    1 
ATOM   490  C C6    . A   A 1 23 ? -25.450 5.837   6.942   1.00 72.65  ? 35  A   X C6    1 
ATOM   491  N N6    . A   A 1 23 ? -25.753 6.599   5.889   1.00 72.87  ? 35  A   X N6    1 
ATOM   492  N N1    . A   A 1 23 ? -25.218 6.438   8.130   1.00 74.41  ? 35  A   X N1    1 
ATOM   493  C C2    . A   A 1 23 ? -24.912 5.672   9.187   1.00 74.82  ? 35  A   X C2    1 
ATOM   494  N N3    . A   A 1 23 ? -24.793 4.347   9.263   1.00 75.93  ? 35  A   X N3    1 
ATOM   495  C C4    . A   A 1 23 ? -25.028 3.781   8.064   1.00 73.84  ? 35  A   X C4    1 
ATOM   496  P P     . U   A 1 24 ? -24.507 -2.067  11.807  1.00 80.22  ? 36  U   X P     1 
ATOM   497  O OP1   . U   A 1 24 ? -25.877 -2.451  12.234  1.00 78.35  ? 36  U   X OP1   1 
ATOM   498  O OP2   . U   A 1 24 ? -23.444 -1.883  12.832  1.00 77.25  ? 36  U   X OP2   1 
ATOM   499  O "O5'" . U   A 1 24 ? -24.027 -3.143  10.730  1.00 79.03  ? 36  U   X "O5'" 1 
ATOM   500  C "C5'" . U   A 1 24 ? -22.663 -3.613  10.683  1.00 77.17  ? 36  U   X "C5'" 1 
ATOM   501  C "C4'" . U   A 1 24 ? -22.621 -5.115  10.483  1.00 75.21  ? 36  U   X "C4'" 1 
ATOM   502  O "O4'" . U   A 1 24 ? -23.722 -5.742  11.195  1.00 77.40  ? 36  U   X "O4'" 1 
ATOM   503  C "C3'" . U   A 1 24 ? -22.711 -5.610  9.039   1.00 73.36  ? 36  U   X "C3'" 1 
ATOM   504  O "O3'" . U   A 1 24 ? -21.782 -6.669  8.839   1.00 69.40  ? 36  U   X "O3'" 1 
ATOM   505  C "C2'" . U   A 1 24 ? -24.126 -6.175  8.944   1.00 74.26  ? 36  U   X "C2'" 1 
ATOM   506  O "O2'" . U   A 1 24 ? -24.230 -7.237  8.016   1.00 71.78  ? 36  U   X "O2'" 1 
ATOM   507  C "C1'" . U   A 1 24 ? -24.325 -6.706  10.360  1.00 77.50  ? 36  U   X "C1'" 1 
ATOM   508  N N1    . U   A 1 24 ? -25.730 -6.863  10.763  1.00 82.37  ? 36  U   X N1    1 
ATOM   509  C C2    . U   A 1 24 ? -26.275 -8.132  10.698  1.00 86.06  ? 36  U   X C2    1 
ATOM   510  O O2    . U   A 1 24 ? -25.649 -9.106  10.314  1.00 87.07  ? 36  U   X O2    1 
ATOM   511  N N3    . U   A 1 24 ? -27.587 -8.217  11.095  1.00 90.14  ? 36  U   X N3    1 
ATOM   512  C C4    . U   A 1 24 ? -28.394 -7.191  11.542  1.00 91.51  ? 36  U   X C4    1 
ATOM   513  O O4    . U   A 1 24 ? -29.559 -7.431  11.861  1.00 94.47  ? 36  U   X O4    1 
ATOM   514  C C5    . U   A 1 24 ? -27.754 -5.909  11.585  1.00 89.89  ? 36  U   X C5    1 
ATOM   515  C C6    . U   A 1 24 ? -26.476 -5.792  11.204  1.00 85.65  ? 36  U   X C6    1 
ATOM   516  P P     . G   A 1 25 ? -20.497 -6.443  7.920   1.00 64.68  ? 37  G   X P     1 
ATOM   517  O OP1   . G   A 1 25 ? -19.991 -7.778  7.512   1.00 63.78  ? 37  G   X OP1   1 
ATOM   518  O OP2   . G   A 1 25 ? -19.592 -5.497  8.622   1.00 62.88  ? 37  G   X OP2   1 
ATOM   519  O "O5'" . G   A 1 25 ? -21.099 -5.712  6.639   1.00 63.42  ? 37  G   X "O5'" 1 
ATOM   520  C "C5'" . G   A 1 25 ? -21.833 -6.443  5.638   1.00 61.25  ? 37  G   X "C5'" 1 
ATOM   521  C "C4'" . G   A 1 25 ? -22.096 -5.549  4.452   1.00 59.91  ? 37  G   X "C4'" 1 
ATOM   522  O "O4'" . G   A 1 25 ? -22.872 -4.405  4.893   1.00 59.23  ? 37  G   X "O4'" 1 
ATOM   523  C "C3'" . G   A 1 25 ? -20.854 -4.956  3.803   1.00 60.46  ? 37  G   X "C3'" 1 
ATOM   524  O "O3'" . G   A 1 25 ? -20.355 -5.813  2.785   1.00 60.29  ? 37  G   X "O3'" 1 
ATOM   525  C "C2'" . G   A 1 25 ? -21.374 -3.659  3.200   1.00 60.77  ? 37  G   X "C2'" 1 
ATOM   526  O "O2'" . G   A 1 25 ? -21.959 -3.842  1.929   1.00 60.95  ? 37  G   X "O2'" 1 
ATOM   527  C "C1'" . G   A 1 25 ? -22.430 -3.239  4.222   1.00 61.86  ? 37  G   X "C1'" 1 
ATOM   528  N N9    . G   A 1 25 ? -21.937 -2.292  5.219   1.00 64.64  ? 37  G   X N9    1 
ATOM   529  C C8    . G   A 1 25 ? -21.390 -2.586  6.444   1.00 64.70  ? 37  G   X C8    1 
ATOM   530  N N7    . G   A 1 25 ? -21.041 -1.524  7.119   1.00 66.78  ? 37  G   X N7    1 
ATOM   531  C C5    . G   A 1 25 ? -21.378 -0.464  6.290   1.00 68.11  ? 37  G   X C5    1 
ATOM   532  C C6    . G   A 1 25 ? -21.237 0.935   6.483   1.00 71.41  ? 37  G   X C6    1 
ATOM   533  O O6    . G   A 1 25 ? -20.772 1.536   7.460   1.00 71.92  ? 37  G   X O6    1 
ATOM   534  N N1    . G   A 1 25 ? -21.706 1.652   5.385   1.00 70.54  ? 37  G   X N1    1 
ATOM   535  C C2    . G   A 1 25 ? -22.246 1.099   4.250   1.00 68.84  ? 37  G   X C2    1 
ATOM   536  N N2    . G   A 1 25 ? -22.645 1.959   3.302   1.00 68.63  ? 37  G   X N2    1 
ATOM   537  N N3    . G   A 1 25 ? -22.385 -0.204  4.058   1.00 67.19  ? 37  G   X N3    1 
ATOM   538  C C4    . G   A 1 25 ? -21.933 -0.921  5.111   1.00 66.11  ? 37  G   X C4    1 
ATOM   539  P P     . G   A 1 26 ? -18.780 -6.059  2.656   1.00 61.71  ? 38  G   X P     1 
ATOM   540  O OP1   . G   A 1 26 ? -18.559 -7.075  1.590   1.00 60.45  ? 38  G   X OP1   1 
ATOM   541  O OP2   . G   A 1 26 ? -18.238 -6.290  4.020   1.00 61.65  ? 38  G   X OP2   1 
ATOM   542  O "O5'" . G   A 1 26 ? -18.234 -4.651  2.151   1.00 59.71  ? 38  G   X "O5'" 1 
ATOM   543  C "C5'" . G   A 1 26 ? -18.508 -4.199  0.817   1.00 58.63  ? 38  G   X "C5'" 1 
ATOM   544  C "C4'" . G   A 1 26 ? -18.006 -2.790  0.632   1.00 57.62  ? 38  G   X "C4'" 1 
ATOM   545  O "O4'" . G   A 1 26 ? -18.697 -1.896  1.539   1.00 57.06  ? 38  G   X "O4'" 1 
ATOM   546  C "C3'" . G   A 1 26 ? -16.545 -2.552  0.967   1.00 55.88  ? 38  G   X "C3'" 1 
ATOM   547  O "O3'" . G   A 1 26 ? -15.701 -2.961  -0.099  1.00 54.75  ? 38  G   X "O3'" 1 
ATOM   548  C "C2'" . G   A 1 26 ? -16.509 -1.039  1.149   1.00 55.81  ? 38  G   X "C2'" 1 
ATOM   549  O "O2'" . G   A 1 26 ? -16.377 -0.360  -0.082  1.00 54.62  ? 38  G   X "O2'" 1 
ATOM   550  C "C1'" . G   A 1 26 ? -17.875 -0.767  1.790   1.00 56.85  ? 38  G   X "C1'" 1 
ATOM   551  N N9    . G   A 1 26 ? -17.795 -0.563  3.233   1.00 56.54  ? 38  G   X N9    1 
ATOM   552  C C8    . G   A 1 26 ? -17.413 -1.489  4.175   1.00 56.72  ? 38  G   X C8    1 
ATOM   553  N N7    . G   A 1 26 ? -17.427 -1.017  5.393   1.00 55.75  ? 38  G   X N7    1 
ATOM   554  C C5    . G   A 1 26 ? -17.837 0.302   5.245   1.00 55.49  ? 38  G   X C5    1 
ATOM   555  C C6    . G   A 1 26 ? -18.034 1.315   6.217   1.00 55.78  ? 38  G   X C6    1 
ATOM   556  O O6    . G   A 1 26 ? -17.883 1.245   7.443   1.00 60.04  ? 38  G   X O6    1 
ATOM   557  N N1    . G   A 1 26 ? -18.452 2.507   5.635   1.00 53.39  ? 38  G   X N1    1 
ATOM   558  C C2    . G   A 1 26 ? -18.651 2.704   4.291   1.00 52.16  ? 38  G   X C2    1 
ATOM   559  N N2    . G   A 1 26 ? -19.053 3.930   3.926   1.00 51.44  ? 38  G   X N2    1 
ATOM   560  N N3    . G   A 1 26 ? -18.470 1.768   3.373   1.00 53.27  ? 38  G   X N3    1 
ATOM   561  C C4    . G   A 1 26 ? -18.064 0.600   3.918   1.00 55.20  ? 38  G   X C4    1 
ATOM   562  P P     . U   A 1 27 ? -14.161 -3.286  0.181   1.00 54.52  ? 39  U   X P     1 
ATOM   563  O OP1   . U   A 1 27 ? -13.871 -3.000  1.614   1.00 52.88  ? 39  U   X OP1   1 
ATOM   564  O OP2   . U   A 1 27 ? -13.352 -2.634  -0.884  1.00 53.01  ? 39  U   X OP2   1 
ATOM   565  O "O5'" . U   A 1 27 ? -14.099 -4.864  -0.012  1.00 50.12  ? 39  U   X "O5'" 1 
ATOM   566  C "C5'" . U   A 1 27 ? -14.959 -5.718  0.756   1.00 48.26  ? 39  U   X "C5'" 1 
ATOM   567  C "C4'" . U   A 1 27 ? -15.539 -6.783  -0.133  1.00 46.61  ? 39  U   X "C4'" 1 
ATOM   568  O "O4'" . U   A 1 27 ? -16.527 -6.196  -1.018  1.00 46.33  ? 39  U   X "O4'" 1 
ATOM   569  C "C3'" . U   A 1 27 ? -14.562 -7.419  -1.103  1.00 45.89  ? 39  U   X "C3'" 1 
ATOM   570  O "O3'" . U   A 1 27 ? -13.689 -8.347  -0.470  1.00 45.85  ? 39  U   X "O3'" 1 
ATOM   571  C "C2'" . U   A 1 27 ? -15.500 -8.020  -2.143  1.00 44.50  ? 39  U   X "C2'" 1 
ATOM   572  O "O2'" . U   A 1 27 ? -16.076 -9.250  -1.770  1.00 44.25  ? 39  U   X "O2'" 1 
ATOM   573  C "C1'" . U   A 1 27 ? -16.606 -6.968  -2.204  1.00 44.49  ? 39  U   X "C1'" 1 
ATOM   574  N N1    . U   A 1 27 ? -16.468 -6.071  -3.357  1.00 44.16  ? 39  U   X N1    1 
ATOM   575  C C2    . U   A 1 27 ? -17.016 -6.486  -4.559  1.00 44.50  ? 39  U   X C2    1 
ATOM   576  O O2    . U   A 1 27 ? -17.611 -7.543  -4.687  1.00 46.51  ? 39  U   X O2    1 
ATOM   577  N N3    . U   A 1 27 ? -16.851 -5.609  -5.600  1.00 43.05  ? 39  U   X N3    1 
ATOM   578  C C4    . U   A 1 27 ? -16.205 -4.393  -5.574  1.00 44.01  ? 39  U   X C4    1 
ATOM   579  O O4    . U   A 1 27 ? -16.143 -3.720  -6.602  1.00 45.65  ? 39  U   X O4    1 
ATOM   580  C C5    . U   A 1 27 ? -15.654 -4.038  -4.298  1.00 44.30  ? 39  U   X C5    1 
ATOM   581  C C6    . U   A 1 27 ? -15.801 -4.869  -3.260  1.00 43.78  ? 39  U   X C6    1 
ATOM   582  P P     . U   A 1 28 ? -12.144 -8.389  -0.900  1.00 46.39  ? 40  U   X P     1 
ATOM   583  O OP1   . U   A 1 28 ? -11.389 -9.111  0.156   1.00 44.44  ? 40  U   X OP1   1 
ATOM   584  O OP2   . U   A 1 28 ? -11.733 -7.011  -1.269  1.00 46.06  ? 40  U   X OP2   1 
ATOM   585  O "O5'" . U   A 1 28 ? -12.182 -9.245  -2.245  1.00 47.05  ? 40  U   X "O5'" 1 
ATOM   586  C "C5'" . U   A 1 28 ? -12.968 -10.451 -2.331  1.00 46.63  ? 40  U   X "C5'" 1 
ATOM   587  C "C4'" . U   A 1 28 ? -13.264 -10.788 -3.772  1.00 48.03  ? 40  U   X "C4'" 1 
ATOM   588  O "O4'" . U   A 1 28 ? -14.249 -9.866  -4.309  1.00 48.21  ? 40  U   X "O4'" 1 
ATOM   589  C "C3'" . U   A 1 28 ? -12.096 -10.660 -4.733  1.00 50.26  ? 40  U   X "C3'" 1 
ATOM   590  O "O3'" . U   A 1 28 ? -11.219 -11.775 -4.662  1.00 55.52  ? 40  U   X "O3'" 1 
ATOM   591  C "C2'" . U   A 1 28 ? -12.807 -10.540 -6.077  1.00 49.17  ? 40  U   X "C2'" 1 
ATOM   592  O "O2'" . U   A 1 28 ? -13.160 -11.779 -6.660  1.00 46.84  ? 40  U   X "O2'" 1 
ATOM   593  C "C1'" . U   A 1 28 ? -14.025 -9.693  -5.700  1.00 48.48  ? 40  U   X "C1'" 1 
ATOM   594  N N1    . U   A 1 28 ? -13.802 -8.265  -5.961  1.00 47.70  ? 40  U   X N1    1 
ATOM   595  C C2    . U   A 1 28 ? -14.239 -7.756  -7.170  1.00 46.87  ? 40  U   X C2    1 
ATOM   596  O O2    . U   A 1 28 ? -14.824 -8.431  -8.000  1.00 48.18  ? 40  U   X O2    1 
ATOM   597  N N3    . U   A 1 28 ? -13.976 -6.422  -7.360  1.00 45.50  ? 40  U   X N3    1 
ATOM   598  C C4    . U   A 1 28 ? -13.329 -5.565  -6.494  1.00 46.81  ? 40  U   X C4    1 
ATOM   599  O O4    . U   A 1 28 ? -13.175 -4.384  -6.810  1.00 46.91  ? 40  U   X O4    1 
ATOM   600  C C5    . U   A 1 28 ? -12.898 -6.168  -5.268  1.00 48.49  ? 40  U   X C5    1 
ATOM   601  C C6    . U   A 1 28 ? -13.138 -7.467  -5.052  1.00 49.05  ? 40  U   X C6    1 
ATOM   602  P P     . U   A 1 29 ? -9.701  -11.610 -5.127  1.00 61.81  ? 41  U   X P     1 
ATOM   603  O OP1   . U   A 1 29 ? -9.073  -12.970 -5.143  1.00 64.04  ? 41  U   X OP1   1 
ATOM   604  O OP2   . U   A 1 29 ? -9.084  -10.496 -4.332  1.00 62.68  ? 41  U   X OP2   1 
ATOM   605  O "O5'" . U   A 1 29 ? -9.855  -11.116 -6.644  1.00 60.84  ? 41  U   X "O5'" 1 
ATOM   606  C "C5'" . U   A 1 29 ? -8.680  -10.958 -7.459  1.00 62.40  ? 41  U   X "C5'" 1 
ATOM   607  C "C4'" . U   A 1 29 ? -9.094  -11.078 -8.898  1.00 64.84  ? 41  U   X "C4'" 1 
ATOM   608  O "O4'" . U   A 1 29 ? -10.371 -10.407 -9.073  1.00 64.26  ? 41  U   X "O4'" 1 
ATOM   609  C "C3'" . U   A 1 29 ? -8.142  -10.454 -9.906  1.00 65.76  ? 41  U   X "C3'" 1 
ATOM   610  O "O3'" . U   A 1 29 ? -7.261  -11.486 -10.334 1.00 64.72  ? 41  U   X "O3'" 1 
ATOM   611  C "C2'" . U   A 1 29 ? -9.081  -10.000 -11.019 1.00 65.15  ? 41  U   X "C2'" 1 
ATOM   612  O "O2'" . U   A 1 29 ? -9.396  -11.024 -11.943 1.00 65.75  ? 41  U   X "O2'" 1 
ATOM   613  C "C1'" . U   A 1 29 ? -10.333 -9.603  -10.233 1.00 64.50  ? 41  U   X "C1'" 1 
ATOM   614  N N1    . U   A 1 29 ? -10.391 -8.191  -9.822  1.00 63.23  ? 41  U   X N1    1 
ATOM   615  C C2    . U   A 1 29 ? -10.655 -7.243  -10.795 1.00 63.77  ? 41  U   X C2    1 
ATOM   616  O O2    . U   A 1 29 ? -10.823 -7.527  -11.969 1.00 68.32  ? 41  U   X O2    1 
ATOM   617  N N3    . U   A 1 29 ? -10.709 -5.950  -10.341 1.00 62.67  ? 41  U   X N3    1 
ATOM   618  C C4    . U   A 1 29 ? -10.537 -5.510  -9.046  1.00 62.76  ? 41  U   X C4    1 
ATOM   619  O O4    . U   A 1 29 ? -10.616 -4.306  -8.799  1.00 60.98  ? 41  U   X O4    1 
ATOM   620  C C5    . U   A 1 29 ? -10.275 -6.550  -8.096  1.00 64.45  ? 41  U   X C5    1 
ATOM   621  C C6    . U   A 1 29 ? -10.219 -7.823  -8.505  1.00 64.19  ? 41  U   X C6    1 
ATOM   622  P P     . G   A 1 30 ? -5.739  -11.158 -10.669 1.00 65.27  ? 42  G   X P     1 
ATOM   623  O OP1   . G   A 1 30 ? -4.999  -12.444 -10.713 1.00 65.38  ? 42  G   X OP1   1 
ATOM   624  O OP2   . G   A 1 30 ? -5.283  -10.078 -9.754  1.00 63.54  ? 42  G   X OP2   1 
ATOM   625  O "O5'" . G   A 1 30 ? -5.816  -10.602 -12.162 1.00 65.31  ? 42  G   X "O5'" 1 
ATOM   626  C "C5'" . G   A 1 30 ? -6.433  -11.391 -13.198 1.00 70.49  ? 42  G   X "C5'" 1 
ATOM   627  C "C4'" . G   A 1 30 ? -6.640  -10.574 -14.449 1.00 73.52  ? 42  G   X "C4'" 1 
ATOM   628  O "O4'" . G   A 1 30 ? -7.829  -9.743  -14.325 1.00 75.91  ? 42  G   X "O4'" 1 
ATOM   629  C "C3'" . G   A 1 30 ? -5.551  -9.570  -14.778 1.00 74.49  ? 42  G   X "C3'" 1 
ATOM   630  O "O3'" . G   A 1 30 ? -4.374  -10.159 -15.320 1.00 69.83  ? 42  G   X "O3'" 1 
ATOM   631  C "C2'" . G   A 1 30 ? -6.280  -8.646  -15.742 1.00 77.70  ? 42  G   X "C2'" 1 
ATOM   632  O "O2'" . G   A 1 30 ? -6.408  -9.191  -17.038 1.00 81.13  ? 42  G   X "O2'" 1 
ATOM   633  C "C1'" . G   A 1 30 ? -7.649  -8.542  -15.069 1.00 79.16  ? 42  G   X "C1'" 1 
ATOM   634  N N9    . G   A 1 30 ? -7.724  -7.406  -14.153 1.00 83.85  ? 42  G   X N9    1 
ATOM   635  C C8    . G   A 1 30 ? -7.605  -7.439  -12.784 1.00 85.39  ? 42  G   X C8    1 
ATOM   636  N N7    . G   A 1 30 ? -7.693  -6.260  -12.232 1.00 84.55  ? 42  G   X N7    1 
ATOM   637  C C5    . G   A 1 30 ? -7.866  -5.391  -13.301 1.00 83.57  ? 42  G   X C5    1 
ATOM   638  C C6    . G   A 1 30 ? -8.016  -3.979  -13.325 1.00 82.21  ? 42  G   X C6    1 
ATOM   639  O O6    . G   A 1 30 ? -8.035  -3.191  -12.373 1.00 83.45  ? 42  G   X O6    1 
ATOM   640  N N1    . G   A 1 30 ? -8.166  -3.503  -14.624 1.00 79.54  ? 42  G   X N1    1 
ATOM   641  C C2    . G   A 1 30 ? -8.165  -4.280  -15.756 1.00 77.52  ? 42  G   X C2    1 
ATOM   642  N N2    . G   A 1 30 ? -8.319  -3.631  -16.920 1.00 73.90  ? 42  G   X N2    1 
ATOM   643  N N3    . G   A 1 30 ? -8.026  -5.597  -15.748 1.00 80.78  ? 42  G   X N3    1 
ATOM   644  C C4    . G   A 1 30 ? -7.883  -6.082  -14.496 1.00 84.17  ? 42  G   X C4    1 
ATOM   645  P P     . G   A 1 31 ? -2.939  -9.547  -14.949 1.00 63.51  ? 43  G   X P     1 
ATOM   646  O OP1   . G   A 1 31 ? -1.901  -10.430 -15.537 1.00 67.96  ? 43  G   X OP1   1 
ATOM   647  O OP2   . G   A 1 31 ? -2.918  -9.266  -13.492 1.00 66.88  ? 43  G   X OP2   1 
ATOM   648  O "O5'" . G   A 1 31 ? -2.920  -8.165  -15.742 1.00 60.23  ? 43  G   X "O5'" 1 
ATOM   649  C "C5'" . G   A 1 31 ? -3.144  -8.144  -17.165 1.00 59.56  ? 43  G   X "C5'" 1 
ATOM   650  C "C4'" . G   A 1 31 ? -3.420  -6.739  -17.656 1.00 57.70  ? 43  G   X "C4'" 1 
ATOM   651  O "O4'" . G   A 1 31 ? -4.672  -6.228  -17.108 1.00 54.40  ? 43  G   X "O4'" 1 
ATOM   652  C "C3'" . G   A 1 31 ? -2.423  -5.666  -17.255 1.00 56.34  ? 43  G   X "C3'" 1 
ATOM   653  O "O3'" . G   A 1 31 ? -1.114  -5.761  -17.814 1.00 57.42  ? 43  G   X "O3'" 1 
ATOM   654  C "C2'" . G   A 1 31 ? -3.231  -4.411  -17.553 1.00 53.83  ? 43  G   X "C2'" 1 
ATOM   655  O "O2'" . G   A 1 31 ? -3.365  -4.114  -18.930 1.00 53.30  ? 43  G   X "O2'" 1 
ATOM   656  C "C1'" . G   A 1 31 ? -4.585  -4.813  -16.967 1.00 51.94  ? 43  G   X "C1'" 1 
ATOM   657  N N9    . G   A 1 31 ? -4.672  -4.484  -15.546 1.00 50.36  ? 43  G   X N9    1 
ATOM   658  C C8    . G   A 1 31 ? -4.723  -5.366  -14.492 1.00 50.08  ? 43  G   X C8    1 
ATOM   659  N N7    . G   A 1 31 ? -4.763  -4.772  -13.329 1.00 48.34  ? 43  G   X N7    1 
ATOM   660  C C5    . G   A 1 31 ? -4.723  -3.419  -13.633 1.00 47.09  ? 43  G   X C5    1 
ATOM   661  C C6    . G   A 1 31 ? -4.736  -2.283  -12.780 1.00 45.90  ? 43  G   X C6    1 
ATOM   662  O O6    . G   A 1 31 ? -4.787  -2.247  -11.546 1.00 45.19  ? 43  G   X O6    1 
ATOM   663  N N1    . G   A 1 31 ? -4.678  -1.097  -13.506 1.00 46.26  ? 43  G   X N1    1 
ATOM   664  C C2    . G   A 1 31 ? -4.617  -1.011  -14.875 1.00 46.47  ? 43  G   X C2    1 
ATOM   665  N N2    . G   A 1 31 ? -4.560  0.226   -15.390 1.00 45.21  ? 43  G   X N2    1 
ATOM   666  N N3    . G   A 1 31 ? -4.598  -2.061  -15.681 1.00 46.54  ? 43  G   X N3    1 
ATOM   667  C C4    . G   A 1 31 ? -4.658  -3.224  -14.997 1.00 47.96  ? 43  G   X C4    1 
ATOM   668  P P     . G   A 1 32 ? 0.169   -5.396  -16.898 1.00 59.42  ? 44  G   X P     1 
ATOM   669  O OP1   . G   A 1 32 ? 1.360   -6.077  -17.472 1.00 59.90  ? 44  G   X OP1   1 
ATOM   670  O OP2   . G   A 1 32 ? -0.188  -5.630  -15.470 1.00 56.06  ? 44  G   X OP2   1 
ATOM   671  O "O5'" . G   A 1 32 ? 0.324   -3.825  -17.115 1.00 57.39  ? 44  G   X "O5'" 1 
ATOM   672  C "C5'" . G   A 1 32 ? 0.032   -3.223  -18.396 1.00 54.93  ? 44  G   X "C5'" 1 
ATOM   673  C "C4'" . G   A 1 32 ? -0.350  -1.766  -18.238 1.00 54.12  ? 44  G   X "C4'" 1 
ATOM   674  O "O4'" . G   A 1 32 ? -1.568  -1.650  -17.458 1.00 55.00  ? 44  G   X "O4'" 1 
ATOM   675  C "C3'" . G   A 1 32 ? 0.655   -0.880  -17.518 1.00 52.31  ? 44  G   X "C3'" 1 
ATOM   676  O "O3'" . G   A 1 32 ? 1.623   -0.386  -18.427 1.00 50.55  ? 44  G   X "O3'" 1 
ATOM   677  C "C2'" . G   A 1 32 ? -0.222  0.256   -17.011 1.00 52.47  ? 44  G   X "C2'" 1 
ATOM   678  O "O2'" . G   A 1 32 ? -0.476  1.264   -17.970 1.00 51.28  ? 44  G   X "O2'" 1 
ATOM   679  C "C1'" . G   A 1 32 ? -1.499  -0.496  -16.637 1.00 53.12  ? 44  G   X "C1'" 1 
ATOM   680  N N9    . G   A 1 32 ? -1.516  -0.925  -15.243 1.00 52.98  ? 44  G   X N9    1 
ATOM   681  C C8    . G   A 1 32 ? -1.523  -2.214  -14.766 1.00 53.03  ? 44  G   X C8    1 
ATOM   682  N N7    . G   A 1 32 ? -1.544  -2.279  -13.463 1.00 54.91  ? 44  G   X N7    1 
ATOM   683  C C5    . G   A 1 32 ? -1.541  -0.952  -13.053 1.00 54.27  ? 44  G   X C5    1 
ATOM   684  C C6    . G   A 1 32 ? -1.558  -0.394  -11.751 1.00 55.25  ? 44  G   X C6    1 
ATOM   685  O O6    . G   A 1 32 ? -1.577  -0.980  -10.662 1.00 57.29  ? 44  G   X O6    1 
ATOM   686  N N1    . G   A 1 32 ? -1.548  0.997   -11.792 1.00 54.82  ? 44  G   X N1    1 
ATOM   687  C C2    . G   A 1 32 ? -1.530  1.754   -12.937 1.00 54.27  ? 44  G   X C2    1 
ATOM   688  N N2    . G   A 1 32 ? -1.524  3.084   -12.770 1.00 54.65  ? 44  G   X N2    1 
ATOM   689  N N3    . G   A 1 32 ? -1.515  1.246   -14.157 1.00 53.46  ? 44  G   X N3    1 
ATOM   690  C C4    . G   A 1 32 ? -1.521  -0.105  -14.141 1.00 53.52  ? 44  G   X C4    1 
ATOM   691  P P     . A   A 1 33 ? 3.130   -0.216  -17.960 1.00 48.97  ? 45  A   X P     1 
ATOM   692  O OP1   . A   A 1 33 ? 3.949   0.034   -19.173 1.00 52.39  ? 45  A   X OP1   1 
ATOM   693  O OP2   . A   A 1 33 ? 3.475   -1.352  -17.065 1.00 48.40  ? 45  A   X OP2   1 
ATOM   694  O "O5'" . A   A 1 33 ? 3.078   1.120   -17.098 1.00 47.54  ? 45  A   X "O5'" 1 
ATOM   695  C "C5'" . A   A 1 33 ? 3.024   2.400   -17.747 1.00 45.03  ? 45  A   X "C5'" 1 
ATOM   696  C "C4'" . A   A 1 33 ? 2.628   3.456   -16.751 1.00 43.72  ? 45  A   X "C4'" 1 
ATOM   697  O "O4'" . A   A 1 33 ? 1.542   2.957   -15.935 1.00 43.34  ? 45  A   X "O4'" 1 
ATOM   698  C "C3'" . A   A 1 33 ? 3.701   3.830   -15.739 1.00 43.19  ? 45  A   X "C3'" 1 
ATOM   699  O "O3'" . A   A 1 33 ? 4.563   4.806   -16.313 1.00 45.58  ? 45  A   X "O3'" 1 
ATOM   700  C "C2'" . A   A 1 33 ? 2.873   4.405   -14.595 1.00 42.73  ? 45  A   X "C2'" 1 
ATOM   701  O "O2'" . A   A 1 33 ? 2.525   5.764   -14.766 1.00 41.80  ? 45  A   X "O2'" 1 
ATOM   702  C "C1'" . A   A 1 33 ? 1.608   3.545   -14.651 1.00 42.61  ? 45  A   X "C1'" 1 
ATOM   703  N N9    . A   A 1 33 ? 1.574   2.473   -13.658 1.00 42.58  ? 45  A   X N9    1 
ATOM   704  C C8    . A   A 1 33 ? 1.571   1.122   -13.897 1.00 43.05  ? 45  A   X C8    1 
ATOM   705  N N7    . A   A 1 33 ? 1.525   0.391   -12.810 1.00 42.50  ? 45  A   X N7    1 
ATOM   706  C C5    . A   A 1 33 ? 1.503   1.324   -11.783 1.00 41.17  ? 45  A   X C5    1 
ATOM   707  C C6    . A   A 1 33 ? 1.450   1.188   -10.387 1.00 39.54  ? 45  A   X C6    1 
ATOM   708  N N6    . A   A 1 33 ? 1.421   0.010   -9.760  1.00 38.63  ? 45  A   X N6    1 
ATOM   709  N N1    . A   A 1 33 ? 1.437   2.319   -9.645  1.00 38.76  ? 45  A   X N1    1 
ATOM   710  C C2    . A   A 1 33 ? 1.467   3.500   -10.278 1.00 40.66  ? 45  A   X C2    1 
ATOM   711  N N3    . A   A 1 33 ? 1.510   3.756   -11.584 1.00 40.15  ? 45  A   X N3    1 
ATOM   712  C C4    . A   A 1 33 ? 1.529   2.612   -12.290 1.00 41.89  ? 45  A   X C4    1 
ATOM   713  P P     . G   A 1 34 ? 6.151   4.717   -16.103 1.00 46.15  ? 46  G   X P     1 
ATOM   714  O OP1   . G   A 1 34 ? 6.791   5.747   -16.971 1.00 46.11  ? 46  G   X OP1   1 
ATOM   715  O OP2   . G   A 1 34 ? 6.547   3.292   -16.221 1.00 45.75  ? 46  G   X OP2   1 
ATOM   716  O "O5'" . G   A 1 34 ? 6.352   5.158   -14.588 1.00 45.07  ? 46  G   X "O5'" 1 
ATOM   717  C "C5'" . G   A 1 34 ? 5.892   6.436   -14.114 1.00 45.89  ? 46  G   X "C5'" 1 
ATOM   718  C "C4'" . G   A 1 34 ? 5.763   6.398   -12.612 1.00 47.43  ? 46  G   X "C4'" 1 
ATOM   719  O "O4'" . G   A 1 34 ? 4.714   5.468   -12.251 1.00 47.09  ? 46  G   X "O4'" 1 
ATOM   720  C "C3'" . G   A 1 34 ? 6.989   5.898   -11.866 1.00 48.21  ? 46  G   X "C3'" 1 
ATOM   721  O "O3'" . G   A 1 34 ? 7.897   6.975   -11.651 1.00 50.10  ? 46  G   X "O3'" 1 
ATOM   722  C "C2'" . G   A 1 34 ? 6.393   5.375   -10.563 1.00 48.84  ? 46  G   X "C2'" 1 
ATOM   723  O "O2'" . G   A 1 34 ? 6.230   6.362   -9.563  1.00 48.19  ? 46  G   X "O2'" 1 
ATOM   724  C "C1'" . G   A 1 34 ? 5.034   4.838   -11.025 1.00 49.04  ? 46  G   X "C1'" 1 
ATOM   725  N N9    . G   A 1 34 ? 5.004   3.394   -11.234 1.00 50.85  ? 46  G   X N9    1 
ATOM   726  C C8    . G   A 1 34 ? 5.206   2.730   -12.419 1.00 52.32  ? 46  G   X C8    1 
ATOM   727  N N7    . G   A 1 34 ? 5.112   1.433   -12.303 1.00 54.24  ? 46  G   X N7    1 
ATOM   728  C C5    . G   A 1 34 ? 4.831   1.228   -10.959 1.00 55.11  ? 46  G   X C5    1 
ATOM   729  C C6    . G   A 1 34 ? 4.622   0.023   -10.237 1.00 56.87  ? 46  G   X C6    1 
ATOM   730  O O6    . G   A 1 34 ? 4.641   -1.141  -10.657 1.00 59.83  ? 46  G   X O6    1 
ATOM   731  N N1    . G   A 1 34 ? 4.359   0.271   -8.893  1.00 55.13  ? 46  G   X N1    1 
ATOM   732  C C2    . G   A 1 34 ? 4.302   1.516   -8.317  1.00 54.93  ? 46  G   X C2    1 
ATOM   733  N N2    . G   A 1 34 ? 4.036   1.549   -7.003  1.00 55.42  ? 46  G   X N2    1 
ATOM   734  N N3    . G   A 1 34 ? 4.501   2.647   -8.977  1.00 55.65  ? 46  G   X N3    1 
ATOM   735  C C4    . G   A 1 34 ? 4.758   2.428   -10.286 1.00 53.83  ? 46  G   X C4    1 
ATOM   736  P P     . U   A 1 35 ? 9.221   7.112   -12.546 1.00 51.54  ? 47  U   X P     1 
ATOM   737  O OP1   . U   A 1 35 ? 9.517   8.556   -12.723 1.00 51.49  ? 47  U   X OP1   1 
ATOM   738  O OP2   . U   A 1 35 ? 9.078   6.236   -13.738 1.00 53.70  ? 47  U   X OP2   1 
ATOM   739  O "O5'" . U   A 1 35 ? 10.348  6.487   -11.614 1.00 54.23  ? 47  U   X "O5'" 1 
ATOM   740  C "C5'" . U   A 1 35 ? 10.561  6.970   -10.276 1.00 57.29  ? 47  U   X "C5'" 1 
ATOM   741  C "C4'" . U   A 1 35 ? 11.630  6.148   -9.601  1.00 60.97  ? 47  U   X "C4'" 1 
ATOM   742  O "O4'" . U   A 1 35 ? 11.088  4.852   -9.231  1.00 64.04  ? 47  U   X "O4'" 1 
ATOM   743  C "C3'" . U   A 1 35 ? 12.876  5.885   -10.442 1.00 63.09  ? 47  U   X "C3'" 1 
ATOM   744  O "O3'" . U   A 1 35 ? 14.042  6.195   -9.689  1.00 66.28  ? 47  U   X "O3'" 1 
ATOM   745  C "C2'" . U   A 1 35 ? 12.752  4.413   -10.841 1.00 63.36  ? 47  U   X "C2'" 1 
ATOM   746  O "O2'" . U   A 1 35 ? 13.997  3.756   -10.940 1.00 62.36  ? 47  U   X "O2'" 1 
ATOM   747  C "C1'" . U   A 1 35 ? 11.956  3.828   -9.675  1.00 65.21  ? 47  U   X "C1'" 1 
ATOM   748  N N1    . U   A 1 35 ? 11.145  2.654   -10.036 1.00 66.90  ? 47  U   X N1    1 
ATOM   749  C C2    . U   A 1 35 ? 11.449  1.448   -9.427  1.00 68.48  ? 47  U   X C2    1 
ATOM   750  O O2    . U   A 1 35 ? 12.352  1.324   -8.618  1.00 73.66  ? 47  U   X O2    1 
ATOM   751  N N3    . U   A 1 35 ? 10.651  0.395   -9.804  1.00 67.22  ? 47  U   X N3    1 
ATOM   752  C C4    . U   A 1 35 ? 9.606   0.417   -10.706 1.00 67.48  ? 47  U   X C4    1 
ATOM   753  O O4    . U   A 1 35 ? 8.985   -0.621  -10.942 1.00 66.14  ? 47  U   X O4    1 
ATOM   754  C C5    . U   A 1 35 ? 9.355   1.700   -11.293 1.00 67.28  ? 47  U   X C5    1 
ATOM   755  C C6    . U   A 1 35 ? 10.113  2.748   -10.945 1.00 67.65  ? 47  U   X C6    1 
ATOM   756  P P     . U   A 1 36 ? 14.792  7.592   -9.919  1.00 68.86  ? 48  U   X P     1 
ATOM   757  O OP1   . U   A 1 36 ? 15.586  7.898   -8.701  1.00 69.82  ? 48  U   X OP1   1 
ATOM   758  O OP2   . U   A 1 36 ? 13.798  8.580   -10.416 1.00 69.48  ? 48  U   X OP2   1 
ATOM   759  O "O5'" . U   A 1 36 ? 15.805  7.261   -11.103 1.00 68.39  ? 48  U   X "O5'" 1 
ATOM   760  C "C5'" . U   A 1 36 ? 16.748  6.178   -10.993 1.00 65.47  ? 48  U   X "C5'" 1 
ATOM   761  C "C4'" . U   A 1 36 ? 17.199  5.752   -12.369 1.00 63.17  ? 48  U   X "C4'" 1 
ATOM   762  O "O4'" . U   A 1 36 ? 18.279  6.615   -12.817 1.00 62.86  ? 48  U   X "O4'" 1 
ATOM   763  C "C3'" . U   A 1 36 ? 17.718  4.320   -12.497 1.00 60.87  ? 48  U   X "C3'" 1 
ATOM   764  O "O3'" . U   A 1 36 ? 17.280  3.776   -13.733 1.00 58.22  ? 48  U   X "O3'" 1 
ATOM   765  C "C2'" . U   A 1 36 ? 19.229  4.506   -12.578 1.00 61.79  ? 48  U   X "C2'" 1 
ATOM   766  O "O2'" . U   A 1 36 ? 19.871  3.493   -13.323 1.00 63.26  ? 48  U   X "O2'" 1 
ATOM   767  C "C1'" . U   A 1 36 ? 19.316  5.821   -13.343 1.00 60.77  ? 48  U   X "C1'" 1 
ATOM   768  N N1    . U   A 1 36 ? 20.581  6.544   -13.177 1.00 58.11  ? 48  U   X N1    1 
ATOM   769  C C2    . U   A 1 36 ? 21.042  7.271   -14.256 1.00 58.48  ? 48  U   X C2    1 
ATOM   770  O O2    . U   A 1 36 ? 20.454  7.322   -15.322 1.00 60.82  ? 48  U   X O2    1 
ATOM   771  N N3    . U   A 1 36 ? 22.224  7.934   -14.041 1.00 58.36  ? 48  U   X N3    1 
ATOM   772  C C4    . U   A 1 36 ? 22.976  7.947   -12.887 1.00 59.14  ? 48  U   X C4    1 
ATOM   773  O O4    . U   A 1 36 ? 24.024  8.595   -12.854 1.00 58.04  ? 48  U   X O4    1 
ATOM   774  C C5    . U   A 1 36 ? 22.430  7.174   -11.812 1.00 59.70  ? 48  U   X C5    1 
ATOM   775  C C6    . U   A 1 36 ? 21.275  6.519   -11.988 1.00 58.36  ? 48  U   X C6    1 
ATOM   776  P P     . U   A 1 37 ? 15.801  3.206   -13.871 1.00 56.97  ? 49  U   X P     1 
ATOM   777  O OP1   . U   A 1 37 ? 15.614  2.740   -15.269 1.00 58.46  ? 49  U   X OP1   1 
ATOM   778  O OP2   . U   A 1 37 ? 14.869  4.216   -13.310 1.00 57.17  ? 49  U   X OP2   1 
ATOM   779  O "O5'" . U   A 1 37 ? 15.829  1.932   -12.915 1.00 55.99  ? 49  U   X "O5'" 1 
ATOM   780  C "C5'" . U   A 1 37 ? 16.940  1.014   -12.925 1.00 54.57  ? 49  U   X "C5'" 1 
ATOM   781  C "C4'" . U   A 1 37 ? 16.674  -0.146  -11.994 1.00 53.05  ? 49  U   X "C4'" 1 
ATOM   782  O "O4'" . U   A 1 37 ? 17.053  0.224   -10.639 1.00 49.18  ? 49  U   X "O4'" 1 
ATOM   783  C "C3'" . U   A 1 37 ? 15.223  -0.614  -11.925 1.00 53.87  ? 49  U   X "C3'" 1 
ATOM   784  O "O3'" . U   A 1 37 ? 15.106  -2.034  -11.963 1.00 58.32  ? 49  U   X "O3'" 1 
ATOM   785  C "C2'" . U   A 1 37 ? 14.724  -0.027  -10.608 1.00 51.51  ? 49  U   X "C2'" 1 
ATOM   786  O "O2'" . U   A 1 37 ? 13.675  -0.788  -10.048 1.00 51.09  ? 49  U   X "O2'" 1 
ATOM   787  C "C1'" . U   A 1 37 ? 15.991  -0.068  -9.755  1.00 49.47  ? 49  U   X "C1'" 1 
ATOM   788  N N1    . U   A 1 37 ? 16.011  0.924   -8.669  1.00 48.88  ? 49  U   X N1    1 
ATOM   789  C C2    . U   A 1 37 ? 16.189  0.466   -7.375  1.00 47.38  ? 49  U   X C2    1 
ATOM   790  O O2    . U   A 1 37 ? 16.328  -0.711  -7.099  1.00 47.28  ? 49  U   X O2    1 
ATOM   791  N N3    . U   A 1 37 ? 16.196  1.446   -6.415  1.00 46.87  ? 49  U   X N3    1 
ATOM   792  C C4    . U   A 1 37 ? 16.050  2.802   -6.603  1.00 48.89  ? 49  U   X C4    1 
ATOM   793  O O4    . U   A 1 37 ? 16.086  3.556   -5.629  1.00 52.56  ? 49  U   X O4    1 
ATOM   794  C C5    . U   A 1 37 ? 15.873  3.198   -7.967  1.00 47.15  ? 49  U   X C5    1 
ATOM   795  C C6    . U   A 1 37 ? 15.860  2.268   -8.930  1.00 47.74  ? 49  U   X C6    1 
ATOM   796  P P     . C   A 1 38 ? 13.858  -2.706  -12.710 1.00 62.98  ? 50  C   X P     1 
ATOM   797  O OP1   . C   A 1 38 ? 14.114  -2.651  -14.174 1.00 64.26  ? 50  C   X OP1   1 
ATOM   798  O OP2   . C   A 1 38 ? 12.617  -2.105  -12.162 1.00 65.70  ? 50  C   X OP2   1 
ATOM   799  O "O5'" . C   A 1 38 ? 13.880  -4.213  -12.190 1.00 59.16  ? 50  C   X "O5'" 1 
ATOM   800  C "C5'" . C   A 1 38 ? 14.941  -5.128  -12.523 1.00 52.82  ? 50  C   X "C5'" 1 
ATOM   801  C "C4'" . C   A 1 38 ? 14.919  -6.304  -11.575 1.00 49.02  ? 50  C   X "C4'" 1 
ATOM   802  O "O4'" . C   A 1 38 ? 15.727  -5.985  -10.409 1.00 45.34  ? 50  C   X "O4'" 1 
ATOM   803  C "C3'" . C   A 1 38 ? 13.553  -6.653  -11.001 1.00 49.13  ? 50  C   X "C3'" 1 
ATOM   804  O "O3'" . C   A 1 38 ? 12.762  -7.496  -11.832 1.00 50.20  ? 50  C   X "O3'" 1 
ATOM   805  C "C2'" . C   A 1 38 ? 13.921  -7.348  -9.698  1.00 46.96  ? 50  C   X "C2'" 1 
ATOM   806  O "O2'" . C   A 1 38 ? 14.286  -8.697  -9.876  1.00 47.17  ? 50  C   X "O2'" 1 
ATOM   807  C "C1'" . C   A 1 38 ? 15.122  -6.521  -9.244  1.00 45.48  ? 50  C   X "C1'" 1 
ATOM   808  N N1    . C   A 1 38 ? 14.757  -5.411  -8.348  1.00 44.68  ? 50  C   X N1    1 
ATOM   809  C C2    . C   A 1 38 ? 14.356  -5.703  -7.037  1.00 44.08  ? 50  C   X C2    1 
ATOM   810  O O2    . C   A 1 38 ? 14.320  -6.887  -6.669  1.00 44.52  ? 50  C   X O2    1 
ATOM   811  N N3    . C   A 1 38 ? 14.020  -4.688  -6.208  1.00 43.10  ? 50  C   X N3    1 
ATOM   812  C C4    . C   A 1 38 ? 14.069  -3.426  -6.644  1.00 43.47  ? 50  C   X C4    1 
ATOM   813  N N4    . C   A 1 38 ? 13.729  -2.456  -5.793  1.00 42.97  ? 50  C   X N4    1 
ATOM   814  C C5    . C   A 1 38 ? 14.470  -3.102  -7.975  1.00 44.13  ? 50  C   X C5    1 
ATOM   815  C C6    . C   A 1 38 ? 14.803  -4.115  -8.784  1.00 43.64  ? 50  C   X C6    1 
ATOM   816  P P     . U   A 1 39 ? 11.197  -7.205  -11.984 1.00 50.30  ? 51  U   X P     1 
ATOM   817  O OP1   . U   A 1 39 ? 10.622  -8.225  -12.899 1.00 51.85  ? 51  U   X OP1   1 
ATOM   818  O OP2   . U   A 1 39 ? 11.033  -5.760  -12.296 1.00 50.35  ? 51  U   X OP2   1 
ATOM   819  O "O5'" . U   A 1 39 ? 10.635  -7.480  -10.522 1.00 47.70  ? 51  U   X "O5'" 1 
ATOM   820  C "C5'" . U   A 1 39 ? 10.174  -8.787  -10.139 1.00 48.94  ? 51  U   X "C5'" 1 
ATOM   821  C "C4'" . U   A 1 39 ? 10.115  -8.891  -8.635  1.00 49.43  ? 51  U   X "C4'" 1 
ATOM   822  O "O4'" . U   A 1 39 ? 11.196  -8.105  -8.062  1.00 51.34  ? 51  U   X "O4'" 1 
ATOM   823  C "C3'" . U   A 1 39 ? 8.847   -8.355  -7.988  1.00 48.13  ? 51  U   X "C3'" 1 
ATOM   824  O "O3'" . U   A 1 39 ? 7.867   -9.377  -7.876  1.00 47.52  ? 51  U   X "O3'" 1 
ATOM   825  C "C2'" . U   A 1 39 ? 9.334   -7.958  -6.602  1.00 50.20  ? 51  U   X "C2'" 1 
ATOM   826  O "O2'" . U   A 1 39 ? 9.372   -9.046  -5.698  1.00 51.74  ? 51  U   X "O2'" 1 
ATOM   827  C "C1'" . U   A 1 39 ? 10.735  -7.425  -6.908  1.00 50.80  ? 51  U   X "C1'" 1 
ATOM   828  N N1    . U   A 1 39 ? 10.775  -5.979  -7.170  1.00 50.64  ? 51  U   X N1    1 
ATOM   829  C C2    . U   A 1 39 ? 10.542  -5.129  -6.105  1.00 51.30  ? 51  U   X C2    1 
ATOM   830  O O2    . U   A 1 39 ? 10.311  -5.530  -4.976  1.00 51.65  ? 51  U   X O2    1 
ATOM   831  N N3    . U   A 1 39 ? 10.588  -3.792  -6.414  1.00 51.98  ? 51  U   X N3    1 
ATOM   832  C C4    . U   A 1 39 ? 10.836  -3.226  -7.648  1.00 51.57  ? 51  U   X C4    1 
ATOM   833  O O4    . U   A 1 39 ? 10.842  -1.999  -7.763  1.00 51.33  ? 51  U   X O4    1 
ATOM   834  C C5    . U   A 1 39 ? 11.066  -4.170  -8.699  1.00 50.90  ? 51  U   X C5    1 
ATOM   835  C C6    . U   A 1 39 ? 11.029  -5.481  -8.431  1.00 50.24  ? 51  U   X C6    1 
ATOM   836  P P     . A   A 1 40 ? 6.309   -9.015  -7.955  1.00 47.74  ? 52  A   X P     1 
ATOM   837  O OP1   . A   A 1 40 ? 5.537   -10.284 -7.932  1.00 47.79  ? 52  A   X OP1   1 
ATOM   838  O OP2   . A   A 1 40 ? 6.113   -8.065  -9.077  1.00 48.53  ? 52  A   X OP2   1 
ATOM   839  O "O5'" . A   A 1 40 ? 6.048   -8.245  -6.585  1.00 45.80  ? 52  A   X "O5'" 1 
ATOM   840  C "C5'" . A   A 1 40 ? 5.998   -8.945  -5.328  1.00 43.82  ? 52  A   X "C5'" 1 
ATOM   841  C "C4'" . A   A 1 40 ? 5.932   -7.957  -4.190  1.00 42.15  ? 52  A   X "C4'" 1 
ATOM   842  O "O4'" . A   A 1 40 ? 7.087   -7.078  -4.260  1.00 43.02  ? 52  A   X "O4'" 1 
ATOM   843  C "C3'" . A   A 1 40 ? 4.729   -7.019  -4.201  1.00 41.37  ? 52  A   X "C3'" 1 
ATOM   844  O "O3'" . A   A 1 40 ? 3.593   -7.601  -3.576  1.00 39.89  ? 52  A   X "O3'" 1 
ATOM   845  C "C2'" . A   A 1 40 ? 5.265   -5.807  -3.452  1.00 42.69  ? 52  A   X "C2'" 1 
ATOM   846  O "O2'" . A   A 1 40 ? 5.308   -5.980  -2.051  1.00 41.56  ? 52  A   X "O2'" 1 
ATOM   847  C "C1'" . A   A 1 40 ? 6.695   -5.742  -3.985  1.00 44.35  ? 52  A   X "C1'" 1 
ATOM   848  N N9    . A   A 1 40 ? 6.857   -4.948  -5.207  1.00 46.45  ? 52  A   X N9    1 
ATOM   849  C C8    . A   A 1 40 ? 6.952   -5.410  -6.497  1.00 47.77  ? 52  A   X C8    1 
ATOM   850  N N7    . A   A 1 40 ? 7.103   -4.461  -7.389  1.00 49.87  ? 52  A   X N7    1 
ATOM   851  C C5    . A   A 1 40 ? 7.112   -3.294  -6.637  1.00 49.75  ? 52  A   X C5    1 
ATOM   852  C C6    . A   A 1 40 ? 7.242   -1.940  -6.993  1.00 50.26  ? 52  A   X C6    1 
ATOM   853  N N6    . A   A 1 40 ? 7.392   -1.516  -8.250  1.00 49.56  ? 52  A   X N6    1 
ATOM   854  N N1    . A   A 1 40 ? 7.213   -1.023  -6.001  1.00 51.01  ? 52  A   X N1    1 
ATOM   855  C C2    . A   A 1 40 ? 7.055   -1.448  -4.741  1.00 50.42  ? 52  A   X C2    1 
ATOM   856  N N3    . A   A 1 40 ? 6.925   -2.692  -4.281  1.00 50.97  ? 52  A   X N3    1 
ATOM   857  C C4    . A   A 1 40 ? 6.963   -3.580  -5.291  1.00 49.14  ? 52  A   X C4    1 
ATOM   858  P P     . C   A 1 41 ? 2.228   -7.807  -4.404  1.00 39.57  ? 53  C   X P     1 
ATOM   859  O OP1   . C   A 1 41 ? 1.468   -8.906  -3.755  1.00 37.92  ? 53  C   X OP1   1 
ATOM   860  O OP2   . C   A 1 41 ? 2.555   -7.892  -5.853  1.00 39.29  ? 53  C   X OP2   1 
ATOM   861  O "O5'" . C   A 1 41 ? 1.467   -6.422  -4.206  1.00 40.69  ? 53  C   X "O5'" 1 
ATOM   862  C "C5'" . C   A 1 41 ? 1.176   -5.915  -2.891  1.00 44.03  ? 53  C   X "C5'" 1 
ATOM   863  C "C4'" . C   A 1 41 ? 1.226   -4.408  -2.898  1.00 46.40  ? 53  C   X "C4'" 1 
ATOM   864  O "O4'" . C   A 1 41 ? 2.557   -3.983  -3.299  1.00 49.11  ? 53  C   X "O4'" 1 
ATOM   865  C "C3'" . C   A 1 41 ? 0.301   -3.721  -3.891  1.00 46.49  ? 53  C   X "C3'" 1 
ATOM   866  O "O3'" . C   A 1 41 ? -1.007  -3.538  -3.375  1.00 44.91  ? 53  C   X "O3'" 1 
ATOM   867  C "C2'" . C   A 1 41 ? 0.997   -2.383  -4.100  1.00 47.53  ? 53  C   X "C2'" 1 
ATOM   868  O "O2'" . C   A 1 41 ? 0.741   -1.436  -3.084  1.00 47.59  ? 53  C   X "O2'" 1 
ATOM   869  C "C1'" . C   A 1 41 ? 2.466   -2.805  -4.087  1.00 49.80  ? 53  C   X "C1'" 1 
ATOM   870  N N1    . C   A 1 41 ? 2.991   -3.089  -5.437  1.00 51.19  ? 53  C   X N1    1 
ATOM   871  C C2    . C   A 1 41 ? 3.603   -2.048  -6.150  1.00 51.22  ? 53  C   X C2    1 
ATOM   872  O O2    . C   A 1 41 ? 3.709   -0.934  -5.617  1.00 53.95  ? 53  C   X O2    1 
ATOM   873  N N3    . C   A 1 41 ? 4.072   -2.288  -7.396  1.00 50.01  ? 53  C   X N3    1 
ATOM   874  C C4    . C   A 1 41 ? 3.937   -3.503  -7.936  1.00 51.75  ? 53  C   X C4    1 
ATOM   875  N N4    . C   A 1 41 ? 4.415   -3.694  -9.168  1.00 51.66  ? 53  C   X N4    1 
ATOM   876  C C5    . C   A 1 41 ? 3.312   -4.578  -7.236  1.00 52.90  ? 53  C   X C5    1 
ATOM   877  C C6    . C   A 1 41 ? 2.853   -4.327  -6.002  1.00 51.56  ? 53  C   X C6    1 
ATOM   878  P P     . C   A 1 42 ? -2.183  -4.533  -3.795  1.00 45.75  ? 54  C   X P     1 
ATOM   879  O OP1   . C   A 1 42 ? -1.581  -5.760  -4.389  1.00 44.29  ? 54  C   X OP1   1 
ATOM   880  O OP2   . C   A 1 42 ? -3.168  -3.759  -4.595  1.00 45.13  ? 54  C   X OP2   1 
ATOM   881  O "O5'" . C   A 1 42 ? -2.820  -4.896  -2.379  1.00 44.51  ? 54  C   X "O5'" 1 
ATOM   882  C "C5'" . C   A 1 42 ? -2.983  -6.265  -1.973  1.00 42.35  ? 54  C   X "C5'" 1 
ATOM   883  C "C4'" . C   A 1 42 ? -2.392  -6.509  -0.603  1.00 39.64  ? 54  C   X "C4'" 1 
ATOM   884  O "O4'" . C   A 1 42 ? -1.239  -5.661  -0.370  1.00 40.67  ? 54  C   X "O4'" 1 
ATOM   885  C "C3'" . C   A 1 42 ? -3.272  -6.165  0.583   1.00 37.52  ? 54  C   X "C3'" 1 
ATOM   886  O "O3'" . C   A 1 42 ? -4.332  -7.080  0.798   1.00 34.15  ? 54  C   X "O3'" 1 
ATOM   887  C "C2'" . C   A 1 42 ? -2.260  -6.148  1.723   1.00 38.88  ? 54  C   X "C2'" 1 
ATOM   888  O "O2'" . C   A 1 42 ? -1.946  -7.405  2.285   1.00 39.95  ? 54  C   X "O2'" 1 
ATOM   889  C "C1'" . C   A 1 42 ? -1.034  -5.542  1.033   1.00 40.32  ? 54  C   X "C1'" 1 
ATOM   890  N N1    . C   A 1 42 ? -0.892  -4.122  1.377   1.00 40.27  ? 54  C   X N1    1 
ATOM   891  C C2    . C   A 1 42 ? -0.465  -3.786  2.667   1.00 41.28  ? 54  C   X C2    1 
ATOM   892  O O2    . C   A 1 42 ? -0.187  -4.697  3.463   1.00 43.64  ? 54  C   X O2    1 
ATOM   893  N N3    . C   A 1 42 ? -0.353  -2.482  3.008   1.00 40.64  ? 54  C   X N3    1 
ATOM   894  C C4    . C   A 1 42 ? -0.664  -1.532  2.122   1.00 40.25  ? 54  C   X C4    1 
ATOM   895  N N4    . C   A 1 42 ? -0.542  -0.259  2.502   1.00 38.67  ? 54  C   X N4    1 
ATOM   896  C C5    . C   A 1 42 ? -1.116  -1.848  0.806   1.00 40.22  ? 54  C   X C5    1 
ATOM   897  C C6    . C   A 1 42 ? -1.222  -3.143  0.482   1.00 40.19  ? 54  C   X C6    1 
ATOM   898  P P     . A   A 1 43 ? -5.624  -6.601  1.597   1.00 31.74  ? 55  A   X P     1 
ATOM   899  O OP1   . A   A 1 43 ? -6.642  -7.682  1.514   1.00 31.05  ? 55  A   X OP1   1 
ATOM   900  O OP2   . A   A 1 43 ? -5.970  -5.235  1.137   1.00 30.14  ? 55  A   X OP2   1 
ATOM   901  O "O5'" . A   A 1 43 ? -5.090  -6.517  3.094   1.00 32.85  ? 55  A   X "O5'" 1 
ATOM   902  C "C5'" . A   A 1 43 ? -4.705  -7.717  3.788   1.00 34.63  ? 55  A   X "C5'" 1 
ATOM   903  C "C4'" . A   A 1 43 ? -4.110  -7.389  5.135   1.00 35.81  ? 55  A   X "C4'" 1 
ATOM   904  O "O4'" . A   A 1 43 ? -2.937  -6.544  4.970   1.00 36.81  ? 55  A   X "O4'" 1 
ATOM   905  C "C3'" . A   A 1 43 ? -4.984  -6.575  6.082   1.00 36.72  ? 55  A   X "C3'" 1 
ATOM   906  O "O3'" . A   A 1 43 ? -6.077  -7.268  6.679   1.00 36.09  ? 55  A   X "O3'" 1 
ATOM   907  C "C2'" . A   A 1 43 ? -3.940  -6.049  7.053   1.00 37.00  ? 55  A   X "C2'" 1 
ATOM   908  O "O2'" . A   A 1 43 ? -3.432  -7.037  7.922   1.00 38.54  ? 55  A   X "O2'" 1 
ATOM   909  C "C1'" . A   A 1 43 ? -2.826  -5.663  6.083   1.00 36.94  ? 55  A   X "C1'" 1 
ATOM   910  N N9    . A   A 1 43 ? -2.970  -4.290  5.604   1.00 37.41  ? 55  A   X N9    1 
ATOM   911  C C8    . A   A 1 43 ? -3.402  -3.871  4.370   1.00 37.58  ? 55  A   X C8    1 
ATOM   912  N N7    . A   A 1 43 ? -3.439  -2.568  4.237   1.00 36.39  ? 55  A   X N7    1 
ATOM   913  C C5    . A   A 1 43 ? -3.011  -2.095  5.469   1.00 36.09  ? 55  A   X C5    1 
ATOM   914  C C6    . A   A 1 43 ? -2.827  -0.796  5.970   1.00 35.21  ? 55  A   X C6    1 
ATOM   915  N N6    . A   A 1 43 ? -3.064  0.310   5.263   1.00 34.93  ? 55  A   X N6    1 
ATOM   916  N N1    . A   A 1 43 ? -2.399  -0.669  7.245   1.00 35.64  ? 55  A   X N1    1 
ATOM   917  C C2    . A   A 1 43 ? -2.166  -1.779  7.957   1.00 36.80  ? 55  A   X C2    1 
ATOM   918  N N3    . A   A 1 43 ? -2.298  -3.055  7.595   1.00 37.66  ? 55  A   X N3    1 
ATOM   919  C C4    . A   A 1 43 ? -2.727  -3.145  6.324   1.00 37.14  ? 55  A   X C4    1 
ATOM   920  P P     . A   A 1 44 ? -7.479  -6.499  6.905   1.00 37.21  ? 56  A   X P     1 
ATOM   921  O OP1   . A   A 1 44 ? -8.574  -7.500  6.837   1.00 37.96  ? 56  A   X OP1   1 
ATOM   922  O OP2   . A   A 1 44 ? -7.515  -5.307  6.014   1.00 35.62  ? 56  A   X OP2   1 
ATOM   923  O "O5'" . A   A 1 44 ? -7.367  -5.980  8.406   1.00 36.58  ? 56  A   X "O5'" 1 
ATOM   924  C "C5'" . A   A 1 44 ? -6.803  -6.816  9.433   1.00 37.21  ? 56  A   X "C5'" 1 
ATOM   925  C "C4'" . A   A 1 44 ? -6.279  -5.971  10.568  1.00 37.06  ? 56  A   X "C4'" 1 
ATOM   926  O "O4'" . A   A 1 44 ? -5.056  -5.307  10.151  1.00 37.12  ? 56  A   X "O4'" 1 
ATOM   927  C "C3'" . A   A 1 44 ? -7.210  -4.849  11.017  1.00 37.46  ? 56  A   X "C3'" 1 
ATOM   928  O "O3'" . A   A 1 44 ? -8.129  -5.304  11.993  1.00 38.35  ? 56  A   X "O3'" 1 
ATOM   929  C "C2'" . A   A 1 44 ? -6.237  -3.798  11.530  1.00 37.41  ? 56  A   X "C2'" 1 
ATOM   930  O "O2'" . A   A 1 44 ? -5.810  -3.966  12.867  1.00 36.23  ? 56  A   X "O2'" 1 
ATOM   931  C "C1'" . A   A 1 44 ? -5.107  -3.938  10.513  1.00 38.13  ? 56  A   X "C1'" 1 
ATOM   932  N N9    . A   A 1 44 ? -5.375  -3.151  9.312   1.00 39.12  ? 56  A   X N9    1 
ATOM   933  C C8    . A   A 1 44 ? -5.907  -3.552  8.110   1.00 37.84  ? 56  A   X C8    1 
ATOM   934  N N7    . A   A 1 44 ? -6.041  -2.579  7.241   1.00 37.51  ? 56  A   X N7    1 
ATOM   935  C C5    . A   A 1 44 ? -5.584  -1.459  7.923   1.00 37.80  ? 56  A   X C5    1 
ATOM   936  C C6    . A   A 1 44 ? -5.470  -0.108  7.554   1.00 37.57  ? 56  A   X C6    1 
ATOM   937  N N6    . A   A 1 44 ? -5.820  0.363   6.355   1.00 38.44  ? 56  A   X N6    1 
ATOM   938  N N1    . A   A 1 44 ? -4.971  0.753   8.468   1.00 37.95  ? 56  A   X N1    1 
ATOM   939  C C2    . A   A 1 44 ? -4.624  0.281   9.672   1.00 38.76  ? 56  A   X C2    1 
ATOM   940  N N3    . A   A 1 44 ? -4.683  -0.966  10.137  1.00 38.52  ? 56  A   X N3    1 
ATOM   941  C C4    . A   A 1 44 ? -5.180  -1.796  9.203   1.00 38.77  ? 56  A   X C4    1 
ATOM   942  P P     . G   A 1 45 ? -9.653  -4.876  11.882  1.00 38.56  ? 57  G   X P     1 
ATOM   943  O OP1   . G   A 1 45 ? -10.454 -5.863  12.643  1.00 36.87  ? 57  G   X OP1   1 
ATOM   944  O OP2   . G   A 1 45 ? -9.964  -4.640  10.449  1.00 39.55  ? 57  G   X OP2   1 
ATOM   945  O "O5'" . G   A 1 45 ? -9.664  -3.442  12.578  1.00 41.84  ? 57  G   X "O5'" 1 
ATOM   946  C "C5'" . G   A 1 45 ? -9.144  -3.260  13.913  1.00 46.44  ? 57  G   X "C5'" 1 
ATOM   947  C "C4'" . G   A 1 45 ? -8.668  -1.839  14.120  1.00 49.38  ? 57  G   X "C4'" 1 
ATOM   948  O "O4'" . G   A 1 45 ? -7.665  -1.499  13.123  1.00 51.35  ? 57  G   X "O4'" 1 
ATOM   949  C "C3'" . G   A 1 45 ? -9.723  -0.753  13.971  1.00 51.03  ? 57  G   X "C3'" 1 
ATOM   950  O "O3'" . G   A 1 45 ? -10.495 -0.556  15.145  1.00 53.33  ? 57  G   X "O3'" 1 
ATOM   951  C "C2'" . G   A 1 45 ? -8.870  0.467   13.658  1.00 51.03  ? 57  G   X "C2'" 1 
ATOM   952  O "O2'" . G   A 1 45 ? -8.283  1.062   14.799  1.00 50.68  ? 57  G   X "O2'" 1 
ATOM   953  C "C1'" . G   A 1 45 ? -7.821  -0.142  12.728  1.00 51.13  ? 57  G   X "C1'" 1 
ATOM   954  N N9    . G   A 1 45 ? -8.238  -0.107  11.328  1.00 51.15  ? 57  G   X N9    1 
ATOM   955  C C8    . G   A 1 45 ? -8.635  -1.169  10.550  1.00 51.22  ? 57  G   X C8    1 
ATOM   956  N N7    . G   A 1 45 ? -8.968  -0.818  9.337   1.00 49.04  ? 57  G   X N7    1 
ATOM   957  C C5    . G   A 1 45 ? -8.788  0.558   9.315   1.00 47.95  ? 57  G   X C5    1 
ATOM   958  C C6    . G   A 1 45 ? -8.986  1.493   8.268   1.00 48.82  ? 57  G   X C6    1 
ATOM   959  O O6    . G   A 1 45 ? -9.378  1.286   7.112   1.00 50.06  ? 57  G   X O6    1 
ATOM   960  N N1    . G   A 1 45 ? -8.680  2.788   8.674   1.00 47.91  ? 57  G   X N1    1 
ATOM   961  C C2    . G   A 1 45 ? -8.245  3.141   9.926   1.00 48.18  ? 57  G   X C2    1 
ATOM   962  N N2    . G   A 1 45 ? -8.005  4.444   10.121  1.00 49.66  ? 57  G   X N2    1 
ATOM   963  N N3    . G   A 1 45 ? -8.060  2.280   10.913  1.00 47.96  ? 57  G   X N3    1 
ATOM   964  C C4    . G   A 1 45 ? -8.344  1.013   10.538  1.00 48.65  ? 57  G   X C4    1 
ATOM   965  P P     . A   A 1 46 ? -12.037 -0.136  15.020  1.00 53.80  ? 58  A   X P     1 
ATOM   966  O OP1   . A   A 1 46 ? -12.591 -0.028  16.395  1.00 53.53  ? 58  A   X OP1   1 
ATOM   967  O OP2   . A   A 1 46 ? -12.682 -1.042  14.033  1.00 51.39  ? 58  A   X OP2   1 
ATOM   968  O "O5'" . A   A 1 46 ? -11.971 1.327   14.388  1.00 47.45  ? 58  A   X "O5'" 1 
ATOM   969  C "C5'" . A   A 1 46 ? -12.490 2.460   15.116  1.00 44.43  ? 58  A   X "C5'" 1 
ATOM   970  C "C4'" . A   A 1 46 ? -11.934 3.739   14.546  1.00 43.75  ? 58  A   X "C4'" 1 
ATOM   971  O "O4'" . A   A 1 46 ? -10.913 3.423   13.561  1.00 43.72  ? 58  A   X "O4'" 1 
ATOM   972  C "C3'" . A   A 1 46 ? -12.939 4.622   13.812  1.00 43.11  ? 58  A   X "C3'" 1 
ATOM   973  O "O3'" . A   A 1 46 ? -13.583 5.508   14.730  1.00 43.14  ? 58  A   X "O3'" 1 
ATOM   974  C "C2'" . A   A 1 46 ? -12.052 5.377   12.829  1.00 42.58  ? 58  A   X "C2'" 1 
ATOM   975  O "O2'" . A   A 1 46 ? -11.433 6.503   13.413  1.00 44.75  ? 58  A   X "O2'" 1 
ATOM   976  C "C1'" . A   A 1 46 ? -11.008 4.317   12.467  1.00 41.84  ? 58  A   X "C1'" 1 
ATOM   977  N N9    . A   A 1 46 ? -11.344 3.548   11.268  1.00 39.33  ? 58  A   X N9    1 
ATOM   978  C C8    . A   A 1 46 ? -11.632 2.208   11.177  1.00 38.99  ? 58  A   X C8    1 
ATOM   979  N N7    . A   A 1 46 ? -11.902 1.807   9.959   1.00 36.48  ? 58  A   X N7    1 
ATOM   980  C C5    . A   A 1 46 ? -11.788 2.961   9.196   1.00 35.01  ? 58  A   X C5    1 
ATOM   981  C C6    . A   A 1 46 ? -11.945 3.205   7.821   1.00 33.59  ? 58  A   X C6    1 
ATOM   982  N N6    . A   A 1 46 ? -12.273 2.263   6.935   1.00 32.69  ? 58  A   X N6    1 
ATOM   983  N N1    . A   A 1 46 ? -11.754 4.468   7.381   1.00 33.03  ? 58  A   X N1    1 
ATOM   984  C C2    . A   A 1 46 ? -11.417 5.410   8.268   1.00 34.39  ? 58  A   X C2    1 
ATOM   985  N N3    . A   A 1 46 ? -11.237 5.305   9.582   1.00 36.26  ? 58  A   X N3    1 
ATOM   986  C C4    . A   A 1 46 ? -11.439 4.039   9.989   1.00 36.82  ? 58  A   X C4    1 
ATOM   987  P P     . G   A 1 47 ? -15.169 5.824   14.603  1.00 43.03  ? 59  G   X P     1 
ATOM   988  O OP1   . G   A 1 47 ? -15.602 6.549   15.824  1.00 44.40  ? 59  G   X OP1   1 
ATOM   989  O OP2   . G   A 1 47 ? -15.875 4.574   14.213  1.00 43.34  ? 59  G   X OP2   1 
ATOM   990  O "O5'" . G   A 1 47 ? -15.224 6.873   13.408  1.00 41.66  ? 59  G   X "O5'" 1 
ATOM   991  C "C5'" . G   A 1 47 ? -14.454 8.082   13.485  1.00 39.84  ? 59  G   X "C5'" 1 
ATOM   992  C "C4'" . G   A 1 47 ? -14.168 8.605   12.102  1.00 40.30  ? 59  G   X "C4'" 1 
ATOM   993  O "O4'" . G   A 1 47 ? -13.435 7.619   11.332  1.00 38.72  ? 59  G   X "O4'" 1 
ATOM   994  C "C3'" . G   A 1 47 ? -15.386 8.884   11.242  1.00 40.87  ? 59  G   X "C3'" 1 
ATOM   995  O "O3'" . G   A 1 47 ? -15.972 10.127  11.589  1.00 42.96  ? 59  G   X "O3'" 1 
ATOM   996  C "C2'" . G   A 1 47 ? -14.784 8.893   9.843   1.00 39.72  ? 59  G   X "C2'" 1 
ATOM   997  O "O2'" . G   A 1 47 ? -14.204 10.136  9.506   1.00 40.28  ? 59  G   X "O2'" 1 
ATOM   998  C "C1'" . G   A 1 47 ? -13.729 7.787   9.954   1.00 37.66  ? 59  G   X "C1'" 1 
ATOM   999  N N9    . G   A 1 47 ? -14.188 6.507   9.424   1.00 35.29  ? 59  G   X N9    1 
ATOM   1000 C C8    . G   A 1 47 ? -14.391 5.344   10.128  1.00 34.69  ? 59  G   X C8    1 
ATOM   1001 N N7    . G   A 1 47 ? -14.803 4.358   9.379   1.00 33.94  ? 59  G   X N7    1 
ATOM   1002 C C5    . G   A 1 47 ? -14.888 4.904   8.106   1.00 32.56  ? 59  G   X C5    1 
ATOM   1003 C C6    . G   A 1 47 ? -15.280 4.313   6.877   1.00 31.95  ? 59  G   X C6    1 
ATOM   1004 O O6    . G   A 1 47 ? -15.650 3.153   6.664   1.00 31.02  ? 59  G   X O6    1 
ATOM   1005 N N1    . G   A 1 47 ? -15.212 5.223   5.828   1.00 31.47  ? 59  G   X N1    1 
ATOM   1006 C C2    . G   A 1 47 ? -14.818 6.534   5.944   1.00 32.25  ? 59  G   X C2    1 
ATOM   1007 N N2    . G   A 1 47 ? -14.820 7.254   4.814   1.00 32.36  ? 59  G   X N2    1 
ATOM   1008 N N3    . G   A 1 47 ? -14.453 7.098   7.083   1.00 31.79  ? 59  G   X N3    1 
ATOM   1009 C C4    . G   A 1 47 ? -14.511 6.230   8.117   1.00 32.85  ? 59  G   X C4    1 
ATOM   1010 P P     . C   A 1 48 ? -17.552 10.227  11.760  1.00 45.65  ? 60  C   X P     1 
ATOM   1011 O OP1   . C   A 1 48 ? -17.857 11.548  12.371  1.00 45.31  ? 60  C   X OP1   1 
ATOM   1012 O OP2   . C   A 1 48 ? -18.015 8.987   12.438  1.00 45.50  ? 60  C   X OP2   1 
ATOM   1013 O "O5'" . C   A 1 48 ? -18.073 10.218  10.250  1.00 45.77  ? 60  C   X "O5'" 1 
ATOM   1014 C "C5'" . C   A 1 48 ? -17.718 11.284  9.343   1.00 49.18  ? 60  C   X "C5'" 1 
ATOM   1015 C "C4'" . C   A 1 48 ? -17.830 10.841  7.903   1.00 50.84  ? 60  C   X "C4'" 1 
ATOM   1016 O "O4'" . C   A 1 48 ? -17.052 9.634   7.704   1.00 50.74  ? 60  C   X "O4'" 1 
ATOM   1017 C "C3'" . C   A 1 48 ? -19.230 10.489  7.427   1.00 55.45  ? 60  C   X "C3'" 1 
ATOM   1018 O "O3'" . C   A 1 48 ? -19.910 11.667  6.990   1.00 62.39  ? 60  C   X "O3'" 1 
ATOM   1019 C "C2'" . C   A 1 48 ? -18.960 9.514   6.282   1.00 52.84  ? 60  C   X "C2'" 1 
ATOM   1020 O "O2'" . C   A 1 48 ? -18.701 10.110  5.029   1.00 52.80  ? 60  C   X "O2'" 1 
ATOM   1021 C "C1'" . C   A 1 48 ? -17.695 8.798   6.757   1.00 50.81  ? 60  C   X "C1'" 1 
ATOM   1022 N N1    . C   A 1 48 ? -17.947 7.491   7.384   1.00 47.88  ? 60  C   X N1    1 
ATOM   1023 C C2    . C   A 1 48 ? -18.088 6.358   6.570   1.00 46.34  ? 60  C   X C2    1 
ATOM   1024 O O2    . C   A 1 48 ? -18.001 6.486   5.338   1.00 44.15  ? 60  C   X O2    1 
ATOM   1025 N N3    . C   A 1 48 ? -18.309 5.154   7.147   1.00 46.25  ? 60  C   X N3    1 
ATOM   1026 C C4    . C   A 1 48 ? -18.389 5.057   8.478   1.00 45.87  ? 60  C   X C4    1 
ATOM   1027 N N4    . C   A 1 48 ? -18.606 3.851   9.005   1.00 45.13  ? 60  C   X N4    1 
ATOM   1028 C C5    . C   A 1 48 ? -18.246 6.194   9.329   1.00 46.66  ? 60  C   X C5    1 
ATOM   1029 C C6    . C   A 1 48 ? -18.026 7.377   8.745   1.00 46.58  ? 60  C   X C6    1 
ATOM   1030 P P     . C   A 1 49 ? -21.497 11.834  7.226   1.00 67.44  ? 61  C   X P     1 
ATOM   1031 O OP1   . C   A 1 49 ? -21.832 13.275  7.091   1.00 66.35  ? 61  C   X OP1   1 
ATOM   1032 O OP2   . C   A 1 49 ? -21.871 11.106  8.470   1.00 68.66  ? 61  C   X OP2   1 
ATOM   1033 O "O5'" . C   A 1 49 ? -22.131 11.057  5.989   1.00 67.53  ? 61  C   X "O5'" 1 
ATOM   1034 C "C5'" . C   A 1 49 ? -21.676 11.312  4.649   1.00 71.57  ? 61  C   X "C5'" 1 
ATOM   1035 C "C4'" . C   A 1 49 ? -22.068 10.170  3.742   1.00 76.99  ? 61  C   X "C4'" 1 
ATOM   1036 O "O4'" . C   A 1 49 ? -21.188 9.036   3.964   1.00 76.06  ? 61  C   X "O4'" 1 
ATOM   1037 C "C3'" . C   A 1 49 ? -23.453 9.595   3.977   1.00 78.82  ? 61  C   X "C3'" 1 
ATOM   1038 O "O3'" . C   A 1 49 ? -24.448 10.418  3.391   1.00 83.09  ? 61  C   X "O3'" 1 
ATOM   1039 C "C2'" . C   A 1 49 ? -23.334 8.215   3.343   1.00 75.93  ? 61  C   X "C2'" 1 
ATOM   1040 O "O2'" . C   A 1 49 ? -23.512 8.239   1.942   1.00 74.11  ? 61  C   X "O2'" 1 
ATOM   1041 C "C1'" . C   A 1 49 ? -21.899 7.831   3.720   1.00 74.14  ? 61  C   X "C1'" 1 
ATOM   1042 N N1    . C   A 1 49 ? -21.812 6.983   4.922   1.00 70.51  ? 61  C   X N1    1 
ATOM   1043 C C2    . C   A 1 49 ? -21.967 5.598   4.785   1.00 68.78  ? 61  C   X C2    1 
ATOM   1044 O O2    . C   A 1 49 ? -22.168 5.126   3.656   1.00 69.95  ? 61  C   X O2    1 
ATOM   1045 N N3    . C   A 1 49 ? -21.893 4.814   5.885   1.00 66.18  ? 61  C   X N3    1 
ATOM   1046 C C4    . C   A 1 49 ? -21.673 5.363   7.083   1.00 65.39  ? 61  C   X C4    1 
ATOM   1047 N N4    . C   A 1 49 ? -21.604 4.552   8.141   1.00 63.93  ? 61  C   X N4    1 
ATOM   1048 C C5    . C   A 1 49 ? -21.513 6.770   7.251   1.00 68.32  ? 61  C   X C5    1 
ATOM   1049 C C6    . C   A 1 49 ? -21.593 7.535   6.154   1.00 69.02  ? 61  C   X C6    1 
ATOM   1050 P P     . U   A 1 50 ? -25.647 10.964  4.290   1.00 86.21  ? 62  U   X P     1 
ATOM   1051 O OP1   . U   A 1 50 ? -25.996 12.329  3.805   1.00 84.99  ? 62  U   X OP1   1 
ATOM   1052 O OP2   . U   A 1 50 ? -25.275 10.767  5.724   1.00 85.73  ? 62  U   X OP2   1 
ATOM   1053 O "O5'" . U   A 1 50 ? -26.838 9.968   3.907   1.00 83.02  ? 62  U   X "O5'" 1 
ATOM   1054 C "C5'" . U   A 1 50 ? -28.155 10.152  4.468   1.00 81.41  ? 62  U   X "C5'" 1 
ATOM   1055 C "C4'" . U   A 1 50 ? -28.644 8.840   5.032   1.00 81.47  ? 62  U   X "C4'" 1 
ATOM   1056 O "O4'" . U   A 1 50 ? -27.748 8.413   6.092   1.00 81.54  ? 62  U   X "O4'" 1 
ATOM   1057 C "C3'" . U   A 1 50 ? -30.049 8.849   5.629   1.00 79.21  ? 62  U   X "C3'" 1 
ATOM   1058 O "O3'" . U   A 1 50 ? -30.723 7.638   5.306   1.00 76.73  ? 62  U   X "O3'" 1 
ATOM   1059 C "C2'" . U   A 1 50 ? -29.796 8.993   7.128   1.00 78.71  ? 62  U   X "C2'" 1 
ATOM   1060 O "O2'" . U   A 1 50 ? -30.774 8.373   7.941   1.00 78.36  ? 62  U   X "O2'" 1 
ATOM   1061 C "C1'" . U   A 1 50 ? -28.471 8.249   7.295   1.00 79.11  ? 62  U   X "C1'" 1 
ATOM   1062 N N1    . U   A 1 50 ? -27.657 8.785   8.394   1.00 78.61  ? 62  U   X N1    1 
ATOM   1063 C C2    . U   A 1 50 ? -27.752 8.164   9.626   1.00 78.56  ? 62  U   X C2    1 
ATOM   1064 O O2    . U   A 1 50 ? -28.467 7.196   9.830   1.00 78.51  ? 62  U   X O2    1 
ATOM   1065 N N3    . U   A 1 50 ? -26.972 8.718   10.611  1.00 78.26  ? 62  U   X N3    1 
ATOM   1066 C C4    . U   A 1 50 ? -26.129 9.805   10.497  1.00 77.67  ? 62  U   X C4    1 
ATOM   1067 O O4    . U   A 1 50 ? -25.491 10.183  11.481  1.00 77.02  ? 62  U   X O4    1 
ATOM   1068 C C5    . U   A 1 50 ? -26.087 10.392  9.191   1.00 76.66  ? 62  U   X C5    1 
ATOM   1069 C C6    . U   A 1 50 ? -26.837 9.877   8.209   1.00 77.76  ? 62  U   X C6    1 
ATOM   1070 P P     . U   A 1 51 ? -31.897 7.639   4.218   1.00 74.22  ? 63  U   X P     1 
ATOM   1071 O OP1   . U   A 1 51 ? -31.983 9.000   3.623   1.00 76.39  ? 63  U   X OP1   1 
ATOM   1072 O OP2   . U   A 1 51 ? -33.095 7.021   4.838   1.00 74.57  ? 63  U   X OP2   1 
ATOM   1073 O "O5'" . U   A 1 51 ? -31.355 6.642   3.103   1.00 73.85  ? 63  U   X "O5'" 1 
ATOM   1074 C "C5'" . U   A 1 51 ? -30.824 7.112   1.848   1.00 71.18  ? 63  U   X "C5'" 1 
ATOM   1075 C "C4'" . U   A 1 51 ? -30.253 5.945   1.076   1.00 68.36  ? 63  U   X "C4'" 1 
ATOM   1076 O "O4'" . U   A 1 51 ? -29.186 5.341   1.857   1.00 69.29  ? 63  U   X "O4'" 1 
ATOM   1077 C "C3'" . U   A 1 51 ? -31.235 4.819   0.782   1.00 67.94  ? 63  U   X "C3'" 1 
ATOM   1078 O "O3'" . U   A 1 51 ? -30.934 4.188   -0.461  1.00 69.43  ? 63  U   X "O3'" 1 
ATOM   1079 C "C2'" . U   A 1 51 ? -31.065 3.905   1.994   1.00 66.63  ? 63  U   X "C2'" 1 
ATOM   1080 O "O2'" . U   A 1 51 ? -31.427 2.564   1.749   1.00 65.80  ? 63  U   X "O2'" 1 
ATOM   1081 C "C1'" . U   A 1 51 ? -29.568 4.042   2.276   1.00 69.75  ? 63  U   X "C1'" 1 
ATOM   1082 N N1    . U   A 1 51 ? -29.209 3.889   3.696   1.00 73.78  ? 63  U   X N1    1 
ATOM   1083 C C2    . U   A 1 51 ? -29.048 2.604   4.186   1.00 77.10  ? 63  U   X C2    1 
ATOM   1084 O O2    . U   A 1 51 ? -29.194 1.608   3.499   1.00 80.76  ? 63  U   X O2    1 
ATOM   1085 N N3    . U   A 1 51 ? -28.714 2.531   5.516   1.00 77.62  ? 63  U   X N3    1 
ATOM   1086 C C4    . U   A 1 51 ? -28.531 3.582   6.391   1.00 77.29  ? 63  U   X C4    1 
ATOM   1087 O O4    . U   A 1 51 ? -28.232 3.349   7.563   1.00 80.74  ? 63  U   X O4    1 
ATOM   1088 C C5    . U   A 1 51 ? -28.709 4.879   5.808   1.00 75.03  ? 63  U   X C5    1 
ATOM   1089 C C6    . U   A 1 51 ? -29.032 4.985   4.512   1.00 73.99  ? 63  U   X C6    1 
ATOM   1090 P P     . A   A 1 52 ? -31.973 4.278   -1.692  1.00 69.65  ? 64  A   X P     1 
ATOM   1091 O OP1   . A   A 1 52 ? -33.249 4.842   -1.181  1.00 70.53  ? 64  A   X OP1   1 
ATOM   1092 O OP2   . A   A 1 52 ? -31.987 2.962   -2.382  1.00 71.36  ? 64  A   X OP2   1 
ATOM   1093 O "O5'" . A   A 1 52 ? -31.303 5.355   -2.661  1.00 66.56  ? 64  A   X "O5'" 1 
ATOM   1094 C "C5'" . A   A 1 52 ? -30.209 5.012   -3.535  1.00 65.18  ? 64  A   X "C5'" 1 
ATOM   1095 C "C4'" . A   A 1 52 ? -29.180 6.121   -3.559  1.00 66.36  ? 64  A   X "C4'" 1 
ATOM   1096 O "O4'" . A   A 1 52 ? -28.950 6.582   -2.211  1.00 68.76  ? 64  A   X "O4'" 1 
ATOM   1097 C "C3'" . A   A 1 52 ? -27.802 5.721   -4.079  1.00 67.30  ? 64  A   X "C3'" 1 
ATOM   1098 O "O3'" . A   A 1 52 ? -27.762 6.021   -5.467  1.00 67.08  ? 64  A   X "O3'" 1 
ATOM   1099 C "C2'" . A   A 1 52 ? -26.837 6.654   -3.343  1.00 69.03  ? 64  A   X "C2'" 1 
ATOM   1100 O "O2'" . A   A 1 52 ? -26.463 7.780   -4.115  1.00 71.10  ? 64  A   X "O2'" 1 
ATOM   1101 C "C1'" . A   A 1 52 ? -27.630 7.073   -2.098  1.00 69.13  ? 64  A   X "C1'" 1 
ATOM   1102 N N9    . A   A 1 52 ? -27.084 6.607   -0.822  1.00 68.27  ? 64  A   X N9    1 
ATOM   1103 C C8    . A   A 1 52 ? -26.639 7.379   0.223   1.00 68.29  ? 64  A   X C8    1 
ATOM   1104 N N7    . A   A 1 52 ? -26.237 6.686   1.261   1.00 68.21  ? 64  A   X N7    1 
ATOM   1105 C C5    . A   A 1 52 ? -26.442 5.366   0.878   1.00 66.87  ? 64  A   X C5    1 
ATOM   1106 C C6    . A   A 1 52 ? -26.215 4.145   1.536   1.00 66.04  ? 64  A   X C6    1 
ATOM   1107 N N6    . A   A 1 52 ? -25.710 4.050   2.769   1.00 64.36  ? 64  A   X N6    1 
ATOM   1108 N N1    . A   A 1 52 ? -26.524 3.007   0.874   1.00 65.76  ? 64  A   X N1    1 
ATOM   1109 C C2    . A   A 1 52 ? -27.034 3.104   -0.362  1.00 65.40  ? 64  A   X C2    1 
ATOM   1110 N N3    . A   A 1 52 ? -27.295 4.192   -1.083  1.00 64.73  ? 64  A   X N3    1 
ATOM   1111 C C4    . A   A 1 52 ? -26.972 5.304   -0.398  1.00 66.41  ? 64  A   X C4    1 
ATOM   1112 P P     . A   A 1 53 ? -27.379 4.892   -6.528  1.00 65.46  ? 65  A   X P     1 
ATOM   1113 O OP1   . A   A 1 53 ? -28.077 5.204   -7.802  1.00 65.31  ? 65  A   X OP1   1 
ATOM   1114 O OP2   . A   A 1 53 ? -27.577 3.565   -5.888  1.00 64.24  ? 65  A   X OP2   1 
ATOM   1115 O "O5'" . A   A 1 53 ? -25.823 5.140   -6.752  1.00 66.06  ? 65  A   X "O5'" 1 
ATOM   1116 C "C5'" . A   A 1 53 ? -25.342 6.387   -7.288  1.00 64.36  ? 65  A   X "C5'" 1 
ATOM   1117 C "C4'" . A   A 1 53 ? -23.909 6.607   -6.865  1.00 63.91  ? 65  A   X "C4'" 1 
ATOM   1118 O "O4'" . A   A 1 53 ? -23.839 6.597   -5.411  1.00 63.88  ? 65  A   X "O4'" 1 
ATOM   1119 C "C3'" . A   A 1 53 ? -22.910 5.546   -7.339  1.00 63.55  ? 65  A   X "C3'" 1 
ATOM   1120 O "O3'" . A   A 1 53 ? -21.647 6.135   -7.642  1.00 59.48  ? 65  A   X "O3'" 1 
ATOM   1121 C "C2'" . A   A 1 53 ? -22.770 4.655   -6.111  1.00 64.12  ? 65  A   X "C2'" 1 
ATOM   1122 O "O2'" . A   A 1 53 ? -21.568 3.914   -6.068  1.00 65.58  ? 65  A   X "O2'" 1 
ATOM   1123 C "C1'" . A   A 1 53 ? -22.826 5.705   -5.008  1.00 63.31  ? 65  A   X "C1'" 1 
ATOM   1124 N N9    . A   A 1 53 ? -23.146 5.194   -3.680  1.00 63.19  ? 65  A   X N9    1 
ATOM   1125 C C8    . A   A 1 53 ? -23.734 4.004   -3.330  1.00 64.11  ? 65  A   X C8    1 
ATOM   1126 N N7    . A   A 1 53 ? -23.852 3.833   -2.035  1.00 66.32  ? 65  A   X N7    1 
ATOM   1127 C C5    . A   A 1 53 ? -23.297 4.986   -1.497  1.00 64.73  ? 65  A   X C5    1 
ATOM   1128 C C6    . A   A 1 53 ? -23.118 5.421   -0.172  1.00 67.15  ? 65  A   X C6    1 
ATOM   1129 N N6    . A   A 1 53 ? -23.490 4.713   0.896   1.00 68.83  ? 65  A   X N6    1 
ATOM   1130 N N1    . A   A 1 53 ? -22.526 6.620   0.020   1.00 68.62  ? 65  A   X N1    1 
ATOM   1131 C C2    . A   A 1 53 ? -22.149 7.328   -1.051  1.00 65.59  ? 65  A   X C2    1 
ATOM   1132 N N3    . A   A 1 53 ? -22.262 7.026   -2.343  1.00 63.89  ? 65  A   X N3    1 
ATOM   1133 C C4    . A   A 1 53 ? -22.853 5.829   -2.498  1.00 63.53  ? 65  A   X C4    1 
ATOM   1134 P P     . A   A 1 54 ? -20.723 5.511   -8.794  1.00 58.23  ? 66  A   X P     1 
ATOM   1135 O OP1   . A   A 1 54 ? -20.870 6.353   -10.009 1.00 57.45  ? 66  A   X OP1   1 
ATOM   1136 O OP2   . A   A 1 54 ? -20.988 4.052   -8.872  1.00 58.10  ? 66  A   X OP2   1 
ATOM   1137 O "O5'" . A   A 1 54 ? -19.246 5.724   -8.238  1.00 58.54  ? 66  A   X "O5'" 1 
ATOM   1138 C "C5'" . A   A 1 54 ? -18.808 5.098   -7.022  1.00 58.44  ? 66  A   X "C5'" 1 
ATOM   1139 C "C4'" . A   A 1 54 ? -18.452 6.158   -6.013  1.00 59.37  ? 66  A   X "C4'" 1 
ATOM   1140 O "O4'" . A   A 1 54 ? -19.609 6.431   -5.173  1.00 60.48  ? 66  A   X "O4'" 1 
ATOM   1141 C "C3'" . A   A 1 54 ? -17.351 5.798   -5.019  1.00 60.00  ? 66  A   X "C3'" 1 
ATOM   1142 O "O3'" . A   A 1 54 ? -16.023 5.873   -5.526  1.00 57.86  ? 66  A   X "O3'" 1 
ATOM   1143 C "C2'" . A   A 1 54 ? -17.666 6.747   -3.872  1.00 61.81  ? 66  A   X "C2'" 1 
ATOM   1144 O "O2'" . A   A 1 54 ? -17.271 8.089   -4.073  1.00 64.05  ? 66  A   X "O2'" 1 
ATOM   1145 C "C1'" . A   A 1 54 ? -19.188 6.628   -3.830  1.00 61.80  ? 66  A   X "C1'" 1 
ATOM   1146 N N9    . A   A 1 54 ? -19.612 5.472   -3.040  1.00 61.40  ? 66  A   X N9    1 
ATOM   1147 C C8    . A   A 1 54 ? -20.120 4.277   -3.488  1.00 59.42  ? 66  A   X C8    1 
ATOM   1148 N N7    . A   A 1 54 ? -20.387 3.425   -2.529  1.00 59.82  ? 66  A   X N7    1 
ATOM   1149 C C5    . A   A 1 54 ? -20.005 4.092   -1.374  1.00 61.22  ? 66  A   X C5    1 
ATOM   1150 C C6    . A   A 1 54 ? -20.027 3.724   -0.017  1.00 62.68  ? 66  A   X C6    1 
ATOM   1151 N N6    . A   A 1 54 ? -20.470 2.543   0.423   1.00 62.95  ? 66  A   X N6    1 
ATOM   1152 N N1    . A   A 1 54 ? -19.577 4.624   0.886   1.00 63.82  ? 66  A   X N1    1 
ATOM   1153 C C2    . A   A 1 54 ? -19.137 5.809   0.443   1.00 64.44  ? 66  A   X C2    1 
ATOM   1154 N N3    . A   A 1 54 ? -19.062 6.268   -0.804  1.00 62.86  ? 66  A   X N3    1 
ATOM   1155 C C4    . A   A 1 54 ? -19.517 5.351   -1.675  1.00 61.30  ? 66  A   X C4    1 
ATOM   1156 P P     . C   A 1 55 ? -15.138 4.539   -5.606  1.00 60.66  ? 67  C   X P     1 
ATOM   1157 O OP1   . C   A 1 55 ? -14.383 4.563   -6.887  1.00 62.90  ? 67  C   X OP1   1 
ATOM   1158 O OP2   . C   A 1 55 ? -16.017 3.378   -5.297  1.00 57.71  ? 67  C   X OP2   1 
ATOM   1159 O "O5'" . C   A 1 55 ? -14.108 4.709   -4.399  1.00 58.23  ? 67  C   X "O5'" 1 
ATOM   1160 C "C5'" . C   A 1 55 ? -14.491 4.356   -3.053  1.00 57.95  ? 67  C   X "C5'" 1 
ATOM   1161 C "C4'" . C   A 1 55 ? -14.809 5.601   -2.256  1.00 55.30  ? 67  C   X "C4'" 1 
ATOM   1162 O "O4'" . C   A 1 55 ? -15.893 5.325   -1.323  1.00 53.32  ? 67  C   X "O4'" 1 
ATOM   1163 C "C3'" . C   A 1 55 ? -13.677 6.121   -1.384  1.00 54.31  ? 67  C   X "C3'" 1 
ATOM   1164 O "O3'" . C   A 1 55 ? -12.782 6.952   -2.109  1.00 52.51  ? 67  C   X "O3'" 1 
ATOM   1165 C "C2'" . C   A 1 55 ? -14.429 6.888   -0.304  1.00 53.60  ? 67  C   X "C2'" 1 
ATOM   1166 O "O2'" . C   A 1 55 ? -14.816 8.183   -0.713  1.00 54.11  ? 67  C   X "O2'" 1 
ATOM   1167 C "C1'" . C   A 1 55 ? -15.650 5.990   -0.093  1.00 53.64  ? 67  C   X "C1'" 1 
ATOM   1168 N N1    . C   A 1 55 ? -15.441 4.974   0.954   1.00 53.81  ? 67  C   X N1    1 
ATOM   1169 C C2    . C   A 1 55 ? -15.384 5.382   2.294   1.00 54.07  ? 67  C   X C2    1 
ATOM   1170 O O2    . C   A 1 55 ? -15.526 6.584   2.563   1.00 53.87  ? 67  C   X O2    1 
ATOM   1171 N N3    . C   A 1 55 ? -15.178 4.455   3.260   1.00 55.16  ? 67  C   X N3    1 
ATOM   1172 C C4    . C   A 1 55 ? -15.032 3.169   2.928   1.00 55.50  ? 67  C   X C4    1 
ATOM   1173 N N4    . C   A 1 55 ? -14.833 2.290   3.912   1.00 57.96  ? 67  C   X N4    1 
ATOM   1174 C C5    . C   A 1 55 ? -15.082 2.728   1.571   1.00 54.76  ? 67  C   X C5    1 
ATOM   1175 C C6    . C   A 1 55 ? -15.285 3.655   0.626   1.00 54.00  ? 67  C   X C6    1 
ATOM   1176 P P     . U   A 1 56 ? -11.221 6.890   -1.786  1.00 51.69  ? 68  U   X P     1 
ATOM   1177 O OP1   . U   A 1 56 ? -10.507 7.698   -2.806  1.00 52.87  ? 68  U   X OP1   1 
ATOM   1178 O OP2   . U   A 1 56 ? -10.845 5.468   -1.569  1.00 49.49  ? 68  U   X OP2   1 
ATOM   1179 O "O5'" . U   A 1 56 ? -11.115 7.650   -0.393  1.00 52.67  ? 68  U   X "O5'" 1 
ATOM   1180 C "C5'" . U   A 1 56 ? -11.452 9.046   -0.283  1.00 54.48  ? 68  U   X "C5'" 1 
ATOM   1181 C "C4'" . U   A 1 56 ? -11.396 9.470   1.164   1.00 56.12  ? 68  U   X "C4'" 1 
ATOM   1182 O "O4'" . U   A 1 56 ? -12.305 8.647   1.939   1.00 56.22  ? 68  U   X "O4'" 1 
ATOM   1183 C "C3'" . U   A 1 56 ? -10.051 9.271   1.842   1.00 57.27  ? 68  U   X "C3'" 1 
ATOM   1184 O "O3'" . U   A 1 56 ? -9.184  10.371  1.589   1.00 61.96  ? 68  U   X "O3'" 1 
ATOM   1185 C "C2'" . U   A 1 56 ? -10.435 9.178   3.315   1.00 55.23  ? 68  U   X "C2'" 1 
ATOM   1186 O "O2'" . U   A 1 56 ? -10.572 10.422  3.963   1.00 54.82  ? 68  U   X "O2'" 1 
ATOM   1187 C "C1'" . U   A 1 56 ? -11.793 8.476   3.249   1.00 53.66  ? 68  U   X "C1'" 1 
ATOM   1188 N N1    . U   A 1 56 ? -11.721 7.038   3.545   1.00 51.96  ? 68  U   X N1    1 
ATOM   1189 C C2    . U   A 1 56 ? -11.575 6.656   4.867   1.00 51.00  ? 68  U   X C2    1 
ATOM   1190 O O2    . U   A 1 56 ? -11.505 7.456   5.785   1.00 50.03  ? 68  U   X O2    1 
ATOM   1191 N N3    . U   A 1 56 ? -11.516 5.301   5.072   1.00 49.84  ? 68  U   X N3    1 
ATOM   1192 C C4    . U   A 1 56 ? -11.583 4.308   4.120   1.00 48.92  ? 68  U   X C4    1 
ATOM   1193 O O4    . U   A 1 56 ? -11.515 3.129   4.470   1.00 48.08  ? 68  U   X O4    1 
ATOM   1194 C C5    . U   A 1 56 ? -11.733 4.780   2.777   1.00 51.04  ? 68  U   X C5    1 
ATOM   1195 C C6    . U   A 1 56 ? -11.793 6.097   2.541   1.00 51.79  ? 68  U   X C6    1 
ATOM   1196 P P     . C   A 1 57 ? -7.600  10.139  1.534   1.00 67.68  ? 69  C   X P     1 
ATOM   1197 O OP1   . C   A 1 57 ? -6.956  11.410  1.105   1.00 65.73  ? 69  C   X OP1   1 
ATOM   1198 O OP2   . C   A 1 57 ? -7.346  8.889   0.766   1.00 70.65  ? 69  C   X OP2   1 
ATOM   1199 O "O5'" . C   A 1 57 ? -7.220  9.876   3.059   1.00 63.91  ? 69  C   X "O5'" 1 
ATOM   1200 C "C5'" . C   A 1 57 ? -7.272  10.942  4.019   1.00 59.14  ? 69  C   X "C5'" 1 
ATOM   1201 C "C4'" . C   A 1 57 ? -7.280  10.385  5.419   1.00 56.49  ? 69  C   X "C4'" 1 
ATOM   1202 O "O4'" . C   A 1 57 ? -8.274  9.342   5.535   1.00 57.22  ? 69  C   X "O4'" 1 
ATOM   1203 C "C3'" . C   A 1 57 ? -6.012  9.680   5.858   1.00 55.08  ? 69  C   X "C3'" 1 
ATOM   1204 O "O3'" . C   A 1 57 ? -5.047  10.645  6.254   1.00 54.50  ? 69  C   X "O3'" 1 
ATOM   1205 C "C2'" . C   A 1 57 ? -6.501  8.850   7.041   1.00 56.53  ? 69  C   X "C2'" 1 
ATOM   1206 O "O2'" . C   A 1 57 ? -6.519  9.550   8.268   1.00 57.63  ? 69  C   X "O2'" 1 
ATOM   1207 C "C1'" . C   A 1 57 ? -7.937  8.509   6.629   1.00 58.58  ? 69  C   X "C1'" 1 
ATOM   1208 N N1    . C   A 1 57 ? -8.108  7.102   6.228   1.00 59.91  ? 69  C   X N1    1 
ATOM   1209 C C2    . C   A 1 57 ? -8.339  6.137   7.217   1.00 61.04  ? 69  C   X C2    1 
ATOM   1210 O O2    . C   A 1 57 ? -8.401  6.495   8.403   1.00 60.05  ? 69  C   X O2    1 
ATOM   1211 N N3    . C   A 1 57 ? -8.491  4.841   6.855   1.00 63.02  ? 69  C   X N3    1 
ATOM   1212 C C4    . C   A 1 57 ? -8.421  4.497   5.566   1.00 65.05  ? 69  C   X C4    1 
ATOM   1213 N N4    . C   A 1 57 ? -8.581  3.208   5.254   1.00 64.47  ? 69  C   X N4    1 
ATOM   1214 C C5    . C   A 1 57 ? -8.187  5.460   4.539   1.00 64.93  ? 69  C   X C5    1 
ATOM   1215 C C6    . C   A 1 57 ? -8.034  6.738   4.912   1.00 62.48  ? 69  C   X C6    1 
ATOM   1216 P P     . U   A 1 58 ? -3.510  10.234  6.377   1.00 53.39  ? 70  U   X P     1 
ATOM   1217 O OP1   . U   A 1 58 ? -2.740  11.453  6.757   1.00 49.62  ? 70  U   X OP1   1 
ATOM   1218 O OP2   . U   A 1 58 ? -3.142  9.482   5.146   1.00 52.03  ? 70  U   X OP2   1 
ATOM   1219 O "O5'" . U   A 1 58 ? -3.502  9.245   7.628   1.00 47.60  ? 70  U   X "O5'" 1 
ATOM   1220 C "C5'" . U   A 1 58 ? -3.744  9.742   8.958   1.00 43.43  ? 70  U   X "C5'" 1 
ATOM   1221 C "C4'" . U   A 1 58 ? -3.693  8.617   9.963   1.00 40.57  ? 70  U   X "C4'" 1 
ATOM   1222 O "O4'" . U   A 1 58 ? -4.821  7.726   9.779   1.00 38.51  ? 70  U   X "O4'" 1 
ATOM   1223 C "C3'" . U   A 1 58 ? -2.499  7.690   9.842   1.00 39.16  ? 70  U   X "C3'" 1 
ATOM   1224 O "O3'" . U   A 1 58 ? -1.350  8.264   10.433  1.00 40.19  ? 70  U   X "O3'" 1 
ATOM   1225 C "C2'" . U   A 1 58 ? -2.981  6.449   10.580  1.00 37.28  ? 70  U   X "C2'" 1 
ATOM   1226 O "O2'" . U   A 1 58 ? -2.842  6.499   11.980  1.00 37.10  ? 70  U   X "O2'" 1 
ATOM   1227 C "C1'" . U   A 1 58 ? -4.461  6.421   10.200  1.00 37.65  ? 70  U   X "C1'" 1 
ATOM   1228 N N1    . U   A 1 58 ? -4.738  5.485   9.105   1.00 38.23  ? 70  U   X N1    1 
ATOM   1229 C C2    . U   A 1 58 ? -4.853  4.145   9.420   1.00 38.55  ? 70  U   X C2    1 
ATOM   1230 O O2    . U   A 1 58 ? -4.738  3.718   10.556  1.00 40.23  ? 70  U   X O2    1 
ATOM   1231 N N3    . U   A 1 58 ? -5.115  3.323   8.353   1.00 38.06  ? 70  U   X N3    1 
ATOM   1232 C C4    . U   A 1 58 ? -5.261  3.689   7.033   1.00 39.35  ? 70  U   X C4    1 
ATOM   1233 O O4    . U   A 1 58 ? -5.492  2.824   6.187   1.00 40.82  ? 70  U   X O4    1 
ATOM   1234 C C5    . U   A 1 58 ? -5.117  5.091   6.786   1.00 38.59  ? 70  U   X C5    1 
ATOM   1235 C C6    . U   A 1 58 ? -4.862  5.920   7.804   1.00 38.80  ? 70  U   X C6    1 
ATOM   1236 P P     . U   A 1 59 ? 0.079   7.902   9.848   1.00 42.14  ? 71  U   X P     1 
ATOM   1237 O OP1   . U   A 1 59 ? 1.037   8.933   10.319  1.00 43.26  ? 71  U   X OP1   1 
ATOM   1238 O OP2   . U   A 1 59 ? -0.070  7.652   8.390   1.00 40.26  ? 71  U   X OP2   1 
ATOM   1239 O "O5'" . U   A 1 59 ? 0.405   6.519   10.569  1.00 41.69  ? 71  U   X "O5'" 1 
ATOM   1240 C "C5'" . U   A 1 59 ? 0.429   6.431   12.007  1.00 41.73  ? 71  U   X "C5'" 1 
ATOM   1241 C "C4'" . U   A 1 59 ? 0.388   4.987   12.433  1.00 42.12  ? 71  U   X "C4'" 1 
ATOM   1242 O "O4'" . U   A 1 59 ? -0.910  4.415   12.113  1.00 41.26  ? 71  U   X "O4'" 1 
ATOM   1243 C "C3'" . U   A 1 59 ? 1.361   4.074   11.709  1.00 42.52  ? 71  U   X "C3'" 1 
ATOM   1244 O "O3'" . U   A 1 59 ? 2.689   4.174   12.189  1.00 45.03  ? 71  U   X "O3'" 1 
ATOM   1245 C "C2'" . U   A 1 59 ? 0.725   2.710   11.924  1.00 40.96  ? 71  U   X "C2'" 1 
ATOM   1246 O "O2'" . U   A 1 59 ? 1.008   2.141   13.187  1.00 40.48  ? 71  U   X "O2'" 1 
ATOM   1247 C "C1'" . U   A 1 59 ? -0.755  3.053   11.747  1.00 39.82  ? 71  U   X "C1'" 1 
ATOM   1248 N N1    . U   A 1 59 ? -1.177  2.904   10.349  1.00 37.83  ? 71  U   X N1    1 
ATOM   1249 C C2    . U   A 1 59 ? -1.475  1.633   9.897   1.00 36.76  ? 71  U   X C2    1 
ATOM   1250 O O2    . U   A 1 59 ? -1.428  0.645   10.612  1.00 35.36  ? 71  U   X O2    1 
ATOM   1251 N N3    . U   A 1 59 ? -1.843  1.564   8.576   1.00 36.61  ? 71  U   X N3    1 
ATOM   1252 C C4    . U   A 1 59 ? -1.934  2.607   7.678   1.00 37.55  ? 71  U   X C4    1 
ATOM   1253 O O4    . U   A 1 59 ? -2.279  2.380   6.518   1.00 38.20  ? 71  U   X O4    1 
ATOM   1254 C C5    . U   A 1 59 ? -1.596  3.888   8.220   1.00 38.53  ? 71  U   X C5    1 
ATOM   1255 C C6    . U   A 1 59 ? -1.230  3.989   9.503   1.00 37.96  ? 71  U   X C6    1 
ATOM   1256 P P     . G   A 1 60 ? 3.897   3.998   11.165  1.00 46.55  ? 72  G   X P     1 
ATOM   1257 O OP1   . G   A 1 60 ? 5.130   4.494   11.822  1.00 49.02  ? 72  G   X OP1   1 
ATOM   1258 O OP2   . G   A 1 60 ? 3.484   4.569   9.858   1.00 47.22  ? 72  G   X OP2   1 
ATOM   1259 O "O5'" . G   A 1 60 ? 3.996   2.417   11.008  1.00 45.27  ? 72  G   X "O5'" 1 
ATOM   1260 C "C5'" . G   A 1 60 ? 4.306   1.595   12.144  1.00 45.09  ? 72  G   X "C5'" 1 
ATOM   1261 C "C4'" . G   A 1 60 ? 4.060   0.147   11.811  1.00 45.38  ? 72  G   X "C4'" 1 
ATOM   1262 O "O4'" . G   A 1 60 ? 2.705   0.003   11.324  1.00 45.07  ? 72  G   X "O4'" 1 
ATOM   1263 C "C3'" . G   A 1 60 ? 4.946   -0.433  10.720  1.00 45.60  ? 72  G   X "C3'" 1 
ATOM   1264 O "O3'" . G   A 1 60 ? 6.078   -1.016  11.348  1.00 48.51  ? 72  G   X "O3'" 1 
ATOM   1265 C "C2'" . G   A 1 60 ? 4.081   -1.538  10.121  1.00 45.45  ? 72  G   X "C2'" 1 
ATOM   1266 O "O2'" . G   A 1 60 ? 4.230   -2.812  10.717  1.00 47.33  ? 72  G   X "O2'" 1 
ATOM   1267 C "C1'" . G   A 1 60 ? 2.666   -0.987  10.316  1.00 44.00  ? 72  G   X "C1'" 1 
ATOM   1268 N N9    . G   A 1 60 ? 2.144   -0.377  9.103   1.00 41.08  ? 72  G   X N9    1 
ATOM   1269 C C8    . G   A 1 60 ? 2.169   0.955   8.767   1.00 40.53  ? 72  G   X C8    1 
ATOM   1270 N N7    . G   A 1 60 ? 1.638   1.199   7.601   1.00 40.23  ? 72  G   X N7    1 
ATOM   1271 C C5    . G   A 1 60 ? 1.240   -0.048  7.138   1.00 39.07  ? 72  G   X C5    1 
ATOM   1272 C C6    . G   A 1 60 ? 0.603   -0.417  5.927   1.00 38.69  ? 72  G   X C6    1 
ATOM   1273 O O6    . G   A 1 60 ? 0.248   0.308   4.991   1.00 38.89  ? 72  G   X O6    1 
ATOM   1274 N N1    . G   A 1 60 ? 0.381   -1.789  5.862   1.00 38.70  ? 72  G   X N1    1 
ATOM   1275 C C2    . G   A 1 60 ? 0.730   -2.692  6.835   1.00 38.56  ? 72  G   X C2    1 
ATOM   1276 N N2    . G   A 1 60 ? 0.433   -3.975  6.585   1.00 38.86  ? 72  G   X N2    1 
ATOM   1277 N N3    . G   A 1 60 ? 1.329   -2.361  7.968   1.00 38.63  ? 72  G   X N3    1 
ATOM   1278 C C4    . G   A 1 60 ? 1.546   -1.031  8.054   1.00 39.50  ? 72  G   X C4    1 
ATOM   1279 P P     . A   A 1 61 ? 7.504   -0.996  10.635  1.00 49.95  ? 73  A   X P     1 
ATOM   1280 O OP1   . A   A 1 61 ? 8.354   -2.027  11.290  1.00 50.59  ? 73  A   X OP1   1 
ATOM   1281 O OP2   . A   A 1 61 ? 7.971   0.415   10.553  1.00 49.43  ? 73  A   X OP2   1 
ATOM   1282 O "O5'" . A   A 1 61 ? 7.186   -1.511  9.163   1.00 49.57  ? 73  A   X "O5'" 1 
ATOM   1283 C "C5'" . A   A 1 61 ? 8.170   -2.281  8.471   1.00 52.81  ? 73  A   X "C5'" 1 
ATOM   1284 C "C4'" . A   A 1 61 ? 7.574   -3.592  8.039   1.00 55.15  ? 73  A   X "C4'" 1 
ATOM   1285 O "O4'" . A   A 1 61 ? 6.258   -3.355  7.461   1.00 56.76  ? 73  A   X "O4'" 1 
ATOM   1286 C "C3'" . A   A 1 61 ? 8.372   -4.305  6.952   1.00 55.94  ? 73  A   X "C3'" 1 
ATOM   1287 O "O3'" . A   A 1 61 ? 9.341   -5.145  7.552   1.00 57.18  ? 73  A   X "O3'" 1 
ATOM   1288 C "C2'" . A   A 1 61 ? 7.280   -4.975  6.129   1.00 57.09  ? 73  A   X "C2'" 1 
ATOM   1289 O "O2'" . A   A 1 61 ? 6.724   -6.134  6.716   1.00 57.45  ? 73  A   X "O2'" 1 
ATOM   1290 C "C1'" . A   A 1 61 ? 6.211   -3.890  6.154   1.00 56.53  ? 73  A   X "C1'" 1 
ATOM   1291 N N9    . A   A 1 61 ? 6.461   -2.799  5.212   1.00 56.23  ? 73  A   X N9    1 
ATOM   1292 C C8    . A   A 1 61 ? 6.867   -1.519  5.495   1.00 56.49  ? 73  A   X C8    1 
ATOM   1293 N N7    . A   A 1 61 ? 7.000   -0.758  4.437   1.00 58.64  ? 73  A   X N7    1 
ATOM   1294 C C5    . A   A 1 61 ? 6.652   -1.592  3.383   1.00 57.73  ? 73  A   X C5    1 
ATOM   1295 C C6    . A   A 1 61 ? 6.586   -1.384  1.996   1.00 59.17  ? 73  A   X C6    1 
ATOM   1296 N N6    . A   A 1 61 ? 6.880   -0.223  1.407   1.00 61.35  ? 73  A   X N6    1 
ATOM   1297 N N1    . A   A 1 61 ? 6.204   -2.425  1.222   1.00 59.21  ? 73  A   X N1    1 
ATOM   1298 C C2    . A   A 1 61 ? 5.913   -3.591  1.815   1.00 56.94  ? 73  A   X C2    1 
ATOM   1299 N N3    . A   A 1 61 ? 5.939   -3.908  3.107   1.00 55.64  ? 73  A   X N3    1 
ATOM   1300 C C4    . A   A 1 61 ? 6.321   -2.854  3.846   1.00 56.50  ? 73  A   X C4    1 
ATOM   1301 P P     . U   A 1 62 ? 10.887  -4.834  7.311   1.00 59.79  ? 74  U   X P     1 
ATOM   1302 O OP1   . U   A 1 62 ? 11.669  -5.571  8.338   1.00 59.07  ? 74  U   X OP1   1 
ATOM   1303 O OP2   . U   A 1 62 ? 11.045  -3.361  7.201   1.00 57.62  ? 74  U   X OP2   1 
ATOM   1304 O "O5'" . U   A 1 62 ? 11.145  -5.489  5.878   1.00 59.02  ? 74  U   X "O5'" 1 
ATOM   1305 C "C5'" . U   A 1 62 ? 10.844  -6.881  5.644   1.00 58.27  ? 74  U   X "C5'" 1 
ATOM   1306 C "C4'" . U   A 1 62 ? 10.325  -7.093  4.241   1.00 58.28  ? 74  U   X "C4'" 1 
ATOM   1307 O "O4'" . U   A 1 62 ? 9.222   -6.186  3.977   1.00 60.13  ? 74  U   X "O4'" 1 
ATOM   1308 C "C3'" . U   A 1 62 ? 11.309  -6.812  3.117   1.00 59.57  ? 74  U   X "C3'" 1 
ATOM   1309 O "O3'" . U   A 1 62 ? 12.190  -7.903  2.907   1.00 59.40  ? 74  U   X "O3'" 1 
ATOM   1310 C "C2'" . U   A 1 62 ? 10.379  -6.567  1.935   1.00 60.78  ? 74  U   X "C2'" 1 
ATOM   1311 O "O2'" . U   A 1 62 ? 9.910   -7.724  1.269   1.00 61.07  ? 74  U   X "O2'" 1 
ATOM   1312 C "C1'" . U   A 1 62 ? 9.236   -5.803  2.610   1.00 62.77  ? 74  U   X "C1'" 1 
ATOM   1313 N N1    . U   A 1 62 ? 9.429   -4.349  2.543   1.00 64.76  ? 74  U   X N1    1 
ATOM   1314 C C2    . U   A 1 62 ? 9.346   -3.740  1.304   1.00 65.88  ? 74  U   X C2    1 
ATOM   1315 O O2    . U   A 1 62 ? 9.104   -4.353  0.278   1.00 69.14  ? 74  U   X O2    1 
ATOM   1316 N N3    . U   A 1 62 ? 9.557   -2.384  1.314   1.00 66.24  ? 74  U   X N3    1 
ATOM   1317 C C4    . U   A 1 62 ? 9.841   -1.589  2.406   1.00 66.08  ? 74  U   X C4    1 
ATOM   1318 O O4    . U   A 1 62 ? 9.999   -0.377  2.250   1.00 65.32  ? 74  U   X O4    1 
ATOM   1319 C C5    . U   A 1 62 ? 9.915   -2.294  3.649   1.00 67.22  ? 74  U   X C5    1 
ATOM   1320 C C6    . U   A 1 62 ? 9.714   -3.617  3.673   1.00 65.72  ? 74  U   X C6    1 
ATOM   1321 P P     . U   A 1 63 ? 13.765  -7.651  2.882   1.00 61.13  ? 75  U   X P     1 
ATOM   1322 O OP1   . U   A 1 63 ? 14.426  -8.934  3.221   1.00 61.00  ? 75  U   X OP1   1 
ATOM   1323 O OP2   . U   A 1 63 ? 14.060  -6.436  3.689   1.00 59.67  ? 75  U   X OP2   1 
ATOM   1324 O "O5'" . U   A 1 63 ? 14.048  -7.329  1.347   1.00 62.29  ? 75  U   X "O5'" 1 
ATOM   1325 C "C5'" . U   A 1 63 ? 13.714  -8.294  0.329   1.00 66.67  ? 75  U   X "C5'" 1 
ATOM   1326 C "C4'" . U   A 1 63 ? 13.609  -7.627  -1.020  1.00 67.40  ? 75  U   X "C4'" 1 
ATOM   1327 O "O4'" . U   A 1 63 ? 12.564  -6.618  -0.978  1.00 67.51  ? 75  U   X "O4'" 1 
ATOM   1328 C "C3'" . U   A 1 63 ? 14.844  -6.862  -1.466  1.00 68.14  ? 75  U   X "C3'" 1 
ATOM   1329 O "O3'" . U   A 1 63 ? 15.852  -7.674  -2.047  1.00 69.35  ? 75  U   X "O3'" 1 
ATOM   1330 C "C2'" . U   A 1 63 ? 14.260  -5.863  -2.453  1.00 66.32  ? 75  U   X "C2'" 1 
ATOM   1331 O "O2'" . U   A 1 63 ? 14.055  -6.403  -3.743  1.00 64.94  ? 75  U   X "O2'" 1 
ATOM   1332 C "C1'" . U   A 1 63 ? 12.952  -5.494  -1.753  1.00 66.73  ? 75  U   X "C1'" 1 
ATOM   1333 N N1    . U   A 1 63 ? 13.091  -4.334  -0.860  1.00 66.41  ? 75  U   X N1    1 
ATOM   1334 C C2    . U   A 1 63 ? 13.258  -3.090  -1.444  1.00 67.39  ? 75  U   X C2    1 
ATOM   1335 O O2    . U   A 1 63 ? 13.294  -2.922  -2.652  1.00 71.47  ? 75  U   X O2    1 
ATOM   1336 N N3    . U   A 1 63 ? 13.385  -2.051  -0.556  1.00 66.39  ? 75  U   X N3    1 
ATOM   1337 C C4    . U   A 1 63 ? 13.360  -2.120  0.822   1.00 67.51  ? 75  U   X C4    1 
ATOM   1338 O O4    . U   A 1 63 ? 13.486  -1.087  1.484   1.00 67.15  ? 75  U   X O4    1 
ATOM   1339 C C5    . U   A 1 63 ? 13.184  -3.440  1.351   1.00 67.57  ? 75  U   X C5    1 
ATOM   1340 C C6    . U   A 1 63 ? 13.060  -4.477  0.512   1.00 65.11  ? 75  U   X C6    1 
ATOM   1341 P P     . A   A 1 64 ? 17.386  -7.302  -1.803  1.00 68.13  ? 76  A   X P     1 
ATOM   1342 O OP1   . A   A 1 64 ? 18.211  -8.447  -2.265  1.00 68.49  ? 76  A   X OP1   1 
ATOM   1343 O OP2   . A   A 1 64 ? 17.524  -6.820  -0.402  1.00 67.07  ? 76  A   X OP2   1 
ATOM   1344 O "O5'" . A   A 1 64 ? 17.608  -6.063  -2.782  1.00 65.59  ? 76  A   X "O5'" 1 
ATOM   1345 C "C5'" . A   A 1 64 ? 17.432  -6.201  -4.208  1.00 62.58  ? 76  A   X "C5'" 1 
ATOM   1346 C "C4'" . A   A 1 64 ? 17.677  -4.884  -4.910  1.00 58.06  ? 76  A   X "C4'" 1 
ATOM   1347 O "O4'" . A   A 1 64 ? 16.609  -3.956  -4.589  1.00 56.20  ? 76  A   X "O4'" 1 
ATOM   1348 C "C3'" . A   A 1 64 ? 18.967  -4.157  -4.539  1.00 55.35  ? 76  A   X "C3'" 1 
ATOM   1349 O "O3'" . A   A 1 64 ? 20.020  -4.604  -5.387  1.00 54.16  ? 76  A   X "O3'" 1 
ATOM   1350 C "C2'" . A   A 1 64 ? 18.621  -2.698  -4.824  1.00 54.97  ? 76  A   X "C2'" 1 
ATOM   1351 O "O2'" . A   A 1 64 ? 18.826  -2.305  -6.164  1.00 55.70  ? 76  A   X "O2'" 1 
ATOM   1352 C "C1'" . A   A 1 64 ? 17.132  -2.645  -4.477  1.00 54.47  ? 76  A   X "C1'" 1 
ATOM   1353 N N9    . A   A 1 64 ? 16.858  -2.155  -3.128  1.00 53.59  ? 76  A   X N9    1 
ATOM   1354 C C8    . A   A 1 64 ? 16.631  -2.891  -1.991  1.00 54.55  ? 76  A   X C8    1 
ATOM   1355 N N7    . A   A 1 64 ? 16.409  -2.162  -0.924  1.00 52.64  ? 76  A   X N7    1 
ATOM   1356 C C5    . A   A 1 64 ? 16.491  -0.857  -1.390  1.00 51.36  ? 76  A   X C5    1 
ATOM   1357 C C6    . A   A 1 64 ? 16.354  0.386   -0.749  1.00 51.18  ? 76  A   X C6    1 
ATOM   1358 N N6    . A   A 1 64 ? 16.088  0.524   0.551   1.00 50.99  ? 76  A   X N6    1 
ATOM   1359 N N1    . A   A 1 64 ? 16.499  1.499   -1.501  1.00 50.69  ? 76  A   X N1    1 
ATOM   1360 C C2    . A   A 1 64 ? 16.771  1.360   -2.805  1.00 50.37  ? 76  A   X C2    1 
ATOM   1361 N N3    . A   A 1 64 ? 16.927  0.248   -3.520  1.00 52.30  ? 76  A   X N3    1 
ATOM   1362 C C4    . A   A 1 64 ? 16.772  -0.839  -2.744  1.00 52.07  ? 76  A   X C4    1 
ATOM   1363 P P     . U   A 1 65 ? 21.513  -4.780  -4.820  1.00 55.11  ? 77  U   X P     1 
ATOM   1364 O OP1   . U   A 1 65 ? 22.316  -5.481  -5.858  1.00 53.53  ? 77  U   X OP1   1 
ATOM   1365 O OP2   . U   A 1 65 ? 21.433  -5.338  -3.447  1.00 53.74  ? 77  U   X OP2   1 
ATOM   1366 O "O5'" . U   A 1 65 ? 22.038  -3.282  -4.696  1.00 52.72  ? 77  U   X "O5'" 1 
ATOM   1367 C "C5'" . U   A 1 65 ? 22.106  -2.431  -5.853  1.00 52.74  ? 77  U   X "C5'" 1 
ATOM   1368 C "C4'" . U   A 1 65 ? 22.315  -0.998  -5.432  1.00 52.29  ? 77  U   X "C4'" 1 
ATOM   1369 O "O4'" . U   A 1 65 ? 21.084  -0.458  -4.885  1.00 52.30  ? 77  U   X "O4'" 1 
ATOM   1370 C "C3'" . U   A 1 65 ? 23.314  -0.783  -4.308  1.00 51.44  ? 77  U   X "C3'" 1 
ATOM   1371 O "O3'" . U   A 1 65 ? 24.662  -0.851  -4.753  1.00 52.43  ? 77  U   X "O3'" 1 
ATOM   1372 C "C2'" . U   A 1 65 ? 22.917  0.597   -3.804  1.00 49.47  ? 77  U   X "C2'" 1 
ATOM   1373 O "O2'" . U   A 1 65 ? 23.449  1.647   -4.588  1.00 46.32  ? 77  U   X "O2'" 1 
ATOM   1374 C "C1'" . U   A 1 65 ? 21.393  0.535   -3.918  1.00 50.27  ? 77  U   X "C1'" 1 
ATOM   1375 N N1    . U   A 1 65 ? 20.732  0.187   -2.650  1.00 50.50  ? 77  U   X N1    1 
ATOM   1376 C C2    . U   A 1 65 ? 20.452  1.220   -1.772  1.00 51.28  ? 77  U   X C2    1 
ATOM   1377 O O2    . U   A 1 65 ? 20.716  2.386   -2.013  1.00 49.90  ? 77  U   X O2    1 
ATOM   1378 N N3    . U   A 1 65 ? 19.847  0.834   -0.602  1.00 52.36  ? 77  U   X N3    1 
ATOM   1379 C C4    . U   A 1 65 ? 19.501  -0.446  -0.223  1.00 54.07  ? 77  U   X C4    1 
ATOM   1380 O O4    . U   A 1 65 ? 18.957  -0.628  0.867   1.00 55.80  ? 77  U   X O4    1 
ATOM   1381 C C5    . U   A 1 65 ? 19.828  -1.460  -1.183  1.00 52.92  ? 77  U   X C5    1 
ATOM   1382 C C6    . U   A 1 65 ? 20.419  -1.118  -2.334  1.00 51.34  ? 77  U   X C6    1 
ATOM   1383 P P     . C   A 1 66 ? 25.786  -1.465  -3.790  1.00 54.74  ? 78  C   X P     1 
ATOM   1384 O OP1   . C   A 1 66 ? 27.000  -1.706  -4.608  1.00 55.81  ? 78  C   X OP1   1 
ATOM   1385 O OP2   . C   A 1 66 ? 25.184  -2.580  -3.016  1.00 55.26  ? 78  C   X OP2   1 
ATOM   1386 O "O5'" . C   A 1 66 ? 26.086  -0.275  -2.776  1.00 55.53  ? 78  C   X "O5'" 1 
ATOM   1387 C "C5'" . C   A 1 66 ? 26.590  0.982   -3.266  1.00 57.05  ? 78  C   X "C5'" 1 
ATOM   1388 C "C4'" . C   A 1 66 ? 26.185  2.114   -2.350  1.00 57.93  ? 78  C   X "C4'" 1 
ATOM   1389 O "O4'" . C   A 1 66 ? 24.755  2.091   -2.111  1.00 54.66  ? 78  C   X "O4'" 1 
ATOM   1390 C "C3'" . C   A 1 66 ? 26.764  2.072   -0.948  1.00 61.04  ? 78  C   X "C3'" 1 
ATOM   1391 O "O3'" . C   A 1 66 ? 28.112  2.513   -0.920  1.00 69.39  ? 78  C   X "O3'" 1 
ATOM   1392 C "C2'" . C   A 1 66 ? 25.829  3.015   -0.202  1.00 58.16  ? 78  C   X "C2'" 1 
ATOM   1393 O "O2'" . C   A 1 66 ? 26.133  4.383   -0.382  1.00 58.76  ? 78  C   X "O2'" 1 
ATOM   1394 C "C1'" . C   A 1 66 ? 24.482  2.679   -0.850  1.00 54.12  ? 78  C   X "C1'" 1 
ATOM   1395 N N1    . C   A 1 66 ? 23.699  1.728   -0.047  1.00 52.52  ? 78  C   X N1    1 
ATOM   1396 C C2    . C   A 1 66 ? 23.023  2.208   1.078   1.00 51.43  ? 78  C   X C2    1 
ATOM   1397 O O2    . C   A 1 66 ? 23.091  3.416   1.349   1.00 53.45  ? 78  C   X O2    1 
ATOM   1398 N N3    . C   A 1 66 ? 22.309  1.345   1.838   1.00 50.26  ? 78  C   X N3    1 
ATOM   1399 C C4    . C   A 1 66 ? 22.263  0.050   1.513   1.00 48.19  ? 78  C   X C4    1 
ATOM   1400 N N4    . C   A 1 66 ? 21.549  -0.764  2.291   1.00 48.44  ? 78  C   X N4    1 
ATOM   1401 C C5    . C   A 1 66 ? 22.949  -0.467  0.374   1.00 49.64  ? 78  C   X C5    1 
ATOM   1402 C C6    . C   A 1 66 ? 23.652  0.398   -0.368  1.00 52.48  ? 78  C   X C6    1 
ATOM   1403 P P     . U   A 1 67 ? 29.169  1.716   -0.034  1.00 76.76  ? 79  U   X P     1 
ATOM   1404 O OP1   . U   A 1 67 ? 30.515  1.903   -0.641  1.00 76.80  ? 79  U   X OP1   1 
ATOM   1405 O OP2   . U   A 1 67 ? 28.637  0.347   0.200   1.00 76.22  ? 79  U   X OP2   1 
ATOM   1406 O "O5'" . U   A 1 67 ? 29.123  2.493   1.353   1.00 77.05  ? 79  U   X "O5'" 1 
ATOM   1407 C "C5'" . U   A 1 67 ? 29.382  3.905   1.402   1.00 79.20  ? 79  U   X "C5'" 1 
ATOM   1408 C "C4'" . U   A 1 67 ? 28.914  4.456   2.724   1.00 80.22  ? 79  U   X "C4'" 1 
ATOM   1409 O "O4'" . U   A 1 67 ? 27.462  4.451   2.765   1.00 79.54  ? 79  U   X "O4'" 1 
ATOM   1410 C "C3'" . U   A 1 67 ? 29.288  3.635   3.948   1.00 79.04  ? 79  U   X "C3'" 1 
ATOM   1411 O "O3'" . U   A 1 67 ? 30.643  3.773   4.357   1.00 75.57  ? 79  U   X "O3'" 1 
ATOM   1412 C "C2'" . U   A 1 67 ? 28.287  4.151   4.973   1.00 79.95  ? 79  U   X "C2'" 1 
ATOM   1413 O "O2'" . U   A 1 67 ? 28.676  5.380   5.557   1.00 80.62  ? 79  U   X "O2'" 1 
ATOM   1414 C "C1'" . U   A 1 67 ? 27.031  4.298   4.111   1.00 82.77  ? 79  U   X "C1'" 1 
ATOM   1415 N N1    . U   A 1 67 ? 26.150  3.122   4.199   1.00 87.91  ? 79  U   X N1    1 
ATOM   1416 C C2    . U   A 1 67 ? 25.157  3.142   5.162   1.00 91.68  ? 79  U   X C2    1 
ATOM   1417 O O2    . U   A 1 67 ? 24.977  4.090   5.908   1.00 98.52  ? 79  U   X O2    1 
ATOM   1418 N N3    . U   A 1 67 ? 24.377  2.012   5.213   1.00 90.66  ? 79  U   X N3    1 
ATOM   1419 C C4    . U   A 1 67 ? 24.487  0.884   4.428   1.00 92.88  ? 79  U   X C4    1 
ATOM   1420 O O4    . U   A 1 67 ? 23.702  -0.051  4.596   1.00 94.51  ? 79  U   X O4    1 
ATOM   1421 C C5    . U   A 1 67 ? 25.545  0.934   3.462   1.00 92.03  ? 79  U   X C5    1 
ATOM   1422 C C6    . U   A 1 67 ? 26.323  2.023   3.385   1.00 88.94  ? 79  U   X C6    1 
ATOM   1423 P P     . U   A 1 68 ? 31.340  2.600   5.198   1.00 72.60  ? 80  U   X P     1 
ATOM   1424 O OP1   . U   A 1 68 ? 32.812  2.763   5.086   1.00 72.49  ? 80  U   X OP1   1 
ATOM   1425 O OP2   . U   A 1 68 ? 30.714  1.309   4.812   1.00 70.49  ? 80  U   X OP2   1 
ATOM   1426 O "O5'" . U   A 1 68 ? 30.904  2.928   6.695   1.00 72.73  ? 80  U   X "O5'" 1 
ATOM   1427 C "C5'" . U   A 1 68 ? 31.113  4.236   7.266   1.00 66.22  ? 80  U   X "C5'" 1 
ATOM   1428 C "C4'" . U   A 1 68 ? 30.224  4.417   8.469   1.00 61.17  ? 80  U   X "C4'" 1 
ATOM   1429 O "O4'" . U   A 1 68 ? 28.833  4.349   8.055   1.00 59.43  ? 80  U   X "O4'" 1 
ATOM   1430 C "C3'" . U   A 1 68 ? 30.352  3.339   9.531   1.00 61.13  ? 80  U   X "C3'" 1 
ATOM   1431 O "O3'" . U   A 1 68 ? 31.460  3.604   10.382  1.00 62.27  ? 80  U   X "O3'" 1 
ATOM   1432 C "C2'" . U   A 1 68 ? 29.000  3.410   10.227  1.00 59.66  ? 80  U   X "C2'" 1 
ATOM   1433 O "O2'" . U   A 1 68 ? 28.888  4.425   11.205  1.00 59.31  ? 80  U   X "O2'" 1 
ATOM   1434 C "C1'" . U   A 1 68 ? 28.066  3.690   9.049   1.00 58.07  ? 80  U   X "C1'" 1 
ATOM   1435 N N1    . U   A 1 68 ? 27.472  2.483   8.453   1.00 57.65  ? 80  U   X N1    1 
ATOM   1436 C C2    . U   A 1 68 ? 26.447  1.859   9.143   1.00 59.12  ? 80  U   X C2    1 
ATOM   1437 O O2    . U   A 1 68 ? 26.032  2.257   10.219  1.00 61.22  ? 80  U   X O2    1 
ATOM   1438 N N3    . U   A 1 68 ? 25.936  0.742   8.528   1.00 57.59  ? 80  U   X N3    1 
ATOM   1439 C C4    . U   A 1 68 ? 26.325  0.199   7.321   1.00 56.71  ? 80  U   X C4    1 
ATOM   1440 O O4    . U   A 1 68 ? 25.763  -0.813  6.902   1.00 57.26  ? 80  U   X O4    1 
ATOM   1441 C C5    . U   A 1 68 ? 27.387  0.902   6.667   1.00 57.16  ? 80  U   X C5    1 
ATOM   1442 C C6    . U   A 1 68 ? 27.911  1.993   7.242   1.00 56.26  ? 80  U   X C6    1 
ATOM   1443 P P     . C   A 1 69 ? 32.332  2.391   10.962  1.00 61.57  ? 81  C   X P     1 
ATOM   1444 O OP1   . C   A 1 69 ? 33.648  2.931   11.396  1.00 58.74  ? 81  C   X OP1   1 
ATOM   1445 O OP2   . C   A 1 69 ? 32.268  1.266   9.990   1.00 58.37  ? 81  C   X OP2   1 
ATOM   1446 O "O5'" . C   A 1 69 ? 31.539  1.978   12.277  1.00 58.04  ? 81  C   X "O5'" 1 
ATOM   1447 C "C5'" . C   A 1 69 ? 31.063  2.975   13.203  1.00 53.73  ? 81  C   X "C5'" 1 
ATOM   1448 C "C4'" . C   A 1 69 ? 30.000  2.370   14.080  1.00 51.73  ? 81  C   X "C4'" 1 
ATOM   1449 O "O4'" . C   A 1 69 ? 28.781  2.217   13.311  1.00 50.49  ? 81  C   X "O4'" 1 
ATOM   1450 C "C3'" . C   A 1 69 ? 30.329  0.974   14.583  1.00 50.60  ? 81  C   X "C3'" 1 
ATOM   1451 O "O3'" . C   A 1 69 ? 31.068  1.092   15.789  1.00 50.84  ? 81  C   X "O3'" 1 
ATOM   1452 C "C2'" . C   A 1 69 ? 28.954  0.347   14.784  1.00 49.15  ? 81  C   X "C2'" 1 
ATOM   1453 O "O2'" . C   A 1 69 ? 28.404  0.567   16.066  1.00 47.70  ? 81  C   X "O2'" 1 
ATOM   1454 C "C1'" . C   A 1 69 ? 28.132  1.013   13.678  1.00 50.22  ? 81  C   X "C1'" 1 
ATOM   1455 N N1    . C   A 1 69 ? 27.973  0.185   12.470  1.00 52.29  ? 81  C   X N1    1 
ATOM   1456 C C2    . C   A 1 69 ? 26.957  -0.776  12.441  1.00 52.66  ? 81  C   X C2    1 
ATOM   1457 O O2    . C   A 1 69 ? 26.229  -0.908  13.435  1.00 53.70  ? 81  C   X O2    1 
ATOM   1458 N N3    . C   A 1 69 ? 26.796  -1.535  11.333  1.00 53.09  ? 81  C   X N3    1 
ATOM   1459 C C4    . C   A 1 69 ? 27.605  -1.363  10.283  1.00 54.43  ? 81  C   X C4    1 
ATOM   1460 N N4    . C   A 1 69 ? 27.413  -2.137  9.213   1.00 55.81  ? 81  C   X N4    1 
ATOM   1461 C C5    . C   A 1 69 ? 28.647  -0.390  10.285  1.00 54.47  ? 81  C   X C5    1 
ATOM   1462 C C6    . C   A 1 69 ? 28.793  0.355   11.389  1.00 53.31  ? 81  C   X C6    1 
ATOM   1463 P P     . C   A 1 70 ? 32.244  0.062   16.116  1.00 51.61  ? 82  C   X P     1 
ATOM   1464 O OP1   . C   A 1 70 ? 32.958  0.556   17.321  1.00 51.27  ? 82  C   X OP1   1 
ATOM   1465 O OP2   . C   A 1 70 ? 33.012  -0.183  14.868  1.00 52.33  ? 82  C   X OP2   1 
ATOM   1466 O "O5'" . C   A 1 70 ? 31.449  -1.255  16.530  1.00 48.95  ? 82  C   X "O5'" 1 
ATOM   1467 C "C5'" . C   A 1 70 ? 30.787  -1.321  17.803  1.00 49.48  ? 82  C   X "C5'" 1 
ATOM   1468 C "C4'" . C   A 1 70 ? 29.898  -2.537  17.883  1.00 51.39  ? 82  C   X "C4'" 1 
ATOM   1469 O "O4'" . C   A 1 70 ? 28.854  -2.455  16.876  1.00 52.06  ? 82  C   X "O4'" 1 
ATOM   1470 C "C3'" . C   A 1 70 ? 30.559  -3.877  17.601  1.00 51.21  ? 82  C   X "C3'" 1 
ATOM   1471 O "O3'" . C   A 1 70 ? 31.263  -4.407  18.717  1.00 53.25  ? 82  C   X "O3'" 1 
ATOM   1472 C "C2'" . C   A 1 70 ? 29.357  -4.746  17.262  1.00 49.82  ? 82  C   X "C2'" 1 
ATOM   1473 O "O2'" . C   A 1 70 ? 28.697  -5.211  18.418  1.00 49.07  ? 82  C   X "O2'" 1 
ATOM   1474 C "C1'" . C   A 1 70 ? 28.478  -3.765  16.480  1.00 50.76  ? 82  C   X "C1'" 1 
ATOM   1475 N N1    . C   A 1 70 ? 28.643  -3.880  15.020  1.00 50.46  ? 82  C   X N1    1 
ATOM   1476 C C2    . C   A 1 70 ? 28.090  -4.985  14.360  1.00 51.14  ? 82  C   X C2    1 
ATOM   1477 O O2    . C   A 1 70 ? 27.458  -5.828  15.019  1.00 51.28  ? 82  C   X O2    1 
ATOM   1478 N N3    . C   A 1 70 ? 28.250  -5.102  13.022  1.00 51.76  ? 82  C   X N3    1 
ATOM   1479 C C4    . C   A 1 70 ? 28.935  -4.171  12.348  1.00 51.62  ? 82  C   X C4    1 
ATOM   1480 N N4    . C   A 1 70 ? 29.065  -4.325  11.029  1.00 53.40  ? 82  C   X N4    1 
ATOM   1481 C C5    . C   A 1 70 ? 29.516  -3.040  12.997  1.00 50.55  ? 82  C   X C5    1 
ATOM   1482 C C6    . C   A 1 70 ? 29.351  -2.937  14.321  1.00 50.28  ? 82  C   X C6    1 
ATOM   1483 P P     . C   A 1 71 ? 32.487  -5.416  18.478  1.00 55.73  ? 83  C   X P     1 
ATOM   1484 O OP1   . C   A 1 71 ? 33.306  -5.440  19.715  1.00 56.57  ? 83  C   X OP1   1 
ATOM   1485 O OP2   . C   A 1 71 ? 33.135  -5.055  17.189  1.00 53.56  ? 83  C   X OP2   1 
ATOM   1486 O "O5'" . C   A 1 71 ? 31.768  -6.830  18.313  1.00 53.35  ? 83  C   X "O5'" 1 
ATOM   1487 C "C5'" . C   A 1 71 ? 31.247  -7.553  19.450  1.00 55.34  ? 83  C   X "C5'" 1 
ATOM   1488 C "C4'" . C   A 1 71 ? 30.384  -8.714  18.999  1.00 57.93  ? 83  C   X "C4'" 1 
ATOM   1489 O "O4'" . C   A 1 71 ? 29.496  -8.268  17.941  1.00 57.69  ? 83  C   X "O4'" 1 
ATOM   1490 C "C3'" . C   A 1 71 ? 31.141  -9.913  18.438  1.00 59.89  ? 83  C   X "C3'" 1 
ATOM   1491 O "O3'" . C   A 1 71 ? 31.407  -10.855 19.475  1.00 59.34  ? 83  C   X "O3'" 1 
ATOM   1492 C "C2'" . C   A 1 71 ? 30.181  -10.495 17.398  1.00 58.69  ? 83  C   X "C2'" 1 
ATOM   1493 O "O2'" . C   A 1 71 ? 29.311  -11.498 17.884  1.00 58.97  ? 83  C   X "O2'" 1 
ATOM   1494 C "C1'" . C   A 1 71 ? 29.395  -9.263  16.941  1.00 58.61  ? 83  C   X "C1'" 1 
ATOM   1495 N N1    . C   A 1 71 ? 29.831  -8.685  15.653  1.00 59.84  ? 83  C   X N1    1 
ATOM   1496 C C2    . C   A 1 71 ? 29.319  -9.219  14.466  1.00 61.81  ? 83  C   X C2    1 
ATOM   1497 O O2    . C   A 1 71 ? 28.528  -10.173 14.529  1.00 64.26  ? 83  C   X O2    1 
ATOM   1498 N N3    . C   A 1 71 ? 29.703  -8.687  13.282  1.00 61.92  ? 83  C   X N3    1 
ATOM   1499 C C4    . C   A 1 71 ? 30.554  -7.659  13.257  1.00 61.46  ? 83  C   X C4    1 
ATOM   1500 N N4    . C   A 1 71 ? 30.906  -7.165  12.067  1.00 61.15  ? 83  C   X N4    1 
ATOM   1501 C C5    . C   A 1 71 ? 31.084  -7.090  14.452  1.00 60.86  ? 83  C   X C5    1 
ATOM   1502 C C6    . C   A 1 71 ? 30.698  -7.628  15.616  1.00 60.14  ? 83  C   X C6    1 
HETATM 1503 N N9    . ADE B 2 .  ? 10.756  0.472   -5.839  1.00 63.46  ? 101 ADE X N9    1 
HETATM 1504 C C8    . ADE B 2 .  ? 10.893  1.812   -5.690  1.00 61.58  ? 101 ADE X C8    1 
HETATM 1505 N N7    . ADE B 2 .  ? 10.697  2.176   -4.399  1.00 62.72  ? 101 ADE X N7    1 
HETATM 1506 C C5    . ADE B 2 .  ? 10.427  1.063   -3.692  1.00 63.03  ? 101 ADE X C5    1 
HETATM 1507 C C6    . ADE B 2 .  ? 10.124  0.737   -2.275  1.00 64.19  ? 101 ADE X C6    1 
HETATM 1508 N N6    . ADE B 2 .  ? 10.065  1.700   -1.319  1.00 62.58  ? 101 ADE X N6    1 
HETATM 1509 N N1    . ADE B 2 .  ? 9.908   -0.567  -1.968  1.00 66.18  ? 101 ADE X N1    1 
HETATM 1510 C C2    . ADE B 2 .  ? 9.964   -1.547  -2.893  1.00 63.24  ? 101 ADE X C2    1 
HETATM 1511 N N3    . ADE B 2 .  ? 10.232  -1.316  -4.191  1.00 62.41  ? 101 ADE X N3    1 
HETATM 1512 C C4    . ADE B 2 .  ? 10.470  -0.060  -4.645  1.00 62.83  ? 101 ADE X C4    1 
# 
loop_
_pdbx_poly_seq_scheme.asym_id 
_pdbx_poly_seq_scheme.entity_id 
_pdbx_poly_seq_scheme.seq_id 
_pdbx_poly_seq_scheme.mon_id 
_pdbx_poly_seq_scheme.ndb_seq_num 
_pdbx_poly_seq_scheme.pdb_seq_num 
_pdbx_poly_seq_scheme.auth_seq_num 
_pdbx_poly_seq_scheme.pdb_mon_id 
_pdbx_poly_seq_scheme.auth_mon_id 
_pdbx_poly_seq_scheme.pdb_strand_id 
_pdbx_poly_seq_scheme.pdb_ins_code 
_pdbx_poly_seq_scheme.hetero 
A 1 1  G 1  13 13 G G X . n 
A 1 2  G 2  14 14 G G X . n 
A 1 3  G 3  15 15 G G X . n 
A 1 4  A 4  16 16 A A X . n 
A 1 5  A 5  17 17 A A X . n 
A 1 6  G 6  18 18 G G X . n 
A 1 7  A 7  19 19 A A X . n 
A 1 8  U 8  20 20 U U X . n 
A 1 9  A 9  21 21 A A X . n 
A 1 10 U 10 22 22 U U X . n 
A 1 11 A 11 23 23 A A X . n 
A 1 12 A 12 24 24 A A X . n 
A 1 13 U 13 25 25 U U X . n 
A 1 14 C 14 26 26 C C X . n 
A 1 15 C 15 27 27 C C X . n 
A 1 16 U 16 28 28 U U X . n 
A 1 17 A 17 29 29 A A X . n 
A 1 18 A 18 30 30 A A X . n 
A 1 19 U 19 31 31 U U X . n 
A 1 20 G 20 32 32 G G X . n 
A 1 21 A 21 33 33 A A X . n 
A 1 22 U 22 34 34 U U X . n 
A 1 23 A 23 35 35 A A X . n 
A 1 24 U 24 36 36 U U X . n 
A 1 25 G 25 37 37 G G X . n 
A 1 26 G 26 38 38 G G X . n 
A 1 27 U 27 39 39 U U X . n 
A 1 28 U 28 40 40 U U X . n 
A 1 29 U 29 41 41 U U X . n 
A 1 30 G 30 42 42 G G X . n 
A 1 31 G 31 43 43 G G X . n 
A 1 32 G 32 44 44 G G X . n 
A 1 33 A 33 45 45 A A X . n 
A 1 34 G 34 46 46 G G X . n 
A 1 35 U 35 47 47 U U X . n 
A 1 36 U 36 48 48 U U X . n 
A 1 37 U 37 49 49 U U X . n 
A 1 38 C 38 50 50 C C X . n 
A 1 39 U 39 51 51 U U X . n 
A 1 40 A 40 52 52 A A X . n 
A 1 41 C 41 53 53 C C X . n 
A 1 42 C 42 54 54 C C X . n 
A 1 43 A 43 55 55 A A X . n 
A 1 44 A 44 56 56 A A X . n 
A 1 45 G 45 57 57 G G X . n 
A 1 46 A 46 58 58 A A X . n 
A 1 47 G 47 59 59 G G X . n 
A 1 48 C 48 60 60 C C X . n 
A 1 49 C 49 61 61 C C X . n 
A 1 50 U 50 62 62 U U X . n 
A 1 51 U 51 63 63 U U X . n 
A 1 52 A 52 64 64 A A X . n 
A 1 53 A 53 65 65 A A X . n 
A 1 54 A 54 66 66 A A X . n 
A 1 55 C 55 67 67 C C X . n 
A 1 56 U 56 68 68 U U X . n 
A 1 57 C 57 69 69 C C X . n 
A 1 58 U 58 70 70 U U X . n 
A 1 59 U 59 71 71 U U X . n 
A 1 60 G 60 72 72 G G X . n 
A 1 61 A 61 73 73 A A X . n 
A 1 62 U 62 74 74 U U X . n 
A 1 63 U 63 75 75 U U X . n 
A 1 64 A 64 76 76 A A X . n 
A 1 65 U 65 77 77 U U X . n 
A 1 66 C 66 78 78 C C X . n 
A 1 67 U 67 79 79 U U X . n 
A 1 68 U 68 80 80 U U X . n 
A 1 69 C 69 81 81 C C X . n 
A 1 70 C 70 82 82 C C X . n 
A 1 71 C 71 83 83 C C X . n 
# 
_pdbx_nonpoly_scheme.asym_id         B 
_pdbx_nonpoly_scheme.entity_id       2 
_pdbx_nonpoly_scheme.mon_id          ADE 
_pdbx_nonpoly_scheme.ndb_seq_num     1 
_pdbx_nonpoly_scheme.pdb_seq_num     101 
_pdbx_nonpoly_scheme.auth_seq_num    101 
_pdbx_nonpoly_scheme.pdb_mon_id      ADE 
_pdbx_nonpoly_scheme.auth_mon_id     ADE 
_pdbx_nonpoly_scheme.pdb_strand_id   X 
_pdbx_nonpoly_scheme.pdb_ins_code    . 
# 
_pdbx_struct_assembly.id                   1 
_pdbx_struct_assembly.details              author_defined_assembly 
_pdbx_struct_assembly.method_details       ? 
_pdbx_struct_assembly.oligomeric_details   monomeric 
_pdbx_struct_assembly.oligomeric_count     1 
# 
_pdbx_struct_assembly_gen.assembly_id       1 
_pdbx_struct_assembly_gen.oper_expression   1 
_pdbx_struct_assembly_gen.asym_id_list      A,B 
# 
_pdbx_struct_oper_list.id                   1 
_pdbx_struct_oper_list.type                 'identity operation' 
_pdbx_struct_oper_list.name                 1_555 
_pdbx_struct_oper_list.symmetry_operation   x,y,z 
_pdbx_struct_oper_list.matrix[1][1]         1.0000000000 
_pdbx_struct_oper_list.matrix[1][2]         0.0000000000 
_pdbx_struct_oper_list.matrix[1][3]         0.0000000000 
_pdbx_struct_oper_list.vector[1]            0.0000000000 
_pdbx_struct_oper_list.matrix[2][1]         0.0000000000 
_pdbx_struct_oper_list.matrix[2][2]         1.0000000000 
_pdbx_struct_oper_list.matrix[2][3]         0.0000000000 
_pdbx_struct_oper_list.vector[2]            0.0000000000 
_pdbx_struct_oper_list.matrix[3][1]         0.0000000000 
_pdbx_struct_oper_list.matrix[3][2]         0.0000000000 
_pdbx_struct_oper_list.matrix[3][3]         1.0000000000 
_pdbx_struct_oper_list.vector[3]            0.0000000000 
# 
loop_
_pdbx_audit_revision_history.ordinal 
_pdbx_audit_revision_history.data_content_type 
_pdbx_audit_revision_history.major_revision 
_pdbx_audit_revision_history.minor_revision 
_pdbx_audit_revision_history.revision_date 
1 'Structure model' 1 0 2016-11-23 
2 'Structure model' 1 1 2017-01-25 
3 'Structure model' 1 2 2017-10-11 
4 'Structure model' 1 3 2018-02-14 
5 'Structure model' 1 4 2023-08-30 
6 'Structure model' 1 5 2023-10-04 
# 
_pdbx_audit_revision_details.ordinal             1 
_pdbx_audit_revision_details.revision_ordinal    1 
_pdbx_audit_revision_details.data_content_type   'Structure model' 
_pdbx_audit_revision_details.provider            repository 
_pdbx_audit_revision_details.type                'Initial release' 
_pdbx_audit_revision_details.description         ? 
_pdbx_audit_revision_details.details             ? 
# 
loop_
_pdbx_audit_revision_group.ordinal 
_pdbx_audit_revision_group.revision_ordinal 
_pdbx_audit_revision_group.data_content_type 
_pdbx_audit_revision_group.group 
1 2 'Structure model' 'Data collection'        
2 2 'Structure model' 'Database references'    
3 3 'Structure model' 'Data collection'        
4 4 'Structure model' 'Data collection'        
5 5 'Structure model' 'Data collection'        
6 5 'Structure model' 'Database references'    
7 5 'Structure model' 'Structure summary'      
8 6 'Structure model' 'Refinement description' 
# 
loop_
_pdbx_audit_revision_category.ordinal 
_pdbx_audit_revision_category.revision_ordinal 
_pdbx_audit_revision_category.data_content_type 
_pdbx_audit_revision_category.category 
1 3 'Structure model' reflns                        
2 3 'Structure model' reflns_shell                  
3 4 'Structure model' diffrn_source                 
4 5 'Structure model' audit_author                  
5 5 'Structure model' chem_comp_atom                
6 5 'Structure model' chem_comp_bond                
7 5 'Structure model' citation_author               
8 5 'Structure model' database_2                    
9 6 'Structure model' pdbx_initial_refinement_model 
# 
loop_
_pdbx_audit_revision_item.ordinal 
_pdbx_audit_revision_item.revision_ordinal 
_pdbx_audit_revision_item.data_content_type 
_pdbx_audit_revision_item.item 
1 3 'Structure model' '_reflns.pdbx_R_split'                 
2 3 'Structure model' '_reflns_shell.pdbx_R_split'           
3 4 'Structure model' '_diffrn_source.pdbx_synchrotron_site' 
4 5 'Structure model' '_audit_author.identifier_ORCID'       
5 5 'Structure model' '_citation_author.identifier_ORCID'    
6 5 'Structure model' '_database_2.pdbx_DOI'                 
7 5 'Structure model' '_database_2.pdbx_database_accession'  
# 
loop_
_software.citation_id 
_software.classification 
_software.compiler_name 
_software.compiler_version 
_software.contact_author 
_software.contact_author_email 
_software.date 
_software.description 
_software.dependencies 
_software.hardware 
_software.language 
_software.location 
_software.mods 
_software.name 
_software.os 
_software.os_version 
_software.type 
_software.version 
_software.pdbx_ordinal 
? refinement        ? ? ? ? ? ? ? ? ? ? ? REFMAC      ? ? ? 5.8.0073 1 
? 'data extraction' ? ? ? ? ? ? ? ? ? ? ? PDB_EXTRACT ? ? ? 3.20     2 
? 'data reduction'  ? ? ? ? ? ? ? ? ? ? ? CrystFEL    ? ? ? 0.6.2    3 
? 'data scaling'    ? ? ? ? ? ? ? ? ? ? ? CrystFEL    ? ? ? 0.6.2    4 
? phasing           ? ? ? ? ? ? ? ? ? ? ? PHASER      ? ? ? .        5 
# 
loop_
_chem_comp_atom.comp_id 
_chem_comp_atom.atom_id 
_chem_comp_atom.type_symbol 
_chem_comp_atom.pdbx_aromatic_flag 
_chem_comp_atom.pdbx_stereo_config 
_chem_comp_atom.pdbx_ordinal 
A   OP3    O N N 1   
A   P      P N N 2   
A   OP1    O N N 3   
A   OP2    O N N 4   
A   "O5'"  O N N 5   
A   "C5'"  C N N 6   
A   "C4'"  C N R 7   
A   "O4'"  O N N 8   
A   "C3'"  C N S 9   
A   "O3'"  O N N 10  
A   "C2'"  C N R 11  
A   "O2'"  O N N 12  
A   "C1'"  C N R 13  
A   N9     N Y N 14  
A   C8     C Y N 15  
A   N7     N Y N 16  
A   C5     C Y N 17  
A   C6     C Y N 18  
A   N6     N N N 19  
A   N1     N Y N 20  
A   C2     C Y N 21  
A   N3     N Y N 22  
A   C4     C Y N 23  
A   HOP3   H N N 24  
A   HOP2   H N N 25  
A   "H5'"  H N N 26  
A   "H5''" H N N 27  
A   "H4'"  H N N 28  
A   "H3'"  H N N 29  
A   "HO3'" H N N 30  
A   "H2'"  H N N 31  
A   "HO2'" H N N 32  
A   "H1'"  H N N 33  
A   H8     H N N 34  
A   H61    H N N 35  
A   H62    H N N 36  
A   H2     H N N 37  
ADE N9     N Y N 38  
ADE C8     C Y N 39  
ADE N7     N Y N 40  
ADE C5     C Y N 41  
ADE C6     C Y N 42  
ADE N6     N N N 43  
ADE N1     N Y N 44  
ADE C2     C Y N 45  
ADE N3     N Y N 46  
ADE C4     C Y N 47  
ADE HN9    H N N 48  
ADE H8     H N N 49  
ADE HN61   H N N 50  
ADE HN62   H N N 51  
ADE H2     H N N 52  
C   OP3    O N N 53  
C   P      P N N 54  
C   OP1    O N N 55  
C   OP2    O N N 56  
C   "O5'"  O N N 57  
C   "C5'"  C N N 58  
C   "C4'"  C N R 59  
C   "O4'"  O N N 60  
C   "C3'"  C N S 61  
C   "O3'"  O N N 62  
C   "C2'"  C N R 63  
C   "O2'"  O N N 64  
C   "C1'"  C N R 65  
C   N1     N N N 66  
C   C2     C N N 67  
C   O2     O N N 68  
C   N3     N N N 69  
C   C4     C N N 70  
C   N4     N N N 71  
C   C5     C N N 72  
C   C6     C N N 73  
C   HOP3   H N N 74  
C   HOP2   H N N 75  
C   "H5'"  H N N 76  
C   "H5''" H N N 77  
C   "H4'"  H N N 78  
C   "H3'"  H N N 79  
C   "HO3'" H N N 80  
C   "H2'"  H N N 81  
C   "HO2'" H N N 82  
C   "H1'"  H N N 83  
C   H41    H N N 84  
C   H42    H N N 85  
C   H5     H N N 86  
C   H6     H N N 87  
G   OP3    O N N 88  
G   P      P N N 89  
G   OP1    O N N 90  
G   OP2    O N N 91  
G   "O5'"  O N N 92  
G   "C5'"  C N N 93  
G   "C4'"  C N R 94  
G   "O4'"  O N N 95  
G   "C3'"  C N S 96  
G   "O3'"  O N N 97  
G   "C2'"  C N R 98  
G   "O2'"  O N N 99  
G   "C1'"  C N R 100 
G   N9     N Y N 101 
G   C8     C Y N 102 
G   N7     N Y N 103 
G   C5     C Y N 104 
G   C6     C N N 105 
G   O6     O N N 106 
G   N1     N N N 107 
G   C2     C N N 108 
G   N2     N N N 109 
G   N3     N N N 110 
G   C4     C Y N 111 
G   HOP3   H N N 112 
G   HOP2   H N N 113 
G   "H5'"  H N N 114 
G   "H5''" H N N 115 
G   "H4'"  H N N 116 
G   "H3'"  H N N 117 
G   "HO3'" H N N 118 
G   "H2'"  H N N 119 
G   "HO2'" H N N 120 
G   "H1'"  H N N 121 
G   H8     H N N 122 
G   H1     H N N 123 
G   H21    H N N 124 
G   H22    H N N 125 
U   OP3    O N N 126 
U   P      P N N 127 
U   OP1    O N N 128 
U   OP2    O N N 129 
U   "O5'"  O N N 130 
U   "C5'"  C N N 131 
U   "C4'"  C N R 132 
U   "O4'"  O N N 133 
U   "C3'"  C N S 134 
U   "O3'"  O N N 135 
U   "C2'"  C N R 136 
U   "O2'"  O N N 137 
U   "C1'"  C N R 138 
U   N1     N N N 139 
U   C2     C N N 140 
U   O2     O N N 141 
U   N3     N N N 142 
U   C4     C N N 143 
U   O4     O N N 144 
U   C5     C N N 145 
U   C6     C N N 146 
U   HOP3   H N N 147 
U   HOP2   H N N 148 
U   "H5'"  H N N 149 
U   "H5''" H N N 150 
U   "H4'"  H N N 151 
U   "H3'"  H N N 152 
U   "HO3'" H N N 153 
U   "H2'"  H N N 154 
U   "HO2'" H N N 155 
U   "H1'"  H N N 156 
U   H3     H N N 157 
U   H5     H N N 158 
U   H6     H N N 159 
# 
loop_
_chem_comp_bond.comp_id 
_chem_comp_bond.atom_id_1 
_chem_comp_bond.atom_id_2 
_chem_comp_bond.value_order 
_chem_comp_bond.pdbx_aromatic_flag 
_chem_comp_bond.pdbx_stereo_config 
_chem_comp_bond.pdbx_ordinal 
A   OP3   P      sing N N 1   
A   OP3   HOP3   sing N N 2   
A   P     OP1    doub N N 3   
A   P     OP2    sing N N 4   
A   P     "O5'"  sing N N 5   
A   OP2   HOP2   sing N N 6   
A   "O5'" "C5'"  sing N N 7   
A   "C5'" "C4'"  sing N N 8   
A   "C5'" "H5'"  sing N N 9   
A   "C5'" "H5''" sing N N 10  
A   "C4'" "O4'"  sing N N 11  
A   "C4'" "C3'"  sing N N 12  
A   "C4'" "H4'"  sing N N 13  
A   "O4'" "C1'"  sing N N 14  
A   "C3'" "O3'"  sing N N 15  
A   "C3'" "C2'"  sing N N 16  
A   "C3'" "H3'"  sing N N 17  
A   "O3'" "HO3'" sing N N 18  
A   "C2'" "O2'"  sing N N 19  
A   "C2'" "C1'"  sing N N 20  
A   "C2'" "H2'"  sing N N 21  
A   "O2'" "HO2'" sing N N 22  
A   "C1'" N9     sing N N 23  
A   "C1'" "H1'"  sing N N 24  
A   N9    C8     sing Y N 25  
A   N9    C4     sing Y N 26  
A   C8    N7     doub Y N 27  
A   C8    H8     sing N N 28  
A   N7    C5     sing Y N 29  
A   C5    C6     sing Y N 30  
A   C5    C4     doub Y N 31  
A   C6    N6     sing N N 32  
A   C6    N1     doub Y N 33  
A   N6    H61    sing N N 34  
A   N6    H62    sing N N 35  
A   N1    C2     sing Y N 36  
A   C2    N3     doub Y N 37  
A   C2    H2     sing N N 38  
A   N3    C4     sing Y N 39  
ADE N9    C8     sing Y N 40  
ADE N9    C4     sing Y N 41  
ADE N9    HN9    sing N N 42  
ADE C8    N7     doub Y N 43  
ADE C8    H8     sing N N 44  
ADE N7    C5     sing Y N 45  
ADE C5    C6     sing Y N 46  
ADE C5    C4     doub Y N 47  
ADE C6    N6     sing N N 48  
ADE C6    N1     doub Y N 49  
ADE N6    HN61   sing N N 50  
ADE N6    HN62   sing N N 51  
ADE N1    C2     sing Y N 52  
ADE C2    N3     doub Y N 53  
ADE C2    H2     sing N N 54  
ADE N3    C4     sing Y N 55  
C   OP3   P      sing N N 56  
C   OP3   HOP3   sing N N 57  
C   P     OP1    doub N N 58  
C   P     OP2    sing N N 59  
C   P     "O5'"  sing N N 60  
C   OP2   HOP2   sing N N 61  
C   "O5'" "C5'"  sing N N 62  
C   "C5'" "C4'"  sing N N 63  
C   "C5'" "H5'"  sing N N 64  
C   "C5'" "H5''" sing N N 65  
C   "C4'" "O4'"  sing N N 66  
C   "C4'" "C3'"  sing N N 67  
C   "C4'" "H4'"  sing N N 68  
C   "O4'" "C1'"  sing N N 69  
C   "C3'" "O3'"  sing N N 70  
C   "C3'" "C2'"  sing N N 71  
C   "C3'" "H3'"  sing N N 72  
C   "O3'" "HO3'" sing N N 73  
C   "C2'" "O2'"  sing N N 74  
C   "C2'" "C1'"  sing N N 75  
C   "C2'" "H2'"  sing N N 76  
C   "O2'" "HO2'" sing N N 77  
C   "C1'" N1     sing N N 78  
C   "C1'" "H1'"  sing N N 79  
C   N1    C2     sing N N 80  
C   N1    C6     sing N N 81  
C   C2    O2     doub N N 82  
C   C2    N3     sing N N 83  
C   N3    C4     doub N N 84  
C   C4    N4     sing N N 85  
C   C4    C5     sing N N 86  
C   N4    H41    sing N N 87  
C   N4    H42    sing N N 88  
C   C5    C6     doub N N 89  
C   C5    H5     sing N N 90  
C   C6    H6     sing N N 91  
G   OP3   P      sing N N 92  
G   OP3   HOP3   sing N N 93  
G   P     OP1    doub N N 94  
G   P     OP2    sing N N 95  
G   P     "O5'"  sing N N 96  
G   OP2   HOP2   sing N N 97  
G   "O5'" "C5'"  sing N N 98  
G   "C5'" "C4'"  sing N N 99  
G   "C5'" "H5'"  sing N N 100 
G   "C5'" "H5''" sing N N 101 
G   "C4'" "O4'"  sing N N 102 
G   "C4'" "C3'"  sing N N 103 
G   "C4'" "H4'"  sing N N 104 
G   "O4'" "C1'"  sing N N 105 
G   "C3'" "O3'"  sing N N 106 
G   "C3'" "C2'"  sing N N 107 
G   "C3'" "H3'"  sing N N 108 
G   "O3'" "HO3'" sing N N 109 
G   "C2'" "O2'"  sing N N 110 
G   "C2'" "C1'"  sing N N 111 
G   "C2'" "H2'"  sing N N 112 
G   "O2'" "HO2'" sing N N 113 
G   "C1'" N9     sing N N 114 
G   "C1'" "H1'"  sing N N 115 
G   N9    C8     sing Y N 116 
G   N9    C4     sing Y N 117 
G   C8    N7     doub Y N 118 
G   C8    H8     sing N N 119 
G   N7    C5     sing Y N 120 
G   C5    C6     sing N N 121 
G   C5    C4     doub Y N 122 
G   C6    O6     doub N N 123 
G   C6    N1     sing N N 124 
G   N1    C2     sing N N 125 
G   N1    H1     sing N N 126 
G   C2    N2     sing N N 127 
G   C2    N3     doub N N 128 
G   N2    H21    sing N N 129 
G   N2    H22    sing N N 130 
G   N3    C4     sing N N 131 
U   OP3   P      sing N N 132 
U   OP3   HOP3   sing N N 133 
U   P     OP1    doub N N 134 
U   P     OP2    sing N N 135 
U   P     "O5'"  sing N N 136 
U   OP2   HOP2   sing N N 137 
U   "O5'" "C5'"  sing N N 138 
U   "C5'" "C4'"  sing N N 139 
U   "C5'" "H5'"  sing N N 140 
U   "C5'" "H5''" sing N N 141 
U   "C4'" "O4'"  sing N N 142 
U   "C4'" "C3'"  sing N N 143 
U   "C4'" "H4'"  sing N N 144 
U   "O4'" "C1'"  sing N N 145 
U   "C3'" "O3'"  sing N N 146 
U   "C3'" "C2'"  sing N N 147 
U   "C3'" "H3'"  sing N N 148 
U   "O3'" "HO3'" sing N N 149 
U   "C2'" "O2'"  sing N N 150 
U   "C2'" "C1'"  sing N N 151 
U   "C2'" "H2'"  sing N N 152 
U   "O2'" "HO2'" sing N N 153 
U   "C1'" N1     sing N N 154 
U   "C1'" "H1'"  sing N N 155 
U   N1    C2     sing N N 156 
U   N1    C6     sing N N 157 
U   C2    O2     doub N N 158 
U   C2    N3     sing N N 159 
U   N3    C4     sing N N 160 
U   N3    H3     sing N N 161 
U   C4    O4     doub N N 162 
U   C4    C5     sing N N 163 
U   C5    C6     doub N N 164 
U   C5    H5     sing N N 165 
U   C6    H6     sing N N 166 
# 
loop_
_ndb_struct_conf_na.entry_id 
_ndb_struct_conf_na.feature 
5SWE 'double helix'         
5SWE 'a-form double helix'  
5SWE 'mismatched base pair' 
5SWE 'internal loop'        
5SWE 'triple helix'         
5SWE 'three-way junction'   
# 
loop_
_ndb_struct_na_base_pair.model_number 
_ndb_struct_na_base_pair.i_label_asym_id 
_ndb_struct_na_base_pair.i_label_comp_id 
_ndb_struct_na_base_pair.i_label_seq_id 
_ndb_struct_na_base_pair.i_symmetry 
_ndb_struct_na_base_pair.j_label_asym_id 
_ndb_struct_na_base_pair.j_label_comp_id 
_ndb_struct_na_base_pair.j_label_seq_id 
_ndb_struct_na_base_pair.j_symmetry 
_ndb_struct_na_base_pair.shear 
_ndb_struct_na_base_pair.stretch 
_ndb_struct_na_base_pair.stagger 
_ndb_struct_na_base_pair.buckle 
_ndb_struct_na_base_pair.propeller 
_ndb_struct_na_base_pair.opening 
_ndb_struct_na_base_pair.pair_number 
_ndb_struct_na_base_pair.pair_name 
_ndb_struct_na_base_pair.i_auth_asym_id 
_ndb_struct_na_base_pair.i_auth_seq_id 
_ndb_struct_na_base_pair.i_PDB_ins_code 
_ndb_struct_na_base_pair.j_auth_asym_id 
_ndb_struct_na_base_pair.j_auth_seq_id 
_ndb_struct_na_base_pair.j_PDB_ins_code 
_ndb_struct_na_base_pair.hbond_type_28 
_ndb_struct_na_base_pair.hbond_type_12 
1 A G 1  1_555 A C 71 1_555 0.475  0.420  -0.424 -1.574  -23.953 -12.542  1  X_G13:C83_X X 13 ? X 83 ? ?  ? 
1 A G 2  1_555 A C 70 1_555 -0.540 -0.308 0.357  0.222   -5.880  -5.321   2  X_G14:C82_X X 14 ? X 82 ? 19 1 
1 A G 3  1_555 A C 69 1_555 -0.462 -0.193 -0.441 -10.451 -15.813 3.610    3  X_G15:C81_X X 15 ? X 81 ? 19 1 
1 A A 4  1_555 A U 68 1_555 -0.201 -0.072 -0.139 -8.370  -3.660  0.072    4  X_A16:U80_X X 16 ? X 80 ? 20 1 
1 A A 5  1_555 A U 67 1_555 -0.328 -0.028 -0.596 -10.664 -12.801 -0.177   5  X_A17:U79_X X 17 ? X 79 ? 20 1 
1 A G 6  1_555 A C 66 1_555 -0.220 0.303  0.039  -4.244  -13.695 12.309   6  X_G18:C78_X X 18 ? X 78 ? ?  1 
1 A A 7  1_555 A U 65 1_555 0.046  -0.092 0.351  -6.013  -9.313  8.974    7  X_A19:U77_X X 19 ? X 77 ? 20 1 
1 A U 8  1_555 A A 64 1_555 0.502  -0.238 0.703  -13.183 -10.304 8.817    8  X_U20:A76_X X 20 ? X 76 ? 20 1 
1 A A 9  1_555 A U 63 1_555 0.276  0.036  0.392  8.351   -8.078  1.164    9  X_A21:U75_X X 21 ? X 75 ? 20 1 
1 A U 39 1_555 A U 35 1_555 -3.717 -0.535 1.723  -24.867 56.868  -71.174  10 X_U51:U47_X X 51 ? X 47 ? ?  ? 
1 A A 40 1_555 A U 10 1_555 0.172  0.124  -0.950 -15.355 -2.449  3.228    11 X_A52:U22_X X 52 ? X 22 ? 20 1 
1 A C 41 1_555 A G 34 1_555 0.457  -0.139 -0.821 17.008  -1.173  -0.707   12 X_C53:G46_X X 53 ? X 46 ? 19 1 
1 A U 13 1_555 A A 33 1_555 -0.648 -0.166 0.305  1.072   6.530   -3.542   13 X_U25:A45_X X 25 ? X 45 ? 20 1 
1 A C 14 1_555 A G 32 1_555 0.296  0.009  0.014  8.152   -3.183  4.646    14 X_C26:G44_X X 26 ? X 44 ? 19 1 
1 A C 15 1_555 A G 31 1_555 0.639  -0.072 -0.392 10.842  -1.288  3.840    15 X_C27:G43_X X 27 ? X 43 ? 19 1 
1 A U 16 1_555 A G 30 1_555 2.271  -0.809 0.060  -3.601  2.941   -0.865   16 X_U28:G42_X X 28 ? X 42 ? 28 1 
1 A A 17 1_555 A U 29 1_555 -0.358 -0.165 -0.137 0.599   -3.806  3.588    17 X_A29:U41_X X 29 ? X 41 ? 20 1 
1 A A 18 1_555 A U 28 1_555 -0.180 -0.323 -0.954 -1.993  -21.254 3.004    18 X_A30:U40_X X 30 ? X 40 ? 20 1 
1 A U 19 1_555 A U 27 1_555 2.313  -2.029 0.046  -13.539 -22.652 12.704   19 X_U31:U39_X X 31 ? X 39 ? 16 1 
1 A A 23 1_555 A A 52 1_555 4.203  -6.146 0.928  -9.513  -5.793  149.335  20 X_A35:A64_X X 35 ? X 64 ? ?  ? 
1 A G 25 1_555 A C 49 1_555 -0.208 0.080  0.726  4.321   -16.411 -4.772   21 X_G37:C61_X X 37 ? X 61 ? 19 1 
1 A A 53 1_555 A U 22 1_555 -4.297 -1.290 -0.675 4.857   2.262   -107.768 22 X_A65:U34_X X 65 ? X 34 ? ?  ? 
1 A G 26 1_555 A C 48 1_555 0.228  0.093  0.192  18.651  -19.590 0.564    23 X_G38:C60_X X 38 ? X 60 ? 19 1 
1 A C 55 1_555 A G 47 1_555 0.017  -0.315 0.495  9.760   -21.907 2.182    24 X_C67:G59_X X 67 ? X 59 ? 19 1 
1 A U 56 1_555 A A 46 1_555 -0.283 -0.498 0.607  -2.360  -13.358 1.140    25 X_U68:A58_X X 68 ? X 58 ? 20 1 
1 A C 57 1_555 A G 45 1_555 -0.073 -0.232 0.054  13.885  -17.722 -1.242   26 X_C69:G57_X X 69 ? X 57 ? 19 1 
1 A U 58 1_555 A A 44 1_555 -0.390 -0.425 -0.359 -2.114  -11.920 -2.802   27 X_U70:A56_X X 70 ? X 56 ? 20 1 
1 A U 59 1_555 A A 43 1_555 -0.475 -0.310 -0.043 4.641   -7.314  -5.043   28 X_U71:A55_X X 71 ? X 55 ? 20 1 
1 A G 60 1_555 A C 42 1_555 -0.228 -0.129 -0.280 9.436   -3.833  -8.460   29 X_G72:C54_X X 72 ? X 54 ? 19 1 
# 
loop_
_ndb_struct_na_base_pair_step.model_number 
_ndb_struct_na_base_pair_step.i_label_asym_id_1 
_ndb_struct_na_base_pair_step.i_label_comp_id_1 
_ndb_struct_na_base_pair_step.i_label_seq_id_1 
_ndb_struct_na_base_pair_step.i_symmetry_1 
_ndb_struct_na_base_pair_step.j_label_asym_id_1 
_ndb_struct_na_base_pair_step.j_label_comp_id_1 
_ndb_struct_na_base_pair_step.j_label_seq_id_1 
_ndb_struct_na_base_pair_step.j_symmetry_1 
_ndb_struct_na_base_pair_step.i_label_asym_id_2 
_ndb_struct_na_base_pair_step.i_label_comp_id_2 
_ndb_struct_na_base_pair_step.i_label_seq_id_2 
_ndb_struct_na_base_pair_step.i_symmetry_2 
_ndb_struct_na_base_pair_step.j_label_asym_id_2 
_ndb_struct_na_base_pair_step.j_label_comp_id_2 
_ndb_struct_na_base_pair_step.j_label_seq_id_2 
_ndb_struct_na_base_pair_step.j_symmetry_2 
_ndb_struct_na_base_pair_step.shift 
_ndb_struct_na_base_pair_step.slide 
_ndb_struct_na_base_pair_step.rise 
_ndb_struct_na_base_pair_step.tilt 
_ndb_struct_na_base_pair_step.roll 
_ndb_struct_na_base_pair_step.twist 
_ndb_struct_na_base_pair_step.x_displacement 
_ndb_struct_na_base_pair_step.y_displacement 
_ndb_struct_na_base_pair_step.helical_rise 
_ndb_struct_na_base_pair_step.inclination 
_ndb_struct_na_base_pair_step.tip 
_ndb_struct_na_base_pair_step.helical_twist 
_ndb_struct_na_base_pair_step.step_number 
_ndb_struct_na_base_pair_step.step_name 
_ndb_struct_na_base_pair_step.i_auth_asym_id_1 
_ndb_struct_na_base_pair_step.i_auth_seq_id_1 
_ndb_struct_na_base_pair_step.i_PDB_ins_code_1 
_ndb_struct_na_base_pair_step.j_auth_asym_id_1 
_ndb_struct_na_base_pair_step.j_auth_seq_id_1 
_ndb_struct_na_base_pair_step.j_PDB_ins_code_1 
_ndb_struct_na_base_pair_step.i_auth_asym_id_2 
_ndb_struct_na_base_pair_step.i_auth_seq_id_2 
_ndb_struct_na_base_pair_step.i_PDB_ins_code_2 
_ndb_struct_na_base_pair_step.j_auth_asym_id_2 
_ndb_struct_na_base_pair_step.j_auth_seq_id_2 
_ndb_struct_na_base_pair_step.j_PDB_ins_code_2 
1 A G 1  1_555 A C 71 1_555 A G 2  1_555 A C 70 1_555 0.402  -1.427 3.012  -8.323  7.798    34.209  -3.265 -1.670 2.476  12.822 
13.685  36.006   1  XX_G13G14:C82C83_XX X 13 ? X 83 ? X 14 ? X 82 ? 
1 A G 2  1_555 A C 70 1_555 A G 3  1_555 A C 69 1_555 0.651  -1.444 3.492  6.842   11.936   35.517  -3.768 -0.111 2.946  18.722 
-10.733 38.009   2  XX_G14G15:C81C82_XX X 14 ? X 82 ? X 15 ? X 81 ? 
1 A G 3  1_555 A C 69 1_555 A A 4  1_555 A U 68 1_555 0.324  -1.341 3.017  -1.107  10.518   32.680  -3.692 -0.698 2.468  18.110 
1.907   34.304   3  XX_G15A16:U80C81_XX X 15 ? X 81 ? X 16 ? X 80 ? 
1 A A 4  1_555 A U 68 1_555 A A 5  1_555 A U 67 1_555 0.068  -1.272 3.369  5.561   7.363    29.261  -3.838 0.953  2.933  14.139 
-10.679 30.651   4  XX_A16A17:U79U80_XX X 16 ? X 80 ? X 17 ? X 79 ? 
1 A A 5  1_555 A U 67 1_555 A G 6  1_555 A C 66 1_555 1.060  -1.357 3.066  -3.231  12.619   30.115  -4.241 -2.349 2.212  22.983 
5.885   32.752   5  XX_A17G18:C78U79_XX X 17 ? X 79 ? X 18 ? X 78 ? 
1 A G 6  1_555 A C 66 1_555 A A 7  1_555 A U 65 1_555 -0.511 -1.261 3.112  -4.277  8.549    29.267  -3.900 0.201  2.691  16.378 
8.193   30.756   6  XX_G18A19:U77C78_XX X 18 ? X 78 ? X 19 ? X 77 ? 
1 A A 7  1_555 A U 65 1_555 A U 8  1_555 A A 64 1_555 -0.033 -1.185 3.364  -0.741  12.065   34.859  -3.469 -0.046 2.814  19.430 
1.194   36.834   7  XX_A19U20:A76U77_XX X 19 ? X 77 ? X 20 ? X 76 ? 
1 A U 8  1_555 A A 64 1_555 A A 9  1_555 A U 63 1_555 0.035  -1.536 2.327  5.737   11.946   30.372  -3.967 0.549  1.606  21.559 
-10.353 33.075   8  XX_U20A21:U75A76_XX X 20 ? X 76 ? X 21 ? X 75 ? 
1 A A 9  1_555 A U 63 1_555 A U 39 1_555 A U 35 1_555 -1.964 6.652  1.972  21.772  3.102    152.504 3.414  1.056  1.923  1.595  
-11.199 153.019  9  XX_A21U51:U47U75_XX X 21 ? X 75 ? X 51 ? X 47 ? 
1 A U 39 1_555 A U 35 1_555 A A 40 1_555 A U 10 1_555 0.079  -0.900 3.856  2.779   25.441   8.107   -8.489 0.545  0.331  72.283 
-7.896  26.826   10 XX_U51A52:U22U47_XX X 51 ? X 47 ? X 52 ? X 22 ? 
1 A A 40 1_555 A U 10 1_555 A C 41 1_555 A G 34 1_555 2.075  0.109  2.424  1.967   10.229   43.201  -0.577 -2.609 2.474  13.657 
-2.626  44.380   11 XX_A52C53:G46U22_XX X 52 ? X 22 ? X 53 ? X 46 ? 
1 A C 41 1_555 A G 34 1_555 A U 13 1_555 A A 33 1_555 -2.677 -0.488 3.631  -18.235 6.385    49.233  -1.069 1.536  4.222  7.346  
20.978  52.668   12 XX_C53U25:A45G46_XX X 53 ? X 46 ? X 25 ? X 45 ? 
1 A U 13 1_555 A A 33 1_555 A C 14 1_555 A G 32 1_555 0.566  -1.772 2.959  1.838   -2.633   35.117  -2.563 -0.682 3.104  -4.352 
-3.038  35.259   13 XX_U25C26:G44A45_XX X 25 ? X 45 ? X 26 ? X 44 ? 
1 A C 14 1_555 A G 32 1_555 A C 15 1_555 A G 31 1_555 -0.187 -1.975 3.142  2.079   1.385    29.424  -4.152 0.784  3.028  2.720  
-4.084  29.527   14 XX_C26C27:G43G44_XX X 26 ? X 44 ? X 27 ? X 43 ? 
1 A C 15 1_555 A G 31 1_555 A U 16 1_555 A G 30 1_555 -0.546 -1.668 3.709  -0.195  10.220   35.445  -4.117 0.836  3.127  16.370 
0.313   36.844   15 XX_C27U28:G42G43_XX X 27 ? X 43 ? X 28 ? X 42 ? 
1 A U 16 1_555 A G 30 1_555 A A 17 1_555 A U 29 1_555 0.330  -1.304 3.153  4.265   0.981    25.038  -3.236 0.435  3.112  2.240  
-9.742  25.411   16 XX_U28A29:U41G42_XX X 28 ? X 42 ? X 29 ? X 41 ? 
1 A A 17 1_555 A U 29 1_555 A A 18 1_555 A U 28 1_555 0.133  -1.872 3.505  1.933   16.522   21.611  -7.658 0.148  1.679  37.690 
-4.409  27.212   17 XX_A29A30:U40U41_XX X 29 ? X 41 ? X 30 ? X 40 ? 
1 A A 18 1_555 A U 28 1_555 A U 19 1_555 A U 27 1_555 0.282  -0.927 3.607  -7.585  8.826    45.669  -1.940 -1.022 3.299  11.159 
9.590   47.052   18 XX_A30U31:U39U40_XX X 30 ? X 40 ? X 31 ? X 39 ? 
1 A A 23 1_555 A A 52 1_555 A G 25 1_555 A C 49 1_555 -1.154 -3.785 3.076  124.587 -122.683 -60.862 2.507  0.046  -0.021 62.232 
63.198  -175.561 19 XX_A35G37:C61A64_XX X 35 ? X 64 ? X 37 ? X 61 ? 
1 A G 25 1_555 A C 49 1_555 A A 53 1_555 A U 22 1_555 -5.607 4.486  -0.857 0.611   25.485   119.302 2.620  3.221  -0.293 14.684 
-0.352  120.948  20 XX_G37A65:U34C61_XX X 37 ? X 61 ? X 65 ? X 34 ? 
1 A G 26 1_555 A C 48 1_555 A C 55 1_555 A G 47 1_555 -1.724 -0.388 3.343  -9.270  2.642    51.590  -0.624 1.303  3.560  3.006  
10.546  52.422   21 XX_G38C67:G59C60_XX X 38 ? X 60 ? X 67 ? X 59 ? 
1 A C 55 1_555 A G 47 1_555 A U 56 1_555 A A 46 1_555 -0.088 -1.854 3.449  0.357   1.006    33.342  -3.404 0.215  3.392  1.753  
-0.623  33.359   22 XX_C67U68:A58G59_XX X 67 ? X 59 ? X 68 ? X 58 ? 
1 A U 56 1_555 A A 46 1_555 A C 57 1_555 A G 45 1_555 -0.072 -1.568 2.680  2.808   1.558    31.367  -3.120 0.554  2.584  2.873  
-5.177  31.527   23 XX_U68C69:G57A58_XX X 68 ? X 58 ? X 69 ? X 57 ? 
1 A C 57 1_555 A G 45 1_555 A U 58 1_555 A A 44 1_555 -0.371 -1.433 3.772  -2.120  7.809    32.024  -3.990 0.255  3.356  13.880 
3.768   33.005   24 XX_C69U70:A56G57_XX X 69 ? X 57 ? X 70 ? X 56 ? 
1 A U 58 1_555 A A 44 1_555 A U 59 1_555 A A 43 1_555 -0.086 -0.879 3.056  -3.458  3.720    34.457  -1.990 -0.342 2.943  6.237  
5.798   34.818   25 XX_U70U71:A55A56_XX X 70 ? X 56 ? X 71 ? X 55 ? 
1 A U 59 1_555 A A 43 1_555 A G 60 1_555 A C 42 1_555 -0.026 -1.554 3.285  3.446   4.351    31.929  -3.531 0.638  3.033  7.835  
-6.206  32.395   26 XX_U71G72:C54A55_XX X 71 ? X 55 ? X 72 ? X 54 ? 
# 
_pdbx_entity_nonpoly.entity_id   2 
_pdbx_entity_nonpoly.name        ADENINE 
_pdbx_entity_nonpoly.comp_id     ADE 
# 
_pdbx_initial_refinement_model.id               1 
_pdbx_initial_refinement_model.entity_id_list   ? 
_pdbx_initial_refinement_model.type             'experimental model' 
_pdbx_initial_refinement_model.source_name      PDB 
_pdbx_initial_refinement_model.accession_code   4TZX 
_pdbx_initial_refinement_model.details          ? 
# 
